data_1UHZ
#
_entry.id   1UHZ
#
_cell.length_a   1.000
_cell.length_b   1.000
_cell.length_c   1.000
_cell.angle_alpha   90.00
_cell.angle_beta   90.00
_cell.angle_gamma   90.00
#
_symmetry.space_group_name_H-M   'P 1'
#
_entity_poly.entity_id   1
_entity_poly.type   'polypeptide(L)'
_entity_poly.pdbx_seq_one_letter_code
;GSSGSSGPISRLAQIQQARKEKEPDYILLSERGMPRRREFVMQVKVGNEVATGTGPNKKIAKKNAAEAMLLQLGYKASTS
LQDSGPSSG
;
_entity_poly.pdbx_strand_id   A
#
# COMPACT_ATOMS: atom_id res chain seq x y z
N GLY A 1 -14.72 -3.21 -7.75
CA GLY A 1 -14.02 -3.13 -6.48
C GLY A 1 -13.89 -1.67 -6.01
N SER A 2 -12.72 -1.36 -5.47
CA SER A 2 -12.45 -0.02 -4.99
C SER A 2 -13.36 0.29 -3.79
N SER A 3 -12.94 -0.20 -2.64
CA SER A 3 -13.69 0.01 -1.41
C SER A 3 -14.03 1.50 -1.27
N GLY A 4 -15.26 1.76 -0.83
CA GLY A 4 -15.71 3.12 -0.63
C GLY A 4 -14.69 3.93 0.18
N SER A 5 -14.94 5.24 0.24
CA SER A 5 -14.06 6.12 0.98
C SER A 5 -12.64 6.04 0.41
N SER A 6 -11.82 7.02 0.79
CA SER A 6 -10.45 7.08 0.34
C SER A 6 -9.69 5.84 0.82
N GLY A 7 -9.02 5.19 -0.13
CA GLY A 7 -8.25 4.00 0.18
C GLY A 7 -6.83 4.10 -0.38
N PRO A 8 -5.98 3.12 0.04
CA PRO A 8 -4.60 3.10 -0.42
C PRO A 8 -4.50 2.61 -1.87
N ILE A 9 -5.42 1.73 -2.22
CA ILE A 9 -5.45 1.19 -3.58
C ILE A 9 -5.74 2.31 -4.56
N SER A 10 -6.96 2.83 -4.48
CA SER A 10 -7.38 3.90 -5.36
C SER A 10 -6.33 5.02 -5.36
N ARG A 11 -6.00 5.48 -4.16
CA ARG A 11 -5.03 6.53 -4.00
C ARG A 11 -3.80 6.24 -4.87
N LEU A 12 -3.43 4.97 -4.91
CA LEU A 12 -2.27 4.55 -5.68
C LEU A 12 -2.63 4.55 -7.17
N ALA A 13 -3.78 3.96 -7.47
CA ALA A 13 -4.25 3.89 -8.85
C ALA A 13 -4.36 5.31 -9.42
N GLN A 14 -4.90 6.20 -8.60
CA GLN A 14 -5.05 7.59 -9.01
C GLN A 14 -3.69 8.21 -9.31
N ILE A 15 -2.68 7.71 -8.64
CA ILE A 15 -1.33 8.21 -8.83
C ILE A 15 -0.75 7.61 -10.11
N GLN A 16 -1.11 6.35 -10.36
CA GLN A 16 -0.62 5.66 -11.54
C GLN A 16 -1.24 6.28 -12.80
N GLN A 17 -2.47 6.74 -12.65
CA GLN A 17 -3.18 7.35 -13.77
C GLN A 17 -2.78 8.83 -13.91
N ALA A 18 -2.72 9.48 -12.76
CA ALA A 18 -2.36 10.90 -12.74
C ALA A 18 -0.92 11.06 -13.23
N ARG A 19 -0.12 10.04 -12.99
CA ARG A 19 1.27 10.06 -13.41
C ARG A 19 1.37 9.77 -14.90
N LYS A 20 0.31 9.18 -15.44
CA LYS A 20 0.27 8.85 -16.85
C LYS A 20 1.31 7.76 -17.14
N GLU A 21 1.55 6.93 -16.14
CA GLU A 21 2.52 5.85 -16.27
C GLU A 21 1.79 4.53 -16.57
N LYS A 22 1.16 3.99 -15.54
CA LYS A 22 0.43 2.74 -15.68
C LYS A 22 0.01 2.24 -14.30
N GLU A 23 -1.23 1.79 -14.23
CA GLU A 23 -1.77 1.29 -12.98
C GLU A 23 -0.73 0.43 -12.26
N PRO A 24 -0.95 0.25 -10.92
CA PRO A 24 -0.03 -0.54 -10.12
C PRO A 24 -0.22 -2.04 -10.38
N ASP A 25 0.86 -2.78 -10.22
CA ASP A 25 0.83 -4.21 -10.43
C ASP A 25 0.96 -4.93 -9.09
N TYR A 26 -0.17 -5.45 -8.62
CA TYR A 26 -0.19 -6.16 -7.35
C TYR A 26 0.12 -7.65 -7.55
N ILE A 27 0.99 -8.15 -6.70
CA ILE A 27 1.38 -9.55 -6.76
C ILE A 27 1.33 -10.16 -5.36
N LEU A 28 0.69 -11.32 -5.28
CA LEU A 28 0.56 -12.02 -4.01
C LEU A 28 1.86 -12.77 -3.71
N LEU A 29 2.51 -12.37 -2.63
CA LEU A 29 3.76 -12.99 -2.24
C LEU A 29 3.47 -14.36 -1.65
N SER A 30 2.74 -14.36 -0.53
CA SER A 30 2.39 -15.60 0.13
C SER A 30 1.25 -15.35 1.13
N GLU A 31 0.98 -16.37 1.93
CA GLU A 31 -0.08 -16.27 2.93
C GLU A 31 0.17 -17.27 4.06
N ARG A 32 0.60 -16.74 5.19
CA ARG A 32 0.87 -17.56 6.35
C ARG A 32 0.63 -16.77 7.64
N GLY A 33 0.65 -17.49 8.75
CA GLY A 33 0.43 -16.88 10.05
C GLY A 33 -0.68 -17.60 10.82
N MET A 34 -1.07 -17.00 11.93
CA MET A 34 -2.11 -17.57 12.77
C MET A 34 -3.31 -18.02 11.93
N PRO A 35 -4.09 -18.97 12.50
CA PRO A 35 -5.26 -19.49 11.82
C PRO A 35 -6.41 -18.48 11.86
N ARG A 36 -6.53 -17.82 13.01
CA ARG A 36 -7.58 -16.84 13.20
C ARG A 36 -7.40 -15.67 12.22
N ARG A 37 -6.23 -15.05 12.30
CA ARG A 37 -5.91 -13.92 11.44
C ARG A 37 -4.60 -14.18 10.71
N ARG A 38 -4.69 -15.01 9.68
CA ARG A 38 -3.51 -15.34 8.88
C ARG A 38 -2.90 -14.07 8.29
N GLU A 39 -1.58 -14.11 8.13
CA GLU A 39 -0.86 -12.97 7.58
C GLU A 39 -0.60 -13.19 6.09
N PHE A 40 -1.17 -12.30 5.29
CA PHE A 40 -0.99 -12.38 3.84
C PHE A 40 0.01 -11.35 3.35
N VAL A 41 0.98 -11.83 2.58
CA VAL A 41 2.01 -10.97 2.03
C VAL A 41 1.60 -10.51 0.64
N MET A 42 1.50 -9.19 0.49
CA MET A 42 1.11 -8.61 -0.78
C MET A 42 2.25 -7.74 -1.35
N GLN A 43 2.31 -7.71 -2.67
CA GLN A 43 3.33 -6.94 -3.34
C GLN A 43 2.70 -5.94 -4.32
N VAL A 44 3.37 -4.83 -4.52
CA VAL A 44 2.88 -3.80 -5.42
C VAL A 44 4.05 -3.27 -6.27
N LYS A 45 3.81 -3.24 -7.57
CA LYS A 45 4.83 -2.76 -8.50
C LYS A 45 4.31 -1.51 -9.21
N VAL A 46 4.99 -0.40 -8.98
CA VAL A 46 4.61 0.86 -9.60
C VAL A 46 5.81 1.43 -10.35
N GLY A 47 5.71 1.42 -11.67
CA GLY A 47 6.77 1.95 -12.51
C GLY A 47 8.09 1.20 -12.25
N ASN A 48 9.01 1.91 -11.62
CA ASN A 48 10.31 1.34 -11.31
C ASN A 48 10.45 1.20 -9.79
N GLU A 49 9.30 1.10 -9.13
CA GLU A 49 9.28 0.95 -7.68
C GLU A 49 8.40 -0.24 -7.27
N VAL A 50 8.67 -0.74 -6.09
CA VAL A 50 7.92 -1.88 -5.57
C VAL A 50 7.67 -1.68 -4.07
N ALA A 51 6.59 -2.29 -3.59
CA ALA A 51 6.24 -2.18 -2.19
C ALA A 51 5.54 -3.48 -1.76
N THR A 52 5.37 -3.60 -0.44
CA THR A 52 4.72 -4.77 0.11
C THR A 52 3.65 -4.36 1.12
N GLY A 53 2.70 -5.27 1.33
CA GLY A 53 1.62 -5.01 2.26
C GLY A 53 1.22 -6.29 3.01
N THR A 54 1.13 -6.16 4.32
CA THR A 54 0.77 -7.29 5.16
C THR A 54 -0.46 -6.95 6.02
N GLY A 55 -1.37 -7.92 6.10
CA GLY A 55 -2.59 -7.73 6.88
C GLY A 55 -3.16 -9.08 7.32
N PRO A 56 -4.36 -9.01 7.95
CA PRO A 56 -5.03 -10.22 8.42
C PRO A 56 -5.64 -10.99 7.26
N ASN A 57 -5.76 -10.31 6.13
CA ASN A 57 -6.34 -10.92 4.94
C ASN A 57 -5.67 -10.32 3.70
N LYS A 58 -5.70 -11.09 2.62
CA LYS A 58 -5.12 -10.66 1.37
C LYS A 58 -5.53 -9.22 1.08
N LYS A 59 -6.83 -9.00 1.11
CA LYS A 59 -7.37 -7.67 0.86
C LYS A 59 -6.48 -6.62 1.55
N ILE A 60 -6.58 -6.57 2.86
CA ILE A 60 -5.80 -5.62 3.64
C ILE A 60 -4.35 -5.66 3.15
N ALA A 61 -3.82 -6.87 3.04
CA ALA A 61 -2.45 -7.05 2.59
C ALA A 61 -2.21 -6.19 1.35
N LYS A 62 -3.27 -6.04 0.56
CA LYS A 62 -3.17 -5.25 -0.65
C LYS A 62 -3.25 -3.76 -0.30
N LYS A 63 -4.19 -3.44 0.58
CA LYS A 63 -4.38 -2.07 1.02
C LYS A 63 -3.09 -1.57 1.69
N ASN A 64 -2.48 -2.46 2.44
CA ASN A 64 -1.26 -2.14 3.15
C ASN A 64 -0.11 -2.03 2.14
N ALA A 65 -0.28 -2.71 1.02
CA ALA A 65 0.73 -2.69 -0.03
C ALA A 65 0.84 -1.27 -0.60
N ALA A 66 -0.29 -0.77 -1.07
CA ALA A 66 -0.33 0.56 -1.65
C ALA A 66 0.15 1.58 -0.61
N GLU A 67 -0.38 1.43 0.60
CA GLU A 67 -0.02 2.33 1.69
C GLU A 67 1.50 2.54 1.71
N ALA A 68 2.22 1.42 1.72
CA ALA A 68 3.67 1.48 1.74
C ALA A 68 4.18 2.14 0.45
N MET A 69 3.56 1.75 -0.65
CA MET A 69 3.94 2.30 -1.94
C MET A 69 3.77 3.82 -1.97
N LEU A 70 2.72 4.28 -1.31
CA LEU A 70 2.44 5.71 -1.25
C LEU A 70 3.44 6.38 -0.31
N LEU A 71 3.75 5.68 0.78
CA LEU A 71 4.68 6.20 1.75
C LEU A 71 6.09 6.19 1.15
N GLN A 72 6.45 5.05 0.56
CA GLN A 72 7.75 4.91 -0.05
C GLN A 72 7.96 5.98 -1.12
N LEU A 73 6.87 6.34 -1.78
CA LEU A 73 6.93 7.35 -2.82
C LEU A 73 7.14 8.73 -2.19
N GLY A 74 6.50 8.92 -1.04
CA GLY A 74 6.61 10.18 -0.33
C GLY A 74 5.31 10.99 -0.42
N TYR A 75 4.21 10.25 -0.37
CA TYR A 75 2.89 10.89 -0.45
C TYR A 75 2.23 10.91 0.93
N LYS A 76 2.79 10.15 1.85
CA LYS A 76 2.27 10.08 3.20
C LYS A 76 3.43 10.12 4.20
N ALA A 77 4.50 10.77 3.79
CA ALA A 77 5.68 10.88 4.63
C ALA A 77 5.51 12.08 5.58
N SER A 78 5.10 13.19 5.00
CA SER A 78 4.89 14.41 5.78
C SER A 78 4.07 14.09 7.04
N THR A 79 2.87 13.57 6.81
CA THR A 79 2.00 13.22 7.91
C THR A 79 2.70 12.25 8.87
N SER A 80 3.25 11.19 8.30
CA SER A 80 3.95 10.20 9.09
C SER A 80 4.83 10.88 10.13
N LEU A 81 5.84 11.59 9.64
CA LEU A 81 6.76 12.29 10.51
C LEU A 81 5.97 13.13 11.52
N GLN A 82 5.09 13.97 10.98
CA GLN A 82 4.26 14.83 11.82
C GLN A 82 3.74 14.04 13.02
N ASP A 83 3.16 12.89 12.72
CA ASP A 83 2.61 12.04 13.76
C ASP A 83 3.73 11.63 14.73
N SER A 84 4.80 11.10 14.16
CA SER A 84 5.93 10.67 14.96
C SER A 84 6.41 11.82 15.86
N GLY A 85 6.34 13.03 15.31
CA GLY A 85 6.75 14.21 16.06
C GLY A 85 6.46 15.48 15.27
N PRO A 86 6.34 16.61 16.01
CA PRO A 86 6.06 17.89 15.40
C PRO A 86 7.31 18.45 14.70
N SER A 87 8.33 18.70 15.51
CA SER A 87 9.59 19.23 14.99
C SER A 87 9.31 20.32 13.96
N SER A 88 9.05 21.52 14.48
CA SER A 88 8.77 22.65 13.62
C SER A 88 10.07 23.30 13.16
N GLY A 89 10.48 22.94 11.94
CA GLY A 89 11.71 23.48 11.39
C GLY A 89 11.56 23.71 9.88
N GLY A 1 -10.08 -1.03 -5.49
CA GLY A 1 -11.47 -1.35 -5.21
C GLY A 1 -11.88 -0.86 -3.82
N SER A 2 -12.19 -1.82 -2.96
CA SER A 2 -12.60 -1.50 -1.60
C SER A 2 -13.92 -0.73 -1.62
N SER A 3 -14.91 -1.31 -0.95
CA SER A 3 -16.23 -0.69 -0.88
C SER A 3 -16.15 0.60 -0.07
N GLY A 4 -16.06 1.71 -0.79
CA GLY A 4 -15.99 3.01 -0.15
C GLY A 4 -15.53 4.08 -1.13
N SER A 5 -14.34 4.61 -0.87
CA SER A 5 -13.77 5.64 -1.73
C SER A 5 -12.30 5.86 -1.36
N SER A 6 -12.09 6.39 -0.17
CA SER A 6 -10.75 6.66 0.31
C SER A 6 -10.05 5.36 0.68
N GLY A 7 -8.84 5.19 0.17
CA GLY A 7 -8.06 3.99 0.43
C GLY A 7 -6.66 4.11 -0.16
N PRO A 8 -5.79 3.12 0.22
CA PRO A 8 -4.43 3.10 -0.27
C PRO A 8 -4.38 2.62 -1.73
N ILE A 9 -5.30 1.73 -2.07
CA ILE A 9 -5.37 1.19 -3.41
C ILE A 9 -5.64 2.34 -4.39
N SER A 10 -6.83 2.90 -4.28
CA SER A 10 -7.22 4.00 -5.15
C SER A 10 -6.12 5.06 -5.19
N ARG A 11 -5.84 5.62 -4.01
CA ARG A 11 -4.82 6.63 -3.90
C ARG A 11 -3.63 6.30 -4.80
N LEU A 12 -3.27 5.02 -4.79
CA LEU A 12 -2.15 4.57 -5.61
C LEU A 12 -2.57 4.57 -7.09
N ALA A 13 -3.72 3.98 -7.35
CA ALA A 13 -4.24 3.91 -8.71
C ALA A 13 -4.33 5.33 -9.28
N GLN A 14 -4.88 6.23 -8.48
CA GLN A 14 -5.04 7.61 -8.89
C GLN A 14 -3.67 8.21 -9.25
N ILE A 15 -2.65 7.71 -8.57
CA ILE A 15 -1.29 8.19 -8.80
C ILE A 15 -0.76 7.58 -10.10
N GLN A 16 -1.14 6.33 -10.33
CA GLN A 16 -0.70 5.62 -11.52
C GLN A 16 -1.34 6.24 -12.77
N GLN A 17 -2.56 6.72 -12.60
CA GLN A 17 -3.28 7.33 -13.69
C GLN A 17 -2.91 8.81 -13.81
N ALA A 18 -2.88 9.48 -12.66
CA ALA A 18 -2.54 10.89 -12.62
C ALA A 18 -1.13 11.09 -13.18
N ARG A 19 -0.29 10.08 -12.96
CA ARG A 19 1.08 10.14 -13.44
C ARG A 19 1.13 9.78 -14.93
N LYS A 20 0.08 9.13 -15.39
CA LYS A 20 -0.01 8.73 -16.78
C LYS A 20 1.05 7.67 -17.06
N GLU A 21 1.36 6.89 -16.04
CA GLU A 21 2.36 5.85 -16.17
C GLU A 21 1.68 4.50 -16.46
N LYS A 22 1.04 3.96 -15.43
CA LYS A 22 0.35 2.69 -15.55
C LYS A 22 -0.07 2.20 -14.17
N GLU A 23 -1.31 1.75 -14.09
CA GLU A 23 -1.85 1.25 -12.83
C GLU A 23 -0.80 0.40 -12.10
N PRO A 24 -1.01 0.23 -10.78
CA PRO A 24 -0.10 -0.56 -9.96
C PRO A 24 -0.28 -2.05 -10.22
N ASP A 25 0.82 -2.77 -10.10
CA ASP A 25 0.80 -4.21 -10.32
C ASP A 25 0.87 -4.93 -8.97
N TYR A 26 -0.29 -5.40 -8.53
CA TYR A 26 -0.39 -6.10 -7.26
C TYR A 26 -0.15 -7.60 -7.45
N ILE A 27 0.73 -8.14 -6.61
CA ILE A 27 1.05 -9.55 -6.67
C ILE A 27 0.87 -10.18 -5.28
N LEU A 28 0.89 -11.49 -5.25
CA LEU A 28 0.75 -12.22 -4.00
C LEU A 28 2.07 -12.89 -3.64
N LEU A 29 2.67 -12.41 -2.56
CA LEU A 29 3.94 -12.95 -2.10
C LEU A 29 3.71 -14.36 -1.54
N SER A 30 2.90 -14.42 -0.49
CA SER A 30 2.59 -15.69 0.14
C SER A 30 1.55 -15.48 1.25
N GLU A 31 1.34 -16.54 2.02
CA GLU A 31 0.39 -16.48 3.10
C GLU A 31 0.94 -17.23 4.33
N ARG A 32 1.06 -16.49 5.42
CA ARG A 32 1.56 -17.07 6.66
C ARG A 32 1.40 -16.09 7.82
N GLY A 33 1.67 -16.58 9.01
CA GLY A 33 1.56 -15.75 10.20
C GLY A 33 0.92 -16.53 11.36
N MET A 34 -0.28 -16.09 11.73
CA MET A 34 -1.01 -16.73 12.81
C MET A 34 -1.74 -17.98 12.32
N PRO A 35 -2.16 -18.83 13.29
CA PRO A 35 -2.87 -20.05 12.96
C PRO A 35 -4.32 -19.74 12.56
N ARG A 36 -4.91 -18.80 13.26
CA ARG A 36 -6.29 -18.41 12.98
C ARG A 36 -6.33 -17.10 12.20
N ARG A 37 -5.52 -16.14 12.66
CA ARG A 37 -5.45 -14.84 12.02
C ARG A 37 -4.97 -15.00 10.57
N ARG A 38 -3.84 -15.67 10.43
CA ARG A 38 -3.27 -15.90 9.10
C ARG A 38 -3.03 -14.57 8.39
N GLU A 39 -1.77 -14.22 8.25
CA GLU A 39 -1.39 -12.98 7.60
C GLU A 39 -1.04 -13.24 6.12
N PHE A 40 -1.46 -12.32 5.27
CA PHE A 40 -1.20 -12.43 3.85
C PHE A 40 -0.15 -11.41 3.40
N VAL A 41 0.73 -11.86 2.52
CA VAL A 41 1.79 -11.00 2.01
C VAL A 41 1.42 -10.55 0.60
N MET A 42 1.30 -9.24 0.43
CA MET A 42 0.96 -8.68 -0.87
C MET A 42 2.08 -7.76 -1.38
N GLN A 43 2.30 -7.81 -2.68
CA GLN A 43 3.32 -6.99 -3.30
C GLN A 43 2.69 -6.01 -4.29
N VAL A 44 3.40 -4.92 -4.53
CA VAL A 44 2.93 -3.90 -5.46
C VAL A 44 4.10 -3.40 -6.29
N LYS A 45 3.88 -3.37 -7.60
CA LYS A 45 4.91 -2.91 -8.52
C LYS A 45 4.37 -1.71 -9.32
N VAL A 46 5.05 -0.59 -9.15
CA VAL A 46 4.66 0.63 -9.83
C VAL A 46 5.88 1.23 -10.55
N GLY A 47 5.85 1.15 -11.87
CA GLY A 47 6.94 1.68 -12.67
C GLY A 47 8.26 1.01 -12.31
N ASN A 48 9.13 1.79 -11.68
CA ASN A 48 10.44 1.29 -11.27
C ASN A 48 10.49 1.21 -9.75
N GLU A 49 9.31 1.10 -9.15
CA GLU A 49 9.22 1.01 -7.70
C GLU A 49 8.38 -0.21 -7.30
N VAL A 50 8.64 -0.67 -6.09
CA VAL A 50 7.93 -1.84 -5.57
C VAL A 50 7.64 -1.64 -4.08
N ALA A 51 6.58 -2.29 -3.61
CA ALA A 51 6.20 -2.19 -2.23
C ALA A 51 5.51 -3.49 -1.79
N THR A 52 5.24 -3.58 -0.50
CA THR A 52 4.58 -4.75 0.05
C THR A 52 3.60 -4.35 1.14
N GLY A 53 2.66 -5.25 1.42
CA GLY A 53 1.67 -5.01 2.45
C GLY A 53 1.17 -6.32 3.06
N THR A 54 0.85 -6.24 4.35
CA THR A 54 0.37 -7.42 5.07
C THR A 54 -0.84 -7.05 5.92
N GLY A 55 -1.66 -8.07 6.19
CA GLY A 55 -2.85 -7.87 6.99
C GLY A 55 -3.51 -9.22 7.32
N PRO A 56 -4.79 -9.13 7.79
CA PRO A 56 -5.54 -10.32 8.15
C PRO A 56 -6.01 -11.07 6.90
N ASN A 57 -6.19 -10.31 5.83
CA ASN A 57 -6.64 -10.89 4.57
C ASN A 57 -5.89 -10.21 3.42
N LYS A 58 -5.77 -10.95 2.32
CA LYS A 58 -5.09 -10.44 1.14
C LYS A 58 -5.62 -9.04 0.82
N LYS A 59 -6.93 -8.94 0.75
CA LYS A 59 -7.57 -7.67 0.45
C LYS A 59 -6.83 -6.55 1.19
N ILE A 60 -6.87 -6.64 2.51
CA ILE A 60 -6.21 -5.64 3.34
C ILE A 60 -4.72 -5.59 2.99
N ALA A 61 -4.14 -6.76 2.82
CA ALA A 61 -2.73 -6.86 2.48
C ALA A 61 -2.43 -5.93 1.31
N LYS A 62 -3.23 -6.08 0.25
CA LYS A 62 -3.07 -5.26 -0.94
C LYS A 62 -3.10 -3.78 -0.55
N LYS A 63 -4.06 -3.46 0.31
CA LYS A 63 -4.22 -2.09 0.77
C LYS A 63 -2.94 -1.64 1.46
N ASN A 64 -2.38 -2.54 2.27
CA ASN A 64 -1.16 -2.25 2.99
C ASN A 64 -0.01 -2.08 1.98
N ALA A 65 -0.15 -2.75 0.85
CA ALA A 65 0.87 -2.68 -0.18
C ALA A 65 0.98 -1.25 -0.68
N ALA A 66 -0.15 -0.72 -1.12
CA ALA A 66 -0.19 0.65 -1.64
C ALA A 66 0.31 1.61 -0.55
N GLU A 67 -0.22 1.42 0.64
CA GLU A 67 0.17 2.26 1.77
C GLU A 67 1.69 2.42 1.82
N ALA A 68 2.37 1.28 1.80
CA ALA A 68 3.82 1.29 1.84
C ALA A 68 4.37 1.98 0.60
N MET A 69 3.71 1.72 -0.52
CA MET A 69 4.11 2.30 -1.79
C MET A 69 3.98 3.83 -1.74
N LEU A 70 2.83 4.27 -1.26
CA LEU A 70 2.56 5.70 -1.16
C LEU A 70 3.54 6.33 -0.17
N LEU A 71 3.89 5.57 0.84
CA LEU A 71 4.81 6.04 1.86
C LEU A 71 6.20 6.22 1.23
N GLN A 72 6.54 5.29 0.34
CA GLN A 72 7.83 5.33 -0.33
C GLN A 72 7.83 6.44 -1.40
N LEU A 73 6.69 6.61 -2.04
CA LEU A 73 6.54 7.62 -3.08
C LEU A 73 6.67 9.00 -2.44
N GLY A 74 6.28 9.08 -1.17
CA GLY A 74 6.35 10.34 -0.45
C GLY A 74 4.99 11.03 -0.42
N TYR A 75 3.95 10.20 -0.38
CA TYR A 75 2.59 10.72 -0.35
C TYR A 75 1.97 10.58 1.05
N LYS A 76 2.64 9.78 1.87
CA LYS A 76 2.18 9.54 3.23
C LYS A 76 3.36 9.62 4.19
N ALA A 77 4.41 10.30 3.74
CA ALA A 77 5.61 10.46 4.55
C ALA A 77 5.37 11.52 5.61
N SER A 78 4.93 12.69 5.13
CA SER A 78 4.67 13.80 6.03
C SER A 78 3.89 13.32 7.26
N THR A 79 2.71 12.77 6.99
CA THR A 79 1.87 12.27 8.06
C THR A 79 2.61 11.19 8.87
N SER A 80 3.10 10.20 8.15
CA SER A 80 3.83 9.11 8.79
C SER A 80 4.81 9.68 9.82
N LEU A 81 5.73 10.50 9.34
CA LEU A 81 6.73 11.11 10.21
C LEU A 81 6.04 11.63 11.46
N GLN A 82 5.16 12.59 11.27
CA GLN A 82 4.44 13.19 12.37
C GLN A 82 4.03 12.12 13.38
N ASP A 83 3.24 11.17 12.90
CA ASP A 83 2.77 10.08 13.74
C ASP A 83 3.93 9.57 14.59
N SER A 84 5.03 9.24 13.91
CA SER A 84 6.21 8.73 14.59
C SER A 84 6.64 9.70 15.69
N GLY A 85 6.73 10.97 15.32
CA GLY A 85 7.12 12.00 16.26
C GLY A 85 6.57 13.37 15.85
N PRO A 86 6.37 14.24 16.87
CA PRO A 86 5.85 15.57 16.61
C PRO A 86 6.92 16.48 16.00
N SER A 87 8.09 16.45 16.63
CA SER A 87 9.20 17.26 16.16
C SER A 87 10.49 16.42 16.13
N SER A 88 11.32 16.71 15.15
CA SER A 88 12.58 16.00 14.99
C SER A 88 13.73 16.99 14.86
N GLY A 89 14.37 17.26 16.00
CA GLY A 89 15.48 18.18 16.02
C GLY A 89 15.01 19.62 15.81
N GLY A 1 -16.37 -5.99 -1.47
CA GLY A 1 -16.70 -6.06 -2.88
C GLY A 1 -16.15 -4.85 -3.64
N SER A 2 -16.95 -3.79 -3.66
CA SER A 2 -16.54 -2.57 -4.35
C SER A 2 -17.52 -1.44 -4.04
N SER A 3 -17.33 -0.84 -2.87
CA SER A 3 -18.18 0.24 -2.43
C SER A 3 -17.63 0.87 -1.15
N GLY A 4 -16.72 1.82 -1.33
CA GLY A 4 -16.11 2.49 -0.20
C GLY A 4 -15.07 3.52 -0.67
N SER A 5 -15.36 4.78 -0.37
CA SER A 5 -14.46 5.86 -0.75
C SER A 5 -13.17 5.78 0.06
N SER A 6 -12.17 6.52 -0.40
CA SER A 6 -10.88 6.55 0.27
C SER A 6 -10.26 5.15 0.27
N GLY A 7 -8.94 5.13 0.38
CA GLY A 7 -8.22 3.87 0.39
C GLY A 7 -6.81 4.04 -0.18
N PRO A 8 -5.91 3.09 0.21
CA PRO A 8 -4.54 3.14 -0.26
C PRO A 8 -4.43 2.67 -1.70
N ILE A 9 -5.32 1.76 -2.08
CA ILE A 9 -5.34 1.23 -3.42
C ILE A 9 -5.71 2.35 -4.40
N SER A 10 -6.98 2.73 -4.36
CA SER A 10 -7.47 3.79 -5.23
C SER A 10 -6.45 4.93 -5.30
N ARG A 11 -6.09 5.43 -4.13
CA ARG A 11 -5.13 6.51 -4.05
C ARG A 11 -3.91 6.21 -4.91
N LEU A 12 -3.45 4.97 -4.82
CA LEU A 12 -2.29 4.54 -5.58
C LEU A 12 -2.65 4.53 -7.07
N ALA A 13 -3.77 3.88 -7.37
CA ALA A 13 -4.23 3.78 -8.74
C ALA A 13 -4.39 5.19 -9.33
N GLN A 14 -4.95 6.08 -8.51
CA GLN A 14 -5.16 7.45 -8.93
C GLN A 14 -3.81 8.12 -9.24
N ILE A 15 -2.78 7.64 -8.56
CA ILE A 15 -1.44 8.19 -8.75
C ILE A 15 -0.85 7.60 -10.04
N GLN A 16 -1.17 6.34 -10.28
CA GLN A 16 -0.67 5.67 -11.46
C GLN A 16 -1.27 6.28 -12.72
N GLN A 17 -2.52 6.68 -12.61
CA GLN A 17 -3.23 7.29 -13.73
C GLN A 17 -2.86 8.78 -13.84
N ALA A 18 -2.85 9.44 -12.69
CA ALA A 18 -2.53 10.85 -12.65
C ALA A 18 -1.08 11.05 -13.11
N ARG A 19 -0.27 10.04 -12.87
CA ARG A 19 1.14 10.09 -13.25
C ARG A 19 1.28 9.80 -14.74
N LYS A 20 0.26 9.17 -15.30
CA LYS A 20 0.26 8.82 -16.71
C LYS A 20 1.31 7.74 -16.96
N GLU A 21 1.61 6.99 -15.91
CA GLU A 21 2.59 5.92 -16.00
C GLU A 21 1.91 4.60 -16.35
N LYS A 22 1.27 4.02 -15.34
CA LYS A 22 0.58 2.76 -15.51
C LYS A 22 0.12 2.23 -14.16
N GLU A 23 -1.12 1.76 -14.14
CA GLU A 23 -1.70 1.23 -12.91
C GLU A 23 -0.67 0.38 -12.16
N PRO A 24 -0.92 0.20 -10.84
CA PRO A 24 -0.03 -0.59 -10.01
C PRO A 24 -0.22 -2.08 -10.27
N ASP A 25 0.88 -2.82 -10.15
CA ASP A 25 0.86 -4.25 -10.36
C ASP A 25 1.05 -4.97 -9.04
N TYR A 26 -0.05 -5.50 -8.52
CA TYR A 26 -0.01 -6.22 -7.26
C TYR A 26 0.31 -7.70 -7.47
N ILE A 27 1.14 -8.23 -6.59
CA ILE A 27 1.54 -9.62 -6.67
C ILE A 27 1.47 -10.25 -5.28
N LEU A 28 0.81 -11.40 -5.23
CA LEU A 28 0.65 -12.11 -3.97
C LEU A 28 1.96 -12.85 -3.64
N LEU A 29 2.63 -12.37 -2.60
CA LEU A 29 3.88 -12.97 -2.18
C LEU A 29 3.61 -14.36 -1.60
N SER A 30 2.84 -14.38 -0.53
CA SER A 30 2.49 -15.64 0.12
C SER A 30 1.41 -15.40 1.18
N GLU A 31 0.95 -16.50 1.76
CA GLU A 31 -0.07 -16.42 2.78
C GLU A 31 0.20 -17.46 3.88
N ARG A 32 -0.03 -17.04 5.12
CA ARG A 32 0.20 -17.92 6.26
C ARG A 32 -0.11 -17.18 7.56
N GLY A 33 0.18 -17.86 8.66
CA GLY A 33 -0.06 -17.28 9.99
C GLY A 33 -1.21 -17.99 10.69
N MET A 34 -1.26 -17.81 12.00
CA MET A 34 -2.30 -18.43 12.81
C MET A 34 -3.67 -18.23 12.17
N PRO A 35 -4.62 -19.12 12.57
CA PRO A 35 -5.98 -19.06 12.04
C PRO A 35 -6.75 -17.90 12.66
N ARG A 36 -6.33 -17.52 13.86
CA ARG A 36 -6.97 -16.43 14.58
C ARG A 36 -6.67 -15.10 13.88
N ARG A 37 -5.45 -14.98 13.41
CA ARG A 37 -5.02 -13.77 12.72
C ARG A 37 -4.09 -14.10 11.57
N ARG A 38 -4.68 -14.60 10.49
CA ARG A 38 -3.92 -14.97 9.31
C ARG A 38 -3.07 -13.79 8.84
N GLU A 39 -2.07 -14.11 8.03
CA GLU A 39 -1.16 -13.09 7.51
C GLU A 39 -0.93 -13.32 6.01
N PHE A 40 -1.25 -12.30 5.23
CA PHE A 40 -1.07 -12.37 3.79
C PHE A 40 -0.07 -11.32 3.31
N VAL A 41 0.97 -11.79 2.65
CA VAL A 41 2.00 -10.90 2.13
C VAL A 41 1.61 -10.46 0.71
N MET A 42 1.46 -9.16 0.56
CA MET A 42 1.10 -8.59 -0.74
C MET A 42 2.21 -7.69 -1.27
N GLN A 43 2.39 -7.73 -2.58
CA GLN A 43 3.42 -6.93 -3.23
C GLN A 43 2.77 -5.98 -4.23
N VAL A 44 3.46 -4.87 -4.46
CA VAL A 44 2.98 -3.87 -5.40
C VAL A 44 4.15 -3.34 -6.23
N LYS A 45 3.93 -3.28 -7.54
CA LYS A 45 4.95 -2.80 -8.45
C LYS A 45 4.40 -1.62 -9.25
N VAL A 46 5.08 -0.49 -9.10
CA VAL A 46 4.67 0.73 -9.80
C VAL A 46 5.88 1.32 -10.52
N GLY A 47 5.84 1.24 -11.84
CA GLY A 47 6.92 1.77 -12.65
C GLY A 47 8.25 1.10 -12.29
N ASN A 48 9.10 1.87 -11.65
CA ASN A 48 10.40 1.37 -11.24
C ASN A 48 10.47 1.29 -9.71
N GLU A 49 9.29 1.17 -9.11
CA GLU A 49 9.21 1.09 -7.66
C GLU A 49 8.38 -0.14 -7.24
N VAL A 50 8.64 -0.59 -6.03
CA VAL A 50 7.94 -1.75 -5.50
C VAL A 50 7.65 -1.54 -4.01
N ALA A 51 6.60 -2.20 -3.54
CA ALA A 51 6.22 -2.11 -2.15
C ALA A 51 5.55 -3.41 -1.71
N THR A 52 5.31 -3.50 -0.41
CA THR A 52 4.66 -4.68 0.14
C THR A 52 3.71 -4.30 1.27
N GLY A 53 2.74 -5.17 1.50
CA GLY A 53 1.76 -4.93 2.54
C GLY A 53 1.24 -6.25 3.12
N THR A 54 1.06 -6.25 4.43
CA THR A 54 0.57 -7.43 5.12
C THR A 54 -0.62 -7.08 6.01
N GLY A 55 -1.49 -8.06 6.19
CA GLY A 55 -2.67 -7.87 7.02
C GLY A 55 -3.32 -9.21 7.39
N PRO A 56 -4.57 -9.12 7.89
CA PRO A 56 -5.31 -10.32 8.27
C PRO A 56 -5.82 -11.07 7.05
N ASN A 57 -5.91 -10.34 5.95
CA ASN A 57 -6.38 -10.92 4.70
C ASN A 57 -5.70 -10.22 3.52
N LYS A 58 -5.61 -10.95 2.42
CA LYS A 58 -4.99 -10.41 1.21
C LYS A 58 -5.51 -8.99 0.97
N LYS A 59 -6.83 -8.87 0.95
CA LYS A 59 -7.47 -7.60 0.72
C LYS A 59 -6.69 -6.50 1.46
N ILE A 60 -6.76 -6.58 2.79
CA ILE A 60 -6.07 -5.61 3.62
C ILE A 60 -4.58 -5.58 3.25
N ALA A 61 -4.06 -6.75 2.95
CA ALA A 61 -2.66 -6.87 2.58
C ALA A 61 -2.35 -5.89 1.44
N LYS A 62 -3.15 -6.00 0.39
CA LYS A 62 -2.97 -5.13 -0.77
C LYS A 62 -3.07 -3.68 -0.33
N LYS A 63 -4.09 -3.40 0.47
CA LYS A 63 -4.32 -2.06 0.97
C LYS A 63 -3.04 -1.56 1.66
N ASN A 64 -2.42 -2.45 2.40
CA ASN A 64 -1.20 -2.12 3.12
C ASN A 64 -0.04 -2.04 2.12
N ALA A 65 -0.21 -2.73 1.00
CA ALA A 65 0.81 -2.74 -0.04
C ALA A 65 0.94 -1.33 -0.63
N ALA A 66 -0.20 -0.79 -1.04
CA ALA A 66 -0.23 0.53 -1.62
C ALA A 66 0.29 1.55 -0.61
N GLU A 67 -0.12 1.35 0.64
CA GLU A 67 0.30 2.24 1.71
C GLU A 67 1.82 2.46 1.66
N ALA A 68 2.54 1.36 1.67
CA ALA A 68 3.99 1.41 1.62
C ALA A 68 4.43 2.10 0.34
N MET A 69 3.74 1.76 -0.75
CA MET A 69 4.05 2.35 -2.04
C MET A 69 3.87 3.86 -2.02
N LEU A 70 2.80 4.30 -1.37
CA LEU A 70 2.51 5.72 -1.26
C LEU A 70 3.50 6.37 -0.29
N LEU A 71 3.93 5.57 0.68
CA LEU A 71 4.87 6.06 1.67
C LEU A 71 6.24 6.27 1.02
N GLN A 72 6.60 5.33 0.16
CA GLN A 72 7.87 5.40 -0.54
C GLN A 72 7.86 6.53 -1.55
N LEU A 73 6.71 6.71 -2.19
CA LEU A 73 6.55 7.76 -3.18
C LEU A 73 6.70 9.12 -2.50
N GLY A 74 6.26 9.17 -1.26
CA GLY A 74 6.33 10.42 -0.49
C GLY A 74 4.96 11.09 -0.41
N TYR A 75 3.94 10.27 -0.32
CA TYR A 75 2.57 10.77 -0.23
C TYR A 75 2.02 10.63 1.20
N LYS A 76 2.73 9.84 1.99
CA LYS A 76 2.32 9.60 3.36
C LYS A 76 3.56 9.58 4.26
N ALA A 77 4.62 10.22 3.78
CA ALA A 77 5.86 10.28 4.51
C ALA A 77 5.75 11.33 5.62
N SER A 78 5.35 12.52 5.21
CA SER A 78 5.19 13.62 6.16
C SER A 78 4.55 13.11 7.45
N THR A 79 3.33 12.60 7.31
CA THR A 79 2.61 12.07 8.46
C THR A 79 3.43 10.97 9.15
N SER A 80 3.85 10.01 8.36
CA SER A 80 4.64 8.90 8.88
C SER A 80 5.67 9.42 9.88
N LEU A 81 6.58 10.22 9.38
CA LEU A 81 7.63 10.79 10.22
C LEU A 81 7.00 11.39 11.48
N GLN A 82 6.16 12.39 11.27
CA GLN A 82 5.49 13.04 12.37
C GLN A 82 5.03 12.01 13.41
N ASP A 83 4.17 11.12 12.97
CA ASP A 83 3.65 10.08 13.84
C ASP A 83 4.80 9.54 14.72
N SER A 84 5.84 9.09 14.06
CA SER A 84 7.00 8.55 14.76
C SER A 84 7.50 9.58 15.79
N GLY A 85 7.67 10.80 15.33
CA GLY A 85 8.15 11.87 16.19
C GLY A 85 7.55 13.22 15.77
N PRO A 86 6.46 13.61 16.48
CA PRO A 86 5.79 14.86 16.19
C PRO A 86 6.60 16.06 16.72
N SER A 87 6.86 16.01 18.01
CA SER A 87 7.62 17.08 18.65
C SER A 87 7.11 18.44 18.19
N SER A 88 6.02 18.87 18.81
CA SER A 88 5.41 20.14 18.48
C SER A 88 5.58 21.12 19.64
N GLY A 89 6.02 22.33 19.30
CA GLY A 89 6.22 23.36 20.31
C GLY A 89 7.13 24.47 19.78
N GLY A 1 -10.48 -6.17 -8.84
CA GLY A 1 -10.93 -4.79 -8.75
C GLY A 1 -11.53 -4.50 -7.37
N SER A 2 -11.11 -3.37 -6.81
CA SER A 2 -11.59 -2.97 -5.50
C SER A 2 -11.40 -1.46 -5.31
N SER A 3 -12.46 -0.82 -4.85
CA SER A 3 -12.43 0.62 -4.63
C SER A 3 -13.68 1.06 -3.86
N GLY A 4 -13.61 2.27 -3.33
CA GLY A 4 -14.72 2.82 -2.57
C GLY A 4 -14.22 3.64 -1.39
N SER A 5 -14.46 4.95 -1.47
CA SER A 5 -14.03 5.85 -0.41
C SER A 5 -12.51 5.86 -0.31
N SER A 6 -12.00 6.89 0.35
CA SER A 6 -10.56 7.03 0.53
C SER A 6 -9.93 5.66 0.81
N GLY A 7 -8.78 5.44 0.18
CA GLY A 7 -8.07 4.19 0.35
C GLY A 7 -6.65 4.28 -0.22
N PRO A 8 -5.81 3.28 0.16
CA PRO A 8 -4.44 3.23 -0.30
C PRO A 8 -4.36 2.79 -1.76
N ILE A 9 -5.30 1.92 -2.14
CA ILE A 9 -5.35 1.42 -3.49
C ILE A 9 -5.73 2.56 -4.44
N SER A 10 -7.01 2.93 -4.40
CA SER A 10 -7.51 4.00 -5.24
C SER A 10 -6.48 5.13 -5.32
N ARG A 11 -6.02 5.56 -4.16
CA ARG A 11 -5.03 6.62 -4.09
C ARG A 11 -3.83 6.29 -4.98
N LEU A 12 -3.37 5.06 -4.85
CA LEU A 12 -2.22 4.60 -5.64
C LEU A 12 -2.60 4.58 -7.12
N ALA A 13 -3.74 3.94 -7.39
CA ALA A 13 -4.23 3.83 -8.75
C ALA A 13 -4.38 5.23 -9.35
N GLN A 14 -4.93 6.13 -8.54
CA GLN A 14 -5.15 7.50 -8.97
C GLN A 14 -3.81 8.16 -9.31
N ILE A 15 -2.76 7.69 -8.63
CA ILE A 15 -1.43 8.23 -8.85
C ILE A 15 -0.85 7.63 -10.13
N GLN A 16 -1.18 6.37 -10.37
CA GLN A 16 -0.69 5.67 -11.54
C GLN A 16 -1.29 6.30 -12.81
N GLN A 17 -2.51 6.80 -12.67
CA GLN A 17 -3.20 7.41 -13.79
C GLN A 17 -2.86 8.91 -13.84
N ALA A 18 -2.85 9.52 -12.68
CA ALA A 18 -2.55 10.95 -12.59
C ALA A 18 -1.13 11.20 -13.12
N ARG A 19 -0.28 10.19 -12.94
CA ARG A 19 1.09 10.29 -13.40
C ARG A 19 1.20 9.92 -14.88
N LYS A 20 0.17 9.23 -15.35
CA LYS A 20 0.12 8.81 -16.74
C LYS A 20 1.20 7.75 -16.98
N GLU A 21 1.52 7.02 -15.92
CA GLU A 21 2.52 5.99 -16.00
C GLU A 21 1.87 4.64 -16.34
N LYS A 22 1.21 4.07 -15.34
CA LYS A 22 0.55 2.80 -15.52
C LYS A 22 0.09 2.27 -14.16
N GLU A 23 -1.15 1.79 -14.13
CA GLU A 23 -1.72 1.25 -12.91
C GLU A 23 -0.69 0.40 -12.17
N PRO A 24 -0.93 0.22 -10.84
CA PRO A 24 -0.03 -0.57 -10.01
C PRO A 24 -0.22 -2.07 -10.29
N ASP A 25 0.87 -2.80 -10.14
CA ASP A 25 0.86 -4.24 -10.36
C ASP A 25 1.02 -4.96 -9.03
N TYR A 26 -0.10 -5.48 -8.54
CA TYR A 26 -0.10 -6.20 -7.27
C TYR A 26 0.22 -7.68 -7.49
N ILE A 27 1.09 -8.20 -6.63
CA ILE A 27 1.50 -9.59 -6.71
C ILE A 27 1.43 -10.22 -5.32
N LEU A 28 0.79 -11.37 -5.25
CA LEU A 28 0.66 -12.09 -4.00
C LEU A 28 1.95 -12.85 -3.69
N LEU A 29 2.59 -12.43 -2.61
CA LEU A 29 3.84 -13.05 -2.20
C LEU A 29 3.55 -14.47 -1.67
N SER A 30 2.81 -14.52 -0.57
CA SER A 30 2.46 -15.79 0.03
C SER A 30 1.35 -15.58 1.06
N GLU A 31 1.16 -16.59 1.90
CA GLU A 31 0.14 -16.54 2.93
C GLU A 31 0.57 -17.35 4.15
N ARG A 32 0.78 -16.65 5.25
CA ARG A 32 1.20 -17.29 6.48
C ARG A 32 1.08 -16.31 7.65
N GLY A 33 1.01 -16.88 8.85
CA GLY A 33 0.89 -16.07 10.06
C GLY A 33 -0.15 -16.65 11.01
N MET A 34 0.03 -17.93 11.32
CA MET A 34 -0.90 -18.61 12.22
C MET A 34 -2.29 -18.69 11.61
N PRO A 35 -3.06 -19.72 12.05
CA PRO A 35 -4.41 -19.91 11.56
C PRO A 35 -5.37 -18.89 12.17
N ARG A 36 -5.11 -18.56 13.44
CA ARG A 36 -5.94 -17.61 14.14
C ARG A 36 -5.75 -16.21 13.56
N ARG A 37 -4.49 -15.83 13.41
CA ARG A 37 -4.16 -14.52 12.85
C ARG A 37 -4.20 -14.57 11.32
N ARG A 38 -3.40 -15.46 10.77
CA ARG A 38 -3.33 -15.61 9.32
C ARG A 38 -2.95 -14.27 8.67
N GLU A 39 -1.70 -14.20 8.25
CA GLU A 39 -1.20 -12.99 7.61
C GLU A 39 -0.95 -13.24 6.13
N PHE A 40 -1.37 -12.29 5.31
CA PHE A 40 -1.21 -12.39 3.88
C PHE A 40 -0.20 -11.36 3.36
N VAL A 41 0.82 -11.85 2.67
CA VAL A 41 1.84 -10.99 2.12
C VAL A 41 1.43 -10.54 0.73
N MET A 42 1.52 -9.23 0.51
CA MET A 42 1.16 -8.66 -0.78
C MET A 42 2.27 -7.76 -1.31
N GLN A 43 2.39 -7.74 -2.63
CA GLN A 43 3.41 -6.94 -3.28
C GLN A 43 2.77 -5.97 -4.28
N VAL A 44 3.47 -4.87 -4.52
CA VAL A 44 2.99 -3.86 -5.44
C VAL A 44 4.15 -3.34 -6.28
N LYS A 45 3.91 -3.28 -7.58
CA LYS A 45 4.92 -2.80 -8.51
C LYS A 45 4.38 -1.60 -9.29
N VAL A 46 5.05 -0.47 -9.12
CA VAL A 46 4.65 0.75 -9.80
C VAL A 46 5.86 1.35 -10.53
N GLY A 47 5.80 1.28 -11.85
CA GLY A 47 6.88 1.79 -12.67
C GLY A 47 8.20 1.11 -12.36
N ASN A 48 9.07 1.85 -11.69
CA ASN A 48 10.38 1.33 -11.32
C ASN A 48 10.46 1.23 -9.79
N GLU A 49 9.30 1.13 -9.18
CA GLU A 49 9.23 1.03 -7.72
C GLU A 49 8.40 -0.19 -7.31
N VAL A 50 8.66 -0.67 -6.10
CA VAL A 50 7.96 -1.83 -5.58
C VAL A 50 7.70 -1.63 -4.09
N ALA A 51 6.66 -2.30 -3.61
CA ALA A 51 6.29 -2.20 -2.21
C ALA A 51 5.61 -3.51 -1.79
N THR A 52 5.36 -3.60 -0.49
CA THR A 52 4.71 -4.78 0.06
C THR A 52 3.71 -4.38 1.16
N GLY A 53 2.78 -5.28 1.42
CA GLY A 53 1.77 -5.04 2.43
C GLY A 53 1.35 -6.34 3.12
N THR A 54 0.90 -6.22 4.35
CA THR A 54 0.46 -7.37 5.12
C THR A 54 -0.83 -7.06 5.88
N GLY A 55 -1.55 -8.11 6.22
CA GLY A 55 -2.80 -7.95 6.93
C GLY A 55 -3.43 -9.31 7.24
N PRO A 56 -4.68 -9.27 7.77
CA PRO A 56 -5.40 -10.48 8.10
C PRO A 56 -5.92 -11.18 6.84
N ASN A 57 -6.12 -10.38 5.80
CA ASN A 57 -6.60 -10.90 4.53
C ASN A 57 -5.83 -10.26 3.39
N LYS A 58 -5.93 -10.88 2.22
CA LYS A 58 -5.24 -10.38 1.05
C LYS A 58 -5.67 -8.93 0.78
N LYS A 59 -6.97 -8.71 0.93
CA LYS A 59 -7.53 -7.38 0.71
C LYS A 59 -6.69 -6.35 1.48
N ILE A 60 -6.79 -6.44 2.79
CA ILE A 60 -6.05 -5.52 3.66
C ILE A 60 -4.57 -5.55 3.28
N ALA A 61 -4.04 -6.76 3.21
CA ALA A 61 -2.64 -6.94 2.86
C ALA A 61 -2.32 -6.14 1.61
N LYS A 62 -3.27 -6.14 0.68
CA LYS A 62 -3.09 -5.41 -0.56
C LYS A 62 -3.11 -3.91 -0.27
N LYS A 63 -4.10 -3.50 0.50
CA LYS A 63 -4.24 -2.09 0.86
C LYS A 63 -2.92 -1.60 1.47
N ASN A 64 -2.39 -2.41 2.37
CA ASN A 64 -1.14 -2.07 3.04
C ASN A 64 -0.02 -1.95 1.99
N ALA A 65 -0.13 -2.78 0.97
CA ALA A 65 0.86 -2.78 -0.09
C ALA A 65 0.88 -1.40 -0.76
N ALA A 66 -0.31 -0.91 -1.08
CA ALA A 66 -0.44 0.38 -1.72
C ALA A 66 0.05 1.47 -0.76
N GLU A 67 -0.24 1.26 0.51
CA GLU A 67 0.17 2.21 1.54
C GLU A 67 1.69 2.37 1.55
N ALA A 68 2.37 1.24 1.68
CA ALA A 68 3.83 1.23 1.70
C ALA A 68 4.34 1.97 0.47
N MET A 69 3.71 1.69 -0.66
CA MET A 69 4.09 2.31 -1.92
C MET A 69 3.97 3.84 -1.84
N LEU A 70 2.80 4.27 -1.39
CA LEU A 70 2.54 5.70 -1.26
C LEU A 70 3.48 6.30 -0.22
N LEU A 71 3.78 5.49 0.80
CA LEU A 71 4.65 5.92 1.86
C LEU A 71 6.07 6.11 1.31
N GLN A 72 6.44 5.21 0.41
CA GLN A 72 7.76 5.26 -0.20
C GLN A 72 7.82 6.39 -1.23
N LEU A 73 6.73 6.55 -1.95
CA LEU A 73 6.64 7.58 -2.97
C LEU A 73 6.77 8.96 -2.31
N GLY A 74 6.34 9.01 -1.06
CA GLY A 74 6.39 10.25 -0.31
C GLY A 74 5.04 10.97 -0.31
N TYR A 75 3.98 10.16 -0.29
CA TYR A 75 2.63 10.69 -0.30
C TYR A 75 1.99 10.54 1.08
N LYS A 76 2.61 9.72 1.91
CA LYS A 76 2.10 9.47 3.25
C LYS A 76 3.27 9.45 4.24
N ALA A 77 4.37 10.07 3.81
CA ALA A 77 5.56 10.13 4.65
C ALA A 77 5.37 11.21 5.73
N SER A 78 5.03 12.40 5.26
CA SER A 78 4.82 13.52 6.16
C SER A 78 3.99 13.07 7.37
N THR A 79 2.81 12.56 7.07
CA THR A 79 1.91 12.09 8.12
C THR A 79 2.58 10.98 8.93
N SER A 80 3.02 9.95 8.23
CA SER A 80 3.67 8.82 8.87
C SER A 80 4.63 9.32 9.94
N LEU A 81 5.62 10.08 9.50
CA LEU A 81 6.61 10.64 10.41
C LEU A 81 5.89 11.29 11.60
N GLN A 82 5.12 12.31 11.29
CA GLN A 82 4.39 13.03 12.32
C GLN A 82 3.81 12.04 13.35
N ASP A 83 2.96 11.16 12.85
CA ASP A 83 2.33 10.17 13.71
C ASP A 83 3.37 9.63 14.71
N SER A 84 4.45 9.11 14.14
CA SER A 84 5.52 8.56 14.97
C SER A 84 6.00 9.61 15.97
N GLY A 85 6.28 10.80 15.45
CA GLY A 85 6.74 11.89 16.29
C GLY A 85 6.89 13.17 15.48
N PRO A 86 6.82 14.33 16.20
CA PRO A 86 6.95 15.62 15.56
C PRO A 86 8.40 15.92 15.18
N SER A 87 8.56 16.91 14.32
CA SER A 87 9.89 17.30 13.87
C SER A 87 9.82 18.61 13.09
N SER A 88 10.98 19.22 12.91
CA SER A 88 11.06 20.48 12.19
C SER A 88 12.47 20.69 11.65
N GLY A 89 12.54 21.19 10.43
CA GLY A 89 13.82 21.44 9.78
C GLY A 89 14.51 20.13 9.41
N GLY A 1 -13.64 -3.17 -5.80
CA GLY A 1 -14.32 -2.02 -6.39
C GLY A 1 -13.32 -1.04 -6.99
N SER A 2 -13.83 0.09 -7.45
CA SER A 2 -12.99 1.11 -8.05
C SER A 2 -13.67 2.48 -7.92
N SER A 3 -12.85 3.49 -7.68
CA SER A 3 -13.35 4.85 -7.54
C SER A 3 -14.29 4.93 -6.34
N GLY A 4 -13.91 5.78 -5.39
CA GLY A 4 -14.72 5.96 -4.19
C GLY A 4 -14.08 5.27 -2.99
N SER A 5 -14.60 5.58 -1.81
CA SER A 5 -14.08 5.00 -0.59
C SER A 5 -12.58 5.23 -0.49
N SER A 6 -12.21 6.40 -0.01
CA SER A 6 -10.81 6.76 0.13
C SER A 6 -10.02 5.57 0.68
N GLY A 7 -9.00 5.17 -0.06
CA GLY A 7 -8.17 4.05 0.34
C GLY A 7 -6.75 4.19 -0.21
N PRO A 8 -5.90 3.20 0.14
CA PRO A 8 -4.51 3.21 -0.31
C PRO A 8 -4.41 2.79 -1.78
N ILE A 9 -5.31 1.90 -2.17
CA ILE A 9 -5.34 1.41 -3.54
C ILE A 9 -5.72 2.56 -4.47
N SER A 10 -7.00 2.91 -4.43
CA SER A 10 -7.51 3.99 -5.26
C SER A 10 -6.48 5.12 -5.34
N ARG A 11 -6.00 5.52 -4.17
CA ARG A 11 -5.02 6.59 -4.09
C ARG A 11 -3.81 6.27 -4.97
N LEU A 12 -3.30 5.05 -4.80
CA LEU A 12 -2.15 4.61 -5.57
C LEU A 12 -2.52 4.57 -7.05
N ALA A 13 -3.72 4.07 -7.32
CA ALA A 13 -4.19 3.98 -8.69
C ALA A 13 -4.31 5.38 -9.27
N GLN A 14 -4.86 6.29 -8.48
CA GLN A 14 -5.04 7.66 -8.92
C GLN A 14 -3.69 8.29 -9.26
N ILE A 15 -2.65 7.78 -8.60
CA ILE A 15 -1.30 8.27 -8.83
C ILE A 15 -0.74 7.63 -10.09
N GLN A 16 -1.08 6.37 -10.29
CA GLN A 16 -0.62 5.64 -11.45
C GLN A 16 -1.20 6.24 -12.73
N GLN A 17 -2.42 6.76 -12.60
CA GLN A 17 -3.09 7.37 -13.73
C GLN A 17 -2.67 8.83 -13.88
N ALA A 18 -2.56 9.50 -12.74
CA ALA A 18 -2.16 10.90 -12.73
C ALA A 18 -0.71 11.02 -13.17
N ARG A 19 0.04 9.96 -12.91
CA ARG A 19 1.45 9.93 -13.28
C ARG A 19 1.61 9.60 -14.77
N LYS A 20 0.55 9.08 -15.34
CA LYS A 20 0.55 8.72 -16.75
C LYS A 20 1.53 7.56 -16.98
N GLU A 21 1.71 6.77 -15.93
CA GLU A 21 2.61 5.64 -16.00
C GLU A 21 1.84 4.36 -16.37
N LYS A 22 1.09 3.86 -15.41
CA LYS A 22 0.30 2.66 -15.63
C LYS A 22 -0.13 2.09 -14.27
N GLU A 23 -1.38 1.65 -14.23
CA GLU A 23 -1.93 1.08 -13.01
C GLU A 23 -0.86 0.25 -12.29
N PRO A 24 -1.07 0.09 -10.95
CA PRO A 24 -0.14 -0.68 -10.14
C PRO A 24 -0.30 -2.18 -10.38
N ASP A 25 0.80 -2.89 -10.24
CA ASP A 25 0.80 -4.33 -10.44
C ASP A 25 0.96 -5.03 -9.09
N TYR A 26 -0.13 -5.58 -8.60
CA TYR A 26 -0.13 -6.28 -7.33
C TYR A 26 0.23 -7.75 -7.51
N ILE A 27 1.12 -8.22 -6.66
CA ILE A 27 1.56 -9.61 -6.72
C ILE A 27 1.49 -10.22 -5.32
N LEU A 28 0.86 -11.38 -5.24
CA LEU A 28 0.71 -12.08 -3.97
C LEU A 28 2.02 -12.80 -3.64
N LEU A 29 2.60 -12.41 -2.51
CA LEU A 29 3.86 -13.00 -2.07
C LEU A 29 3.58 -14.38 -1.47
N SER A 30 2.80 -14.38 -0.39
CA SER A 30 2.46 -15.62 0.28
C SER A 30 1.30 -15.37 1.26
N GLU A 31 0.94 -16.44 1.96
CA GLU A 31 -0.13 -16.36 2.94
C GLU A 31 0.12 -17.33 4.09
N ARG A 32 0.57 -16.78 5.21
CA ARG A 32 0.85 -17.58 6.38
C ARG A 32 0.55 -16.79 7.66
N GLY A 33 0.54 -17.50 8.77
CA GLY A 33 0.27 -16.88 10.05
C GLY A 33 -0.75 -17.69 10.86
N MET A 34 -0.80 -17.40 12.15
CA MET A 34 -1.73 -18.10 13.02
C MET A 34 -3.11 -18.21 12.40
N PRO A 35 -3.90 -19.19 12.91
CA PRO A 35 -5.25 -19.40 12.41
C PRO A 35 -6.20 -18.31 12.92
N ARG A 36 -5.88 -17.78 14.08
CA ARG A 36 -6.69 -16.73 14.68
C ARG A 36 -6.42 -15.39 14.00
N ARG A 37 -5.20 -15.24 13.51
CA ARG A 37 -4.81 -14.03 12.84
C ARG A 37 -3.70 -14.31 11.81
N ARG A 38 -4.11 -14.85 10.68
CA ARG A 38 -3.17 -15.17 9.62
C ARG A 38 -2.47 -13.91 9.13
N GLU A 39 -1.61 -14.10 8.14
CA GLU A 39 -0.86 -13.00 7.58
C GLU A 39 -0.63 -13.22 6.07
N PHE A 40 -1.19 -12.31 5.28
CA PHE A 40 -1.05 -12.40 3.84
C PHE A 40 -0.04 -11.37 3.32
N VAL A 41 0.98 -11.87 2.65
CA VAL A 41 2.02 -11.02 2.10
C VAL A 41 1.61 -10.58 0.68
N MET A 42 1.54 -9.27 0.51
CA MET A 42 1.17 -8.70 -0.78
C MET A 42 2.28 -7.79 -1.32
N GLN A 43 2.37 -7.74 -2.64
CA GLN A 43 3.37 -6.92 -3.29
C GLN A 43 2.71 -5.97 -4.28
N VAL A 44 3.37 -4.84 -4.50
CA VAL A 44 2.86 -3.83 -5.42
C VAL A 44 4.01 -3.30 -6.27
N LYS A 45 3.76 -3.24 -7.58
CA LYS A 45 4.76 -2.76 -8.50
C LYS A 45 4.21 -1.52 -9.23
N VAL A 46 4.89 -0.40 -9.01
CA VAL A 46 4.47 0.84 -9.65
C VAL A 46 5.67 1.44 -10.40
N GLY A 47 5.57 1.41 -11.71
CA GLY A 47 6.63 1.94 -12.56
C GLY A 47 7.96 1.24 -12.28
N ASN A 48 8.86 1.99 -11.66
CA ASN A 48 10.17 1.45 -11.34
C ASN A 48 10.29 1.33 -9.82
N GLU A 49 9.15 1.21 -9.17
CA GLU A 49 9.12 1.08 -7.72
C GLU A 49 8.28 -0.14 -7.32
N VAL A 50 8.55 -0.62 -6.11
CA VAL A 50 7.83 -1.78 -5.59
C VAL A 50 7.58 -1.59 -4.10
N ALA A 51 6.54 -2.26 -3.61
CA ALA A 51 6.19 -2.18 -2.21
C ALA A 51 5.51 -3.48 -1.78
N THR A 52 5.27 -3.58 -0.48
CA THR A 52 4.62 -4.76 0.07
C THR A 52 3.57 -4.36 1.11
N GLY A 53 2.66 -5.30 1.37
CA GLY A 53 1.60 -5.05 2.33
C GLY A 53 1.20 -6.35 3.04
N THR A 54 0.95 -6.22 4.34
CA THR A 54 0.57 -7.37 5.14
C THR A 54 -0.72 -7.07 5.91
N GLY A 55 -1.47 -8.12 6.20
CA GLY A 55 -2.72 -7.99 6.93
C GLY A 55 -3.30 -9.35 7.27
N PRO A 56 -4.54 -9.33 7.82
CA PRO A 56 -5.22 -10.55 8.20
C PRO A 56 -5.73 -11.30 6.98
N ASN A 57 -5.75 -10.59 5.86
CA ASN A 57 -6.22 -11.17 4.61
C ASN A 57 -5.52 -10.49 3.44
N LYS A 58 -5.66 -11.10 2.27
CA LYS A 58 -5.05 -10.55 1.07
C LYS A 58 -5.52 -9.11 0.86
N LYS A 59 -6.83 -8.95 0.91
CA LYS A 59 -7.42 -7.62 0.74
C LYS A 59 -6.58 -6.58 1.48
N ILE A 60 -6.73 -6.57 2.79
CA ILE A 60 -5.99 -5.64 3.62
C ILE A 60 -4.52 -5.65 3.22
N ALA A 61 -3.95 -6.85 3.22
CA ALA A 61 -2.56 -7.01 2.84
C ALA A 61 -2.27 -6.19 1.58
N LYS A 62 -3.23 -6.20 0.67
CA LYS A 62 -3.10 -5.47 -0.58
C LYS A 62 -3.14 -3.97 -0.28
N LYS A 63 -4.14 -3.57 0.49
CA LYS A 63 -4.31 -2.17 0.84
C LYS A 63 -3.02 -1.65 1.47
N ASN A 64 -2.49 -2.44 2.40
CA ASN A 64 -1.25 -2.09 3.07
C ASN A 64 -0.13 -1.95 2.04
N ALA A 65 -0.24 -2.74 0.99
CA ALA A 65 0.76 -2.73 -0.06
C ALA A 65 0.81 -1.33 -0.68
N ALA A 66 -0.36 -0.82 -1.04
CA ALA A 66 -0.46 0.49 -1.64
C ALA A 66 0.07 1.54 -0.66
N GLU A 67 -0.30 1.36 0.60
CA GLU A 67 0.13 2.28 1.64
C GLU A 67 1.64 2.45 1.61
N ALA A 68 2.35 1.33 1.76
CA ALA A 68 3.80 1.35 1.74
C ALA A 68 4.28 2.07 0.48
N MET A 69 3.67 1.71 -0.63
CA MET A 69 4.03 2.30 -1.92
C MET A 69 3.89 3.83 -1.86
N LEU A 70 2.75 4.27 -1.36
CA LEU A 70 2.48 5.70 -1.25
C LEU A 70 3.47 6.32 -0.26
N LEU A 71 3.85 5.52 0.73
CA LEU A 71 4.78 5.98 1.74
C LEU A 71 6.17 6.15 1.12
N GLN A 72 6.49 5.24 0.21
CA GLN A 72 7.78 5.28 -0.47
C GLN A 72 7.80 6.42 -1.49
N LEU A 73 6.66 6.63 -2.13
CA LEU A 73 6.55 7.68 -3.13
C LEU A 73 6.76 9.04 -2.46
N GLY A 74 6.28 9.14 -1.22
CA GLY A 74 6.41 10.37 -0.47
C GLY A 74 5.06 11.09 -0.36
N TYR A 75 4.01 10.30 -0.36
CA TYR A 75 2.67 10.85 -0.26
C TYR A 75 2.11 10.69 1.16
N LYS A 76 2.79 9.85 1.94
CA LYS A 76 2.39 9.60 3.31
C LYS A 76 3.63 9.53 4.19
N ALA A 77 4.69 10.15 3.72
CA ALA A 77 5.95 10.16 4.46
C ALA A 77 5.88 11.24 5.54
N SER A 78 5.51 12.44 5.12
CA SER A 78 5.40 13.55 6.04
C SER A 78 4.74 13.10 7.33
N THR A 79 3.52 12.60 7.19
CA THR A 79 2.76 12.13 8.35
C THR A 79 3.54 11.03 9.07
N SER A 80 3.93 10.02 8.31
CA SER A 80 4.67 8.91 8.87
C SER A 80 5.71 9.41 9.87
N LEU A 81 6.63 10.22 9.36
CA LEU A 81 7.68 10.79 10.19
C LEU A 81 7.05 11.53 11.37
N GLN A 82 6.20 12.50 11.03
CA GLN A 82 5.52 13.29 12.04
C GLN A 82 5.09 12.40 13.21
N ASP A 83 4.31 11.38 12.87
CA ASP A 83 3.81 10.45 13.87
C ASP A 83 5.00 9.83 14.61
N SER A 84 5.97 9.38 13.83
CA SER A 84 7.16 8.75 14.38
C SER A 84 7.82 9.70 15.39
N GLY A 85 7.91 10.96 15.01
CA GLY A 85 8.50 11.98 15.87
C GLY A 85 7.97 13.37 15.53
N PRO A 86 7.89 14.22 16.59
CA PRO A 86 7.40 15.58 16.41
C PRO A 86 8.45 16.46 15.73
N SER A 87 9.59 16.59 16.40
CA SER A 87 10.68 17.40 15.87
C SER A 87 12.01 16.67 16.05
N SER A 88 12.97 17.05 15.24
CA SER A 88 14.29 16.44 15.30
C SER A 88 15.19 17.02 14.20
N GLY A 89 15.70 18.22 14.47
CA GLY A 89 16.57 18.89 13.51
C GLY A 89 17.78 19.50 14.22
N GLY A 1 -12.21 -6.28 -5.22
CA GLY A 1 -12.20 -5.50 -3.99
C GLY A 1 -11.98 -4.01 -4.29
N SER A 2 -12.18 -3.20 -3.27
CA SER A 2 -12.01 -1.76 -3.41
C SER A 2 -12.27 -1.07 -2.08
N SER A 3 -11.22 -0.47 -1.54
CA SER A 3 -11.32 0.22 -0.26
C SER A 3 -12.44 1.26 -0.33
N GLY A 4 -12.83 1.73 0.84
CA GLY A 4 -13.89 2.73 0.94
C GLY A 4 -13.45 3.92 1.80
N SER A 5 -13.70 5.11 1.27
CA SER A 5 -13.34 6.32 1.98
C SER A 5 -11.84 6.33 2.29
N SER A 6 -11.12 7.13 1.52
CA SER A 6 -9.68 7.23 1.69
C SER A 6 -9.06 5.83 1.72
N GLY A 7 -8.66 5.37 0.55
CA GLY A 7 -8.04 4.06 0.43
C GLY A 7 -6.63 4.16 -0.17
N PRO A 8 -5.79 3.17 0.19
CA PRO A 8 -4.42 3.13 -0.29
C PRO A 8 -4.36 2.71 -1.76
N ILE A 9 -5.24 1.77 -2.10
CA ILE A 9 -5.30 1.26 -3.45
C ILE A 9 -5.66 2.40 -4.41
N SER A 10 -6.88 2.92 -4.23
CA SER A 10 -7.36 4.01 -5.05
C SER A 10 -6.28 5.10 -5.16
N ARG A 11 -5.85 5.57 -4.00
CA ARG A 11 -4.84 6.61 -3.96
C ARG A 11 -3.68 6.26 -4.89
N LEU A 12 -3.27 5.00 -4.81
CA LEU A 12 -2.16 4.52 -5.63
C LEU A 12 -2.59 4.54 -7.10
N ALA A 13 -3.75 3.96 -7.35
CA ALA A 13 -4.28 3.89 -8.70
C ALA A 13 -4.40 5.31 -9.27
N GLN A 14 -4.93 6.20 -8.45
CA GLN A 14 -5.10 7.59 -8.84
C GLN A 14 -3.75 8.20 -9.23
N ILE A 15 -2.70 7.69 -8.58
CA ILE A 15 -1.36 8.18 -8.85
C ILE A 15 -0.84 7.56 -10.16
N GLN A 16 -1.22 6.31 -10.38
CA GLN A 16 -0.81 5.60 -11.58
C GLN A 16 -1.47 6.22 -12.81
N GLN A 17 -2.69 6.70 -12.61
CA GLN A 17 -3.45 7.31 -13.69
C GLN A 17 -3.06 8.79 -13.83
N ALA A 18 -2.92 9.44 -12.69
CA ALA A 18 -2.55 10.85 -12.67
C ALA A 18 -1.14 11.01 -13.21
N ARG A 19 -0.33 9.98 -13.02
CA ARG A 19 1.04 9.99 -13.50
C ARG A 19 1.09 9.68 -15.00
N LYS A 20 0.02 9.08 -15.48
CA LYS A 20 -0.08 8.73 -16.89
C LYS A 20 0.95 7.64 -17.21
N GLU A 21 1.26 6.85 -16.18
CA GLU A 21 2.22 5.77 -16.34
C GLU A 21 1.49 4.45 -16.61
N LYS A 22 0.90 3.92 -15.55
CA LYS A 22 0.18 2.66 -15.67
C LYS A 22 -0.22 2.18 -14.27
N GLU A 23 -1.46 1.71 -14.17
CA GLU A 23 -1.97 1.22 -12.91
C GLU A 23 -0.92 0.38 -12.20
N PRO A 24 -1.12 0.21 -10.86
CA PRO A 24 -0.20 -0.58 -10.07
C PRO A 24 -0.40 -2.08 -10.31
N ASP A 25 0.69 -2.81 -10.19
CA ASP A 25 0.66 -4.25 -10.41
C ASP A 25 0.94 -4.97 -9.08
N TYR A 26 -0.12 -5.49 -8.49
CA TYR A 26 0.00 -6.20 -7.23
C TYR A 26 0.33 -7.68 -7.45
N ILE A 27 1.17 -8.20 -6.58
CA ILE A 27 1.58 -9.60 -6.67
C ILE A 27 1.55 -10.23 -5.28
N LEU A 28 0.93 -11.39 -5.21
CA LEU A 28 0.82 -12.10 -3.94
C LEU A 28 2.15 -12.78 -3.63
N LEU A 29 2.69 -12.45 -2.47
CA LEU A 29 3.96 -13.02 -2.03
C LEU A 29 3.72 -14.42 -1.47
N SER A 30 2.92 -14.46 -0.40
CA SER A 30 2.60 -15.72 0.24
C SER A 30 1.49 -15.52 1.27
N GLU A 31 0.95 -16.64 1.74
CA GLU A 31 -0.12 -16.60 2.72
C GLU A 31 0.27 -17.41 3.97
N ARG A 32 0.45 -16.68 5.06
CA ARG A 32 0.82 -17.31 6.32
C ARG A 32 0.96 -16.26 7.41
N GLY A 33 0.79 -16.71 8.65
CA GLY A 33 0.89 -15.82 9.80
C GLY A 33 0.11 -16.37 11.00
N MET A 34 0.41 -17.61 11.33
CA MET A 34 -0.26 -18.26 12.45
C MET A 34 -1.77 -18.36 12.21
N PRO A 35 -2.40 -19.34 12.90
CA PRO A 35 -3.83 -19.55 12.77
C PRO A 35 -4.61 -18.48 13.52
N ARG A 36 -4.07 -18.10 14.66
CA ARG A 36 -4.70 -17.08 15.49
C ARG A 36 -5.09 -15.87 14.65
N ARG A 37 -4.11 -15.37 13.90
CA ARG A 37 -4.34 -14.22 13.04
C ARG A 37 -3.53 -14.35 11.75
N ARG A 38 -4.02 -15.21 10.87
CA ARG A 38 -3.36 -15.43 9.59
C ARG A 38 -2.97 -14.09 8.96
N GLU A 39 -1.84 -14.12 8.25
CA GLU A 39 -1.34 -12.93 7.59
C GLU A 39 -1.06 -13.22 6.12
N PHE A 40 -1.35 -12.22 5.29
CA PHE A 40 -1.13 -12.36 3.86
C PHE A 40 -0.13 -11.32 3.36
N VAL A 41 0.92 -11.81 2.72
CA VAL A 41 1.95 -10.94 2.19
C VAL A 41 1.58 -10.53 0.76
N MET A 42 1.42 -9.23 0.58
CA MET A 42 1.08 -8.69 -0.72
C MET A 42 2.18 -7.78 -1.26
N GLN A 43 2.31 -7.77 -2.58
CA GLN A 43 3.31 -6.95 -3.23
C GLN A 43 2.65 -5.97 -4.21
N VAL A 44 3.34 -4.87 -4.46
CA VAL A 44 2.84 -3.86 -5.36
C VAL A 44 4.00 -3.33 -6.22
N LYS A 45 3.74 -3.27 -7.53
CA LYS A 45 4.74 -2.79 -8.46
C LYS A 45 4.20 -1.57 -9.20
N VAL A 46 4.90 -0.46 -9.04
CA VAL A 46 4.51 0.78 -9.69
C VAL A 46 5.71 1.37 -10.45
N GLY A 47 5.61 1.32 -11.76
CA GLY A 47 6.67 1.84 -12.61
C GLY A 47 8.00 1.12 -12.33
N ASN A 48 8.90 1.86 -11.69
CA ASN A 48 10.21 1.32 -11.36
C ASN A 48 10.33 1.19 -9.84
N GLU A 49 9.18 1.09 -9.19
CA GLU A 49 9.14 0.97 -7.73
C GLU A 49 8.30 -0.23 -7.33
N VAL A 50 8.57 -0.72 -6.12
CA VAL A 50 7.86 -1.87 -5.60
C VAL A 50 7.62 -1.69 -4.10
N ALA A 51 6.58 -2.34 -3.61
CA ALA A 51 6.25 -2.25 -2.19
C ALA A 51 5.54 -3.55 -1.76
N THR A 52 5.26 -3.62 -0.47
CA THR A 52 4.60 -4.79 0.08
C THR A 52 3.64 -4.38 1.19
N GLY A 53 2.67 -5.24 1.44
CA GLY A 53 1.67 -4.98 2.48
C GLY A 53 1.25 -6.27 3.17
N THR A 54 0.87 -6.13 4.43
CA THR A 54 0.45 -7.28 5.21
C THR A 54 -0.80 -6.93 6.04
N GLY A 55 -1.62 -7.94 6.28
CA GLY A 55 -2.83 -7.76 7.04
C GLY A 55 -3.47 -9.10 7.41
N PRO A 56 -4.75 -9.03 7.84
CA PRO A 56 -5.48 -10.24 8.23
C PRO A 56 -5.91 -11.03 6.99
N ASN A 57 -5.91 -10.35 5.86
CA ASN A 57 -6.29 -10.98 4.62
C ASN A 57 -5.60 -10.26 3.44
N LYS A 58 -5.47 -10.98 2.34
CA LYS A 58 -4.83 -10.43 1.16
C LYS A 58 -5.45 -9.05 0.85
N LYS A 59 -6.77 -9.02 0.84
CA LYS A 59 -7.48 -7.79 0.56
C LYS A 59 -6.76 -6.62 1.23
N ILE A 60 -6.73 -6.67 2.56
CA ILE A 60 -6.08 -5.63 3.34
C ILE A 60 -4.60 -5.57 2.97
N ALA A 61 -4.02 -6.76 2.82
CA ALA A 61 -2.61 -6.86 2.46
C ALA A 61 -2.32 -5.93 1.28
N LYS A 62 -3.16 -6.04 0.27
CA LYS A 62 -3.00 -5.21 -0.92
C LYS A 62 -3.02 -3.74 -0.52
N LYS A 63 -4.02 -3.39 0.28
CA LYS A 63 -4.16 -2.02 0.75
C LYS A 63 -2.87 -1.58 1.45
N ASN A 64 -2.33 -2.49 2.24
CA ASN A 64 -1.11 -2.21 2.97
C ASN A 64 0.05 -2.07 1.98
N ALA A 65 -0.09 -2.76 0.85
CA ALA A 65 0.93 -2.71 -0.18
C ALA A 65 1.01 -1.29 -0.76
N ALA A 66 -0.14 -0.78 -1.14
CA ALA A 66 -0.21 0.56 -1.70
C ALA A 66 0.28 1.57 -0.66
N GLU A 67 -0.18 1.37 0.56
CA GLU A 67 0.20 2.26 1.65
C GLU A 67 1.72 2.42 1.70
N ALA A 68 2.41 1.28 1.73
CA ALA A 68 3.85 1.28 1.78
C ALA A 68 4.40 2.00 0.55
N MET A 69 3.76 1.74 -0.59
CA MET A 69 4.18 2.34 -1.84
C MET A 69 4.03 3.87 -1.78
N LEU A 70 2.85 4.30 -1.35
CA LEU A 70 2.56 5.72 -1.24
C LEU A 70 3.51 6.35 -0.22
N LEU A 71 3.82 5.58 0.81
CA LEU A 71 4.72 6.06 1.85
C LEU A 71 6.13 6.23 1.27
N GLN A 72 6.49 5.31 0.40
CA GLN A 72 7.79 5.33 -0.23
C GLN A 72 7.84 6.43 -1.31
N LEU A 73 6.73 6.56 -2.02
CA LEU A 73 6.62 7.56 -3.07
C LEU A 73 6.76 8.95 -2.45
N GLY A 74 6.32 9.06 -1.20
CA GLY A 74 6.39 10.32 -0.50
C GLY A 74 5.03 11.03 -0.51
N TYR A 75 3.98 10.22 -0.45
CA TYR A 75 2.63 10.75 -0.45
C TYR A 75 2.00 10.62 0.94
N LYS A 76 2.63 9.82 1.78
CA LYS A 76 2.15 9.61 3.13
C LYS A 76 3.32 9.64 4.10
N ALA A 77 4.40 10.27 3.66
CA ALA A 77 5.60 10.39 4.47
C ALA A 77 5.40 11.49 5.51
N SER A 78 5.05 12.67 5.01
CA SER A 78 4.82 13.82 5.88
C SER A 78 4.02 13.39 7.12
N THR A 79 2.83 12.89 6.86
CA THR A 79 1.95 12.45 7.93
C THR A 79 2.64 11.36 8.76
N SER A 80 3.09 10.32 8.06
CA SER A 80 3.76 9.21 8.72
C SER A 80 4.71 9.74 9.81
N LEU A 81 5.67 10.53 9.35
CA LEU A 81 6.65 11.10 10.26
C LEU A 81 5.92 11.72 11.47
N GLN A 82 5.16 12.77 11.19
CA GLN A 82 4.41 13.44 12.23
C GLN A 82 3.84 12.42 13.22
N ASP A 83 2.99 11.55 12.71
CA ASP A 83 2.37 10.53 13.53
C ASP A 83 3.41 9.97 14.51
N SER A 84 4.50 9.47 13.92
CA SER A 84 5.57 8.89 14.72
C SER A 84 6.09 9.92 15.73
N GLY A 85 6.37 11.12 15.22
CA GLY A 85 6.86 12.20 16.07
C GLY A 85 7.16 13.45 15.24
N PRO A 86 6.42 14.54 15.57
CA PRO A 86 6.59 15.80 14.86
C PRO A 86 7.88 16.50 15.30
N SER A 87 8.24 17.54 14.56
CA SER A 87 9.44 18.29 14.87
C SER A 87 10.67 17.42 14.65
N SER A 88 11.79 18.08 14.35
CA SER A 88 13.04 17.38 14.13
C SER A 88 12.91 16.48 12.88
N GLY A 89 13.89 16.61 12.01
CA GLY A 89 13.91 15.82 10.79
C GLY A 89 14.73 16.51 9.70
N GLY A 1 -8.60 -4.27 -7.22
CA GLY A 1 -9.96 -4.78 -7.19
C GLY A 1 -10.61 -4.55 -5.82
N SER A 2 -11.93 -4.38 -5.86
CA SER A 2 -12.68 -4.15 -4.64
C SER A 2 -12.15 -2.90 -3.93
N SER A 3 -12.79 -1.77 -4.21
CA SER A 3 -12.40 -0.51 -3.62
C SER A 3 -13.61 0.17 -2.98
N GLY A 4 -13.33 1.17 -2.16
CA GLY A 4 -14.39 1.91 -1.49
C GLY A 4 -13.81 2.84 -0.42
N SER A 5 -14.24 4.10 -0.49
CA SER A 5 -13.77 5.09 0.45
C SER A 5 -12.27 5.31 0.29
N SER A 6 -11.82 6.49 0.69
CA SER A 6 -10.42 6.85 0.58
C SER A 6 -9.56 5.67 1.06
N GLY A 7 -8.95 5.01 0.09
CA GLY A 7 -8.09 3.88 0.39
C GLY A 7 -6.69 4.07 -0.20
N PRO A 8 -5.80 3.08 0.09
CA PRO A 8 -4.43 3.14 -0.41
C PRO A 8 -4.37 2.80 -1.90
N ILE A 9 -5.28 1.93 -2.30
CA ILE A 9 -5.35 1.51 -3.70
C ILE A 9 -5.78 2.70 -4.56
N SER A 10 -7.06 3.03 -4.46
CA SER A 10 -7.61 4.13 -5.22
C SER A 10 -6.61 5.29 -5.28
N ARG A 11 -6.00 5.56 -4.13
CA ARG A 11 -5.03 6.63 -4.04
C ARG A 11 -3.84 6.34 -4.96
N LEU A 12 -3.32 5.13 -4.85
CA LEU A 12 -2.19 4.71 -5.66
C LEU A 12 -2.61 4.68 -7.13
N ALA A 13 -3.75 4.06 -7.37
CA ALA A 13 -4.27 3.96 -8.73
C ALA A 13 -4.41 5.36 -9.33
N GLN A 14 -4.92 6.26 -8.51
CA GLN A 14 -5.11 7.64 -8.94
C GLN A 14 -3.77 8.28 -9.31
N ILE A 15 -2.72 7.76 -8.68
CA ILE A 15 -1.38 8.26 -8.94
C ILE A 15 -0.83 7.62 -10.22
N GLN A 16 -1.21 6.37 -10.42
CA GLN A 16 -0.76 5.64 -11.60
C GLN A 16 -1.43 6.20 -12.86
N GLN A 17 -2.62 6.77 -12.66
CA GLN A 17 -3.36 7.34 -13.77
C GLN A 17 -3.01 8.82 -13.93
N ALA A 18 -2.99 9.52 -12.80
CA ALA A 18 -2.67 10.94 -12.81
C ALA A 18 -1.27 11.15 -13.40
N ARG A 19 -0.41 10.18 -13.13
CA ARG A 19 0.96 10.23 -13.62
C ARG A 19 1.01 9.80 -15.09
N LYS A 20 -0.06 9.16 -15.52
CA LYS A 20 -0.15 8.69 -16.89
C LYS A 20 0.94 7.64 -17.14
N GLU A 21 1.27 6.92 -16.09
CA GLU A 21 2.29 5.88 -16.17
C GLU A 21 1.65 4.53 -16.47
N LYS A 22 0.93 4.01 -15.48
CA LYS A 22 0.26 2.73 -15.62
C LYS A 22 -0.13 2.21 -14.24
N GLU A 23 -1.38 1.77 -14.14
CA GLU A 23 -1.90 1.26 -12.90
C GLU A 23 -0.84 0.41 -12.18
N PRO A 24 -1.03 0.24 -10.86
CA PRO A 24 -0.10 -0.55 -10.06
C PRO A 24 -0.29 -2.04 -10.32
N ASP A 25 0.83 -2.77 -10.22
CA ASP A 25 0.80 -4.20 -10.44
C ASP A 25 0.97 -4.92 -9.10
N TYR A 26 -0.13 -5.46 -8.61
CA TYR A 26 -0.12 -6.18 -7.34
C TYR A 26 0.23 -7.65 -7.55
N ILE A 27 1.07 -8.16 -6.67
CA ILE A 27 1.49 -9.55 -6.74
C ILE A 27 1.46 -10.15 -5.33
N LEU A 28 0.86 -11.33 -5.24
CA LEU A 28 0.77 -12.03 -3.97
C LEU A 28 2.11 -12.72 -3.67
N LEU A 29 2.67 -12.37 -2.52
CA LEU A 29 3.94 -12.94 -2.10
C LEU A 29 3.69 -14.33 -1.50
N SER A 30 2.92 -14.34 -0.42
CA SER A 30 2.60 -15.58 0.27
C SER A 30 1.50 -15.35 1.30
N GLU A 31 1.07 -16.43 1.92
CA GLU A 31 0.02 -16.36 2.92
C GLU A 31 0.29 -17.36 4.05
N ARG A 32 0.33 -16.83 5.27
CA ARG A 32 0.58 -17.66 6.43
C ARG A 32 0.35 -16.86 7.71
N GLY A 33 0.19 -17.58 8.80
CA GLY A 33 -0.04 -16.95 10.10
C GLY A 33 -1.04 -17.75 10.93
N MET A 34 -1.09 -17.40 12.22
CA MET A 34 -2.00 -18.08 13.13
C MET A 34 -3.41 -18.18 12.54
N PRO A 35 -4.19 -19.15 13.07
CA PRO A 35 -5.55 -19.35 12.62
C PRO A 35 -6.48 -18.26 13.14
N ARG A 36 -6.12 -17.73 14.30
CA ARG A 36 -6.91 -16.67 14.92
C ARG A 36 -6.79 -15.38 14.12
N ARG A 37 -5.57 -15.08 13.72
CA ARG A 37 -5.30 -13.88 12.95
C ARG A 37 -4.30 -14.17 11.83
N ARG A 38 -4.79 -14.80 10.78
CA ARG A 38 -3.96 -15.15 9.64
C ARG A 38 -3.27 -13.89 9.09
N GLU A 39 -2.21 -14.13 8.33
CA GLU A 39 -1.46 -13.04 7.74
C GLU A 39 -1.15 -13.33 6.27
N PHE A 40 -1.27 -12.30 5.46
CA PHE A 40 -1.01 -12.43 4.04
C PHE A 40 -0.04 -11.36 3.55
N VAL A 41 0.88 -11.77 2.68
CA VAL A 41 1.87 -10.86 2.14
C VAL A 41 1.43 -10.43 0.74
N MET A 42 1.57 -9.13 0.49
CA MET A 42 1.20 -8.57 -0.80
C MET A 42 2.33 -7.70 -1.36
N GLN A 43 2.40 -7.67 -2.68
CA GLN A 43 3.42 -6.89 -3.36
C GLN A 43 2.77 -5.90 -4.35
N VAL A 44 3.47 -4.80 -4.58
CA VAL A 44 2.97 -3.78 -5.49
C VAL A 44 4.13 -3.28 -6.36
N LYS A 45 3.88 -3.22 -7.65
CA LYS A 45 4.88 -2.75 -8.59
C LYS A 45 4.34 -1.55 -9.36
N VAL A 46 5.01 -0.42 -9.19
CA VAL A 46 4.61 0.81 -9.87
C VAL A 46 5.80 1.39 -10.63
N GLY A 47 5.72 1.32 -11.94
CA GLY A 47 6.78 1.83 -12.78
C GLY A 47 8.11 1.12 -12.49
N ASN A 48 8.98 1.85 -11.79
CA ASN A 48 10.28 1.30 -11.44
C ASN A 48 10.40 1.21 -9.91
N GLU A 49 9.24 1.12 -9.27
CA GLU A 49 9.19 1.03 -7.82
C GLU A 49 8.38 -0.19 -7.40
N VAL A 50 8.69 -0.67 -6.20
CA VAL A 50 7.99 -1.83 -5.66
C VAL A 50 7.71 -1.61 -4.18
N ALA A 51 6.66 -2.25 -3.70
CA ALA A 51 6.29 -2.13 -2.30
C ALA A 51 5.63 -3.44 -1.84
N THR A 52 5.44 -3.55 -0.53
CA THR A 52 4.83 -4.73 0.04
C THR A 52 3.81 -4.34 1.12
N GLY A 53 2.86 -5.23 1.35
CA GLY A 53 1.83 -4.99 2.34
C GLY A 53 1.47 -6.29 3.08
N THR A 54 0.98 -6.11 4.30
CA THR A 54 0.59 -7.25 5.12
C THR A 54 -0.60 -6.88 6.00
N GLY A 55 -1.45 -7.88 6.23
CA GLY A 55 -2.63 -7.67 7.05
C GLY A 55 -3.21 -9.01 7.51
N PRO A 56 -4.46 -8.95 8.05
CA PRO A 56 -5.14 -10.14 8.53
C PRO A 56 -5.64 -10.99 7.37
N ASN A 57 -5.85 -10.33 6.24
CA ASN A 57 -6.33 -11.00 5.05
C ASN A 57 -5.61 -10.45 3.82
N LYS A 58 -5.77 -11.15 2.71
CA LYS A 58 -5.14 -10.74 1.46
C LYS A 58 -5.58 -9.32 1.12
N LYS A 59 -6.89 -9.11 1.16
CA LYS A 59 -7.45 -7.80 0.86
C LYS A 59 -6.57 -6.71 1.49
N ILE A 60 -6.73 -6.57 2.80
CA ILE A 60 -5.96 -5.57 3.53
C ILE A 60 -4.49 -5.64 3.09
N ALA A 61 -3.96 -6.85 3.09
CA ALA A 61 -2.58 -7.07 2.70
C ALA A 61 -2.29 -6.27 1.42
N LYS A 62 -3.31 -6.18 0.58
CA LYS A 62 -3.19 -5.46 -0.67
C LYS A 62 -3.20 -3.95 -0.40
N LYS A 63 -4.12 -3.55 0.47
CA LYS A 63 -4.24 -2.15 0.83
C LYS A 63 -2.94 -1.67 1.47
N ASN A 64 -2.39 -2.53 2.32
CA ASN A 64 -1.15 -2.21 3.01
C ASN A 64 -0.03 -2.06 1.98
N ALA A 65 -0.15 -2.80 0.90
CA ALA A 65 0.84 -2.76 -0.16
C ALA A 65 0.88 -1.35 -0.75
N ALA A 66 -0.27 -0.90 -1.22
CA ALA A 66 -0.37 0.42 -1.81
C ALA A 66 0.11 1.47 -0.80
N GLU A 67 -0.26 1.24 0.46
CA GLU A 67 0.13 2.16 1.53
C GLU A 67 1.64 2.34 1.54
N ALA A 68 2.34 1.23 1.62
CA ALA A 68 3.79 1.26 1.65
C ALA A 68 4.30 2.03 0.43
N MET A 69 3.74 1.70 -0.72
CA MET A 69 4.12 2.34 -1.96
C MET A 69 3.97 3.87 -1.86
N LEU A 70 2.83 4.28 -1.32
CA LEU A 70 2.56 5.70 -1.16
C LEU A 70 3.44 6.25 -0.04
N LEU A 71 3.77 5.39 0.90
CA LEU A 71 4.61 5.78 2.02
C LEU A 71 6.06 5.95 1.54
N GLN A 72 6.47 5.04 0.67
CA GLN A 72 7.81 5.08 0.13
C GLN A 72 7.95 6.21 -0.89
N LEU A 73 6.89 6.38 -1.67
CA LEU A 73 6.88 7.43 -2.68
C LEU A 73 7.04 8.79 -2.00
N GLY A 74 6.28 8.98 -0.93
CA GLY A 74 6.33 10.22 -0.18
C GLY A 74 4.98 10.93 -0.21
N TYR A 75 3.93 10.12 -0.28
CA TYR A 75 2.58 10.65 -0.31
C TYR A 75 1.87 10.43 1.02
N LYS A 76 2.33 9.42 1.74
CA LYS A 76 1.76 9.09 3.03
C LYS A 76 2.86 9.06 4.08
N ALA A 77 3.97 9.70 3.76
CA ALA A 77 5.11 9.75 4.66
C ALA A 77 4.86 10.81 5.72
N SER A 78 4.68 12.05 5.25
CA SER A 78 4.42 13.15 6.15
C SER A 78 3.50 12.72 7.29
N THR A 79 2.31 12.28 6.91
CA THR A 79 1.33 11.83 7.88
C THR A 79 1.93 10.75 8.78
N SER A 80 2.56 9.77 8.14
CA SER A 80 3.17 8.67 8.87
C SER A 80 3.96 9.21 10.06
N LEU A 81 4.98 9.98 9.75
CA LEU A 81 5.83 10.57 10.78
C LEU A 81 4.94 11.28 11.80
N GLN A 82 4.15 12.22 11.30
CA GLN A 82 3.26 12.99 12.15
C GLN A 82 2.60 12.07 13.19
N ASP A 83 2.00 11.00 12.69
CA ASP A 83 1.33 10.05 13.55
C ASP A 83 2.33 9.49 14.56
N SER A 84 3.45 9.02 14.04
CA SER A 84 4.50 8.46 14.88
C SER A 84 4.88 9.46 15.97
N GLY A 85 4.90 10.73 15.58
CA GLY A 85 5.25 11.79 16.52
C GLY A 85 5.02 13.17 15.89
N PRO A 86 4.85 14.18 16.79
CA PRO A 86 4.61 15.54 16.34
C PRO A 86 5.91 16.17 15.83
N SER A 87 6.91 16.20 16.69
CA SER A 87 8.20 16.78 16.34
C SER A 87 8.09 18.30 16.24
N SER A 88 7.30 18.75 15.28
CA SER A 88 7.10 20.17 15.07
C SER A 88 8.38 20.80 14.51
N GLY A 89 8.22 21.48 13.39
CA GLY A 89 9.35 22.14 12.75
C GLY A 89 10.43 21.12 12.36
N GLY A 1 -12.61 0.59 -13.33
CA GLY A 1 -13.87 0.53 -12.61
C GLY A 1 -14.08 1.78 -11.76
N SER A 2 -15.33 2.04 -11.42
CA SER A 2 -15.68 3.19 -10.62
C SER A 2 -16.26 2.74 -9.28
N SER A 3 -15.38 2.58 -8.31
CA SER A 3 -15.80 2.15 -6.99
C SER A 3 -15.31 3.15 -5.93
N GLY A 4 -16.05 4.24 -5.81
CA GLY A 4 -15.70 5.28 -4.86
C GLY A 4 -14.20 5.58 -4.89
N SER A 5 -13.74 6.23 -3.84
CA SER A 5 -12.33 6.58 -3.73
C SER A 5 -12.00 6.97 -2.29
N SER A 6 -11.42 6.03 -1.57
CA SER A 6 -11.04 6.26 -0.19
C SER A 6 -10.24 5.07 0.34
N GLY A 7 -8.94 5.09 0.03
CA GLY A 7 -8.06 4.03 0.47
C GLY A 7 -6.66 4.20 -0.13
N PRO A 8 -5.77 3.22 0.19
CA PRO A 8 -4.40 3.26 -0.31
C PRO A 8 -4.35 2.86 -1.79
N ILE A 9 -5.28 2.01 -2.17
CA ILE A 9 -5.35 1.56 -3.55
C ILE A 9 -5.74 2.72 -4.45
N SER A 10 -7.01 3.09 -4.38
CA SER A 10 -7.51 4.20 -5.18
C SER A 10 -6.47 5.31 -5.26
N ARG A 11 -5.91 5.64 -4.10
CA ARG A 11 -4.91 6.69 -4.02
C ARG A 11 -3.72 6.35 -4.92
N LEU A 12 -3.27 5.10 -4.81
CA LEU A 12 -2.14 4.64 -5.60
C LEU A 12 -2.54 4.63 -7.08
N ALA A 13 -3.69 4.02 -7.34
CA ALA A 13 -4.19 3.93 -8.71
C ALA A 13 -4.31 5.33 -9.29
N GLN A 14 -4.87 6.22 -8.49
CA GLN A 14 -5.04 7.60 -8.92
C GLN A 14 -3.70 8.24 -9.26
N ILE A 15 -2.66 7.75 -8.59
CA ILE A 15 -1.32 8.26 -8.80
C ILE A 15 -0.75 7.66 -10.08
N GLN A 16 -1.11 6.40 -10.31
CA GLN A 16 -0.65 5.69 -11.51
C GLN A 16 -1.28 6.30 -12.76
N GLN A 17 -2.52 6.73 -12.61
CA GLN A 17 -3.26 7.34 -13.71
C GLN A 17 -2.91 8.82 -13.83
N ALA A 18 -2.91 9.49 -12.69
CA ALA A 18 -2.61 10.91 -12.66
C ALA A 18 -1.20 11.14 -13.20
N ARG A 19 -0.34 10.16 -12.97
CA ARG A 19 1.03 10.23 -13.43
C ARG A 19 1.11 9.89 -14.92
N LYS A 20 0.07 9.25 -15.41
CA LYS A 20 0.01 8.87 -16.81
C LYS A 20 1.09 7.83 -17.10
N GLU A 21 1.33 6.99 -16.11
CA GLU A 21 2.33 5.94 -16.25
C GLU A 21 1.67 4.60 -16.53
N LYS A 22 1.04 4.05 -15.50
CA LYS A 22 0.36 2.77 -15.63
C LYS A 22 -0.04 2.28 -14.24
N GLU A 23 -1.28 1.82 -14.13
CA GLU A 23 -1.81 1.32 -12.88
C GLU A 23 -0.75 0.46 -12.18
N PRO A 24 -0.95 0.28 -10.85
CA PRO A 24 -0.03 -0.52 -10.05
C PRO A 24 -0.22 -2.01 -10.32
N ASP A 25 0.86 -2.76 -10.15
CA ASP A 25 0.82 -4.20 -10.36
C ASP A 25 1.01 -4.92 -9.03
N TYR A 26 -0.09 -5.45 -8.51
CA TYR A 26 -0.06 -6.16 -7.25
C TYR A 26 0.27 -7.64 -7.46
N ILE A 27 1.12 -8.16 -6.59
CA ILE A 27 1.53 -9.55 -6.67
C ILE A 27 1.45 -10.18 -5.28
N LEU A 28 0.73 -11.29 -5.21
CA LEU A 28 0.57 -12.00 -3.95
C LEU A 28 1.86 -12.78 -3.65
N LEU A 29 2.52 -12.37 -2.58
CA LEU A 29 3.76 -13.03 -2.18
C LEU A 29 3.44 -14.41 -1.61
N SER A 30 2.66 -14.40 -0.54
CA SER A 30 2.27 -15.64 0.11
C SER A 30 1.21 -15.36 1.18
N GLU A 31 1.00 -16.35 2.04
CA GLU A 31 0.03 -16.22 3.11
C GLU A 31 0.27 -17.29 4.17
N ARG A 32 0.63 -16.83 5.36
CA ARG A 32 0.90 -17.73 6.47
C ARG A 32 0.63 -17.02 7.80
N GLY A 33 0.90 -17.73 8.88
CA GLY A 33 0.71 -17.19 10.22
C GLY A 33 -0.43 -17.91 10.94
N MET A 34 -0.58 -17.59 12.21
CA MET A 34 -1.61 -18.20 13.04
C MET A 34 -2.98 -18.08 12.36
N PRO A 35 -3.93 -18.93 12.82
CA PRO A 35 -5.28 -18.92 12.27
C PRO A 35 -6.07 -17.72 12.78
N ARG A 36 -5.87 -17.41 14.05
CA ARG A 36 -6.55 -16.28 14.66
C ARG A 36 -6.59 -15.09 13.71
N ARG A 37 -5.39 -14.69 13.27
CA ARG A 37 -5.27 -13.58 12.35
C ARG A 37 -4.19 -13.86 11.31
N ARG A 38 -4.53 -14.73 10.36
CA ARG A 38 -3.59 -15.10 9.31
C ARG A 38 -2.85 -13.86 8.82
N GLU A 39 -1.72 -14.12 8.15
CA GLU A 39 -0.91 -13.05 7.63
C GLU A 39 -0.65 -13.26 6.13
N PHE A 40 -1.18 -12.34 5.33
CA PHE A 40 -1.01 -12.41 3.89
C PHE A 40 0.00 -11.38 3.41
N VAL A 41 0.98 -11.86 2.66
CA VAL A 41 2.01 -10.99 2.12
C VAL A 41 1.61 -10.54 0.72
N MET A 42 1.52 -9.22 0.56
CA MET A 42 1.15 -8.65 -0.72
C MET A 42 2.26 -7.75 -1.26
N GLN A 43 2.39 -7.74 -2.58
CA GLN A 43 3.40 -6.94 -3.24
C GLN A 43 2.75 -5.96 -4.22
N VAL A 44 3.44 -4.85 -4.45
CA VAL A 44 2.94 -3.84 -5.36
C VAL A 44 4.11 -3.30 -6.20
N LYS A 45 3.86 -3.22 -7.51
CA LYS A 45 4.87 -2.73 -8.43
C LYS A 45 4.34 -1.49 -9.15
N VAL A 46 5.07 -0.41 -9.00
CA VAL A 46 4.67 0.85 -9.63
C VAL A 46 5.88 1.44 -10.37
N GLY A 47 5.81 1.40 -11.69
CA GLY A 47 6.87 1.93 -12.52
C GLY A 47 8.20 1.23 -12.21
N ASN A 48 9.08 1.97 -11.55
CA ASN A 48 10.38 1.42 -11.19
C ASN A 48 10.49 1.31 -9.67
N GLU A 49 9.32 1.16 -9.04
CA GLU A 49 9.27 1.04 -7.59
C GLU A 49 8.42 -0.17 -7.20
N VAL A 50 8.67 -0.65 -5.99
CA VAL A 50 7.95 -1.80 -5.48
C VAL A 50 7.65 -1.60 -3.99
N ALA A 51 6.60 -2.26 -3.53
CA ALA A 51 6.21 -2.16 -2.13
C ALA A 51 5.53 -3.47 -1.70
N THR A 52 5.27 -3.55 -0.41
CA THR A 52 4.62 -4.73 0.14
C THR A 52 3.61 -4.35 1.21
N GLY A 53 2.67 -5.25 1.45
CA GLY A 53 1.63 -5.00 2.45
C GLY A 53 1.22 -6.31 3.14
N THR A 54 0.89 -6.19 4.42
CA THR A 54 0.48 -7.34 5.19
C THR A 54 -0.79 -7.03 5.98
N GLY A 55 -1.56 -8.07 6.26
CA GLY A 55 -2.79 -7.93 6.99
C GLY A 55 -3.37 -9.29 7.38
N PRO A 56 -4.65 -9.27 7.85
CA PRO A 56 -5.32 -10.49 8.24
C PRO A 56 -5.75 -11.31 7.03
N ASN A 57 -5.94 -10.60 5.91
CA ASN A 57 -6.34 -11.24 4.68
C ASN A 57 -5.60 -10.61 3.51
N LYS A 58 -5.70 -11.26 2.36
CA LYS A 58 -5.03 -10.78 1.17
C LYS A 58 -5.50 -9.35 0.87
N LYS A 59 -6.81 -9.18 0.84
CA LYS A 59 -7.40 -7.88 0.57
C LYS A 59 -6.59 -6.80 1.30
N ILE A 60 -6.80 -6.73 2.60
CA ILE A 60 -6.09 -5.75 3.41
C ILE A 60 -4.61 -5.73 3.01
N ALA A 61 -3.99 -6.90 3.06
CA ALA A 61 -2.60 -7.01 2.70
C ALA A 61 -2.32 -6.20 1.44
N LYS A 62 -3.33 -6.16 0.58
CA LYS A 62 -3.22 -5.41 -0.67
C LYS A 62 -3.22 -3.91 -0.38
N LYS A 63 -4.16 -3.51 0.47
CA LYS A 63 -4.28 -2.11 0.84
C LYS A 63 -2.97 -1.65 1.48
N ASN A 64 -2.45 -2.48 2.37
CA ASN A 64 -1.21 -2.16 3.05
C ASN A 64 -0.08 -2.04 2.02
N ALA A 65 -0.23 -2.77 0.93
CA ALA A 65 0.76 -2.74 -0.13
C ALA A 65 0.81 -1.34 -0.74
N ALA A 66 -0.35 -0.87 -1.17
CA ALA A 66 -0.45 0.45 -1.77
C ALA A 66 0.07 1.50 -0.78
N GLU A 67 -0.29 1.31 0.48
CA GLU A 67 0.13 2.22 1.52
C GLU A 67 1.65 2.42 1.46
N ALA A 68 2.37 1.32 1.63
CA ALA A 68 3.82 1.36 1.60
C ALA A 68 4.29 2.12 0.35
N MET A 69 3.73 1.70 -0.78
CA MET A 69 4.08 2.33 -2.05
C MET A 69 3.94 3.85 -1.97
N LEU A 70 2.81 4.29 -1.44
CA LEU A 70 2.54 5.71 -1.31
C LEU A 70 3.56 6.32 -0.33
N LEU A 71 3.85 5.55 0.71
CA LEU A 71 4.80 6.00 1.71
C LEU A 71 6.19 6.16 1.08
N GLN A 72 6.52 5.21 0.22
CA GLN A 72 7.80 5.24 -0.47
C GLN A 72 7.80 6.32 -1.56
N LEU A 73 6.67 6.44 -2.24
CA LEU A 73 6.54 7.42 -3.29
C LEU A 73 6.76 8.82 -2.71
N GLY A 74 6.14 9.06 -1.57
CA GLY A 74 6.26 10.35 -0.91
C GLY A 74 4.90 11.03 -0.78
N TYR A 75 3.88 10.21 -0.58
CA TYR A 75 2.53 10.73 -0.44
C TYR A 75 2.04 10.65 1.01
N LYS A 76 2.59 9.67 1.71
CA LYS A 76 2.24 9.46 3.11
C LYS A 76 3.49 9.57 3.98
N ALA A 77 4.48 10.27 3.43
CA ALA A 77 5.74 10.45 4.14
C ALA A 77 5.61 11.63 5.10
N SER A 78 5.31 12.79 4.52
CA SER A 78 5.15 13.99 5.32
C SER A 78 4.41 13.68 6.62
N THR A 79 3.22 13.12 6.47
CA THR A 79 2.42 12.77 7.63
C THR A 79 3.17 11.80 8.54
N SER A 80 3.65 10.72 7.94
CA SER A 80 4.39 9.73 8.69
C SER A 80 5.39 10.41 9.63
N LEU A 81 6.35 11.09 9.03
CA LEU A 81 7.36 11.80 9.80
C LEU A 81 6.69 12.56 10.94
N GLN A 82 5.88 13.54 10.55
CA GLN A 82 5.17 14.35 11.53
C GLN A 82 4.70 13.48 12.70
N ASP A 83 3.86 12.51 12.38
CA ASP A 83 3.33 11.62 13.40
C ASP A 83 4.45 11.25 14.37
N SER A 84 5.52 10.69 13.82
CA SER A 84 6.66 10.30 14.63
C SER A 84 7.18 11.49 15.42
N GLY A 85 7.40 12.58 14.71
CA GLY A 85 7.89 13.80 15.32
C GLY A 85 7.35 15.04 14.61
N PRO A 86 6.44 15.76 15.33
CA PRO A 86 5.83 16.96 14.78
C PRO A 86 6.82 18.13 14.81
N SER A 87 7.35 18.39 16.00
CA SER A 87 8.30 19.46 16.17
C SER A 87 9.72 18.90 16.34
N SER A 88 9.88 18.10 17.38
CA SER A 88 11.16 17.49 17.67
C SER A 88 10.96 16.16 18.40
N GLY A 89 11.85 15.21 18.11
CA GLY A 89 11.78 13.91 18.72
C GLY A 89 12.59 13.87 20.03
N GLY A 1 -12.69 -8.05 -9.60
CA GLY A 1 -13.55 -6.87 -9.57
C GLY A 1 -12.77 -5.62 -9.97
N SER A 2 -13.48 -4.51 -10.03
CA SER A 2 -12.88 -3.23 -10.39
C SER A 2 -13.62 -2.08 -9.73
N SER A 3 -13.16 -1.74 -8.53
CA SER A 3 -13.77 -0.66 -7.77
C SER A 3 -12.93 -0.35 -6.54
N GLY A 4 -12.91 0.94 -6.19
CA GLY A 4 -12.15 1.39 -5.03
C GLY A 4 -12.47 2.84 -4.70
N SER A 5 -12.99 3.04 -3.50
CA SER A 5 -13.35 4.38 -3.05
C SER A 5 -12.73 4.65 -1.69
N SER A 6 -12.00 5.76 -1.61
CA SER A 6 -11.35 6.14 -0.37
C SER A 6 -10.55 4.96 0.19
N GLY A 7 -9.30 4.89 -0.23
CA GLY A 7 -8.43 3.82 0.22
C GLY A 7 -7.00 4.01 -0.30
N PRO A 8 -6.10 3.10 0.13
CA PRO A 8 -4.70 3.16 -0.27
C PRO A 8 -4.54 2.68 -1.72
N ILE A 9 -5.40 1.75 -2.10
CA ILE A 9 -5.36 1.20 -3.44
C ILE A 9 -5.66 2.31 -4.46
N SER A 10 -6.90 2.78 -4.43
CA SER A 10 -7.32 3.83 -5.34
C SER A 10 -6.27 4.94 -5.37
N ARG A 11 -5.94 5.44 -4.18
CA ARG A 11 -4.95 6.50 -4.07
C ARG A 11 -3.75 6.22 -4.98
N LEU A 12 -3.31 4.97 -4.95
CA LEU A 12 -2.18 4.55 -5.76
C LEU A 12 -2.59 4.55 -7.23
N ALA A 13 -3.74 3.96 -7.50
CA ALA A 13 -4.25 3.89 -8.85
C ALA A 13 -4.38 5.30 -9.42
N GLN A 14 -4.83 6.21 -8.56
CA GLN A 14 -5.01 7.60 -8.96
C GLN A 14 -3.66 8.22 -9.29
N ILE A 15 -2.62 7.67 -8.67
CA ILE A 15 -1.27 8.18 -8.89
C ILE A 15 -0.71 7.56 -10.18
N GLN A 16 -1.11 6.33 -10.44
CA GLN A 16 -0.65 5.62 -11.62
C GLN A 16 -1.29 6.24 -12.88
N GLN A 17 -2.47 6.83 -12.69
CA GLN A 17 -3.17 7.44 -13.79
C GLN A 17 -2.76 8.92 -13.93
N ALA A 18 -2.71 9.58 -12.78
CA ALA A 18 -2.34 10.99 -12.76
C ALA A 18 -0.90 11.13 -13.29
N ARG A 19 -0.12 10.10 -13.07
CA ARG A 19 1.27 10.10 -13.52
C ARG A 19 1.35 9.74 -15.00
N LYS A 20 0.28 9.12 -15.48
CA LYS A 20 0.21 8.73 -16.89
C LYS A 20 1.25 7.64 -17.15
N GLU A 21 1.56 6.90 -16.10
CA GLU A 21 2.53 5.81 -16.20
C GLU A 21 1.83 4.49 -16.51
N LYS A 22 1.19 3.95 -15.49
CA LYS A 22 0.48 2.69 -15.63
C LYS A 22 0.03 2.20 -14.25
N GLU A 23 -1.22 1.75 -14.19
CA GLU A 23 -1.77 1.25 -12.95
C GLU A 23 -0.73 0.39 -12.22
N PRO A 24 -0.97 0.22 -10.88
CA PRO A 24 -0.06 -0.57 -10.06
C PRO A 24 -0.27 -2.06 -10.32
N ASP A 25 0.83 -2.80 -10.20
CA ASP A 25 0.79 -4.23 -10.42
C ASP A 25 0.98 -4.96 -9.08
N TYR A 26 -0.13 -5.47 -8.56
CA TYR A 26 -0.10 -6.17 -7.29
C TYR A 26 0.22 -7.66 -7.50
N ILE A 27 1.11 -8.17 -6.66
CA ILE A 27 1.51 -9.56 -6.74
C ILE A 27 1.41 -10.20 -5.36
N LEU A 28 0.81 -11.38 -5.32
CA LEU A 28 0.66 -12.10 -4.06
C LEU A 28 1.95 -12.84 -3.73
N LEU A 29 2.61 -12.38 -2.69
CA LEU A 29 3.86 -12.99 -2.26
C LEU A 29 3.58 -14.39 -1.72
N SER A 30 2.80 -14.44 -0.66
CA SER A 30 2.45 -15.70 -0.04
C SER A 30 1.37 -15.48 1.03
N GLU A 31 1.02 -16.56 1.71
CA GLU A 31 0.01 -16.51 2.76
C GLU A 31 0.38 -17.45 3.90
N ARG A 32 0.46 -16.87 5.09
CA ARG A 32 0.80 -17.63 6.27
C ARG A 32 0.87 -16.72 7.50
N GLY A 33 0.72 -17.34 8.66
CA GLY A 33 0.76 -16.60 9.92
C GLY A 33 -0.15 -17.24 10.96
N MET A 34 -0.56 -16.43 11.93
CA MET A 34 -1.42 -16.91 12.99
C MET A 34 -2.47 -17.90 12.45
N PRO A 35 -2.99 -18.75 13.38
CA PRO A 35 -3.97 -19.75 13.01
C PRO A 35 -5.33 -19.10 12.78
N ARG A 36 -5.65 -18.12 13.63
CA ARG A 36 -6.91 -17.42 13.53
C ARG A 36 -6.72 -16.06 12.86
N ARG A 37 -5.79 -15.29 13.42
CA ARG A 37 -5.50 -13.97 12.88
C ARG A 37 -5.05 -14.08 11.43
N ARG A 38 -4.22 -15.07 11.16
CA ARG A 38 -3.71 -15.28 9.82
C ARG A 38 -2.99 -14.04 9.32
N GLU A 39 -2.11 -14.25 8.35
CA GLU A 39 -1.36 -13.14 7.77
C GLU A 39 -1.03 -13.44 6.31
N PHE A 40 -1.14 -12.40 5.48
CA PHE A 40 -0.87 -12.54 4.06
C PHE A 40 0.17 -11.51 3.61
N VAL A 41 0.91 -11.89 2.57
CA VAL A 41 1.94 -11.01 2.03
C VAL A 41 1.51 -10.52 0.65
N MET A 42 1.52 -9.21 0.50
CA MET A 42 1.14 -8.61 -0.77
C MET A 42 2.26 -7.73 -1.32
N GLN A 43 2.37 -7.70 -2.64
CA GLN A 43 3.40 -6.91 -3.30
C GLN A 43 2.75 -5.95 -4.30
N VAL A 44 3.46 -4.84 -4.55
CA VAL A 44 2.97 -3.85 -5.48
C VAL A 44 4.14 -3.35 -6.34
N LYS A 45 3.89 -3.28 -7.64
CA LYS A 45 4.90 -2.83 -8.58
C LYS A 45 4.37 -1.63 -9.35
N VAL A 46 5.06 -0.51 -9.21
CA VAL A 46 4.68 0.71 -9.90
C VAL A 46 5.89 1.31 -10.60
N GLY A 47 5.86 1.24 -11.92
CA GLY A 47 6.95 1.76 -12.73
C GLY A 47 8.27 1.09 -12.38
N ASN A 48 9.13 1.84 -11.72
CA ASN A 48 10.43 1.33 -11.32
C ASN A 48 10.49 1.26 -9.80
N GLU A 49 9.32 1.15 -9.20
CA GLU A 49 9.23 1.05 -7.75
C GLU A 49 8.40 -0.16 -7.35
N VAL A 50 8.66 -0.64 -6.14
CA VAL A 50 7.95 -1.80 -5.61
C VAL A 50 7.66 -1.60 -4.13
N ALA A 51 6.61 -2.25 -3.66
CA ALA A 51 6.22 -2.16 -2.26
C ALA A 51 5.57 -3.46 -1.83
N THR A 52 5.30 -3.55 -0.53
CA THR A 52 4.66 -4.74 0.02
C THR A 52 3.70 -4.35 1.13
N GLY A 53 2.78 -5.27 1.43
CA GLY A 53 1.80 -5.04 2.47
C GLY A 53 1.40 -6.36 3.15
N THR A 54 0.98 -6.24 4.39
CA THR A 54 0.57 -7.41 5.16
C THR A 54 -0.68 -7.09 5.99
N GLY A 55 -1.48 -8.11 6.21
CA GLY A 55 -2.70 -7.96 6.98
C GLY A 55 -3.32 -9.32 7.30
N PRO A 56 -4.55 -9.28 7.89
CA PRO A 56 -5.25 -10.49 8.25
C PRO A 56 -5.84 -11.17 7.02
N ASN A 57 -6.03 -10.38 5.97
CA ASN A 57 -6.58 -10.89 4.73
C ASN A 57 -5.88 -10.22 3.55
N LYS A 58 -5.87 -10.93 2.43
CA LYS A 58 -5.24 -10.41 1.22
C LYS A 58 -5.62 -8.94 1.04
N LYS A 59 -6.92 -8.69 1.07
CA LYS A 59 -7.44 -7.34 0.91
C LYS A 59 -6.55 -6.37 1.68
N ILE A 60 -6.74 -6.37 2.99
CA ILE A 60 -5.97 -5.50 3.87
C ILE A 60 -4.50 -5.53 3.44
N ALA A 61 -4.01 -6.73 3.15
CA ALA A 61 -2.63 -6.90 2.73
C ALA A 61 -2.33 -5.93 1.59
N LYS A 62 -3.15 -6.02 0.54
CA LYS A 62 -2.97 -5.16 -0.62
C LYS A 62 -3.02 -3.70 -0.17
N LYS A 63 -4.03 -3.39 0.64
CA LYS A 63 -4.21 -2.05 1.14
C LYS A 63 -2.90 -1.57 1.79
N ASN A 64 -2.31 -2.47 2.56
CA ASN A 64 -1.06 -2.16 3.23
C ASN A 64 0.06 -2.04 2.20
N ALA A 65 -0.11 -2.76 1.10
CA ALA A 65 0.87 -2.73 0.04
C ALA A 65 0.92 -1.35 -0.59
N ALA A 66 -0.25 -0.89 -1.01
CA ALA A 66 -0.36 0.43 -1.63
C ALA A 66 0.07 1.50 -0.63
N GLU A 67 -0.36 1.30 0.61
CA GLU A 67 -0.02 2.24 1.67
C GLU A 67 1.49 2.47 1.71
N ALA A 68 2.22 1.37 1.75
CA ALA A 68 3.68 1.43 1.80
C ALA A 68 4.19 2.14 0.55
N MET A 69 3.61 1.75 -0.59
CA MET A 69 4.00 2.33 -1.86
C MET A 69 3.80 3.84 -1.87
N LEU A 70 2.69 4.27 -1.29
CA LEU A 70 2.37 5.68 -1.21
C LEU A 70 3.29 6.35 -0.19
N LEU A 71 3.72 5.56 0.77
CA LEU A 71 4.61 6.07 1.82
C LEU A 71 6.00 6.29 1.24
N GLN A 72 6.42 5.34 0.40
CA GLN A 72 7.72 5.42 -0.23
C GLN A 72 7.72 6.52 -1.31
N LEU A 73 6.63 6.56 -2.06
CA LEU A 73 6.50 7.54 -3.12
C LEU A 73 6.64 8.94 -2.53
N GLY A 74 5.92 9.17 -1.44
CA GLY A 74 5.96 10.46 -0.77
C GLY A 74 4.56 11.09 -0.72
N TYR A 75 3.56 10.22 -0.57
CA TYR A 75 2.18 10.67 -0.51
C TYR A 75 1.64 10.58 0.91
N LYS A 76 2.21 9.66 1.67
CA LYS A 76 1.81 9.45 3.05
C LYS A 76 3.01 9.56 3.97
N ALA A 77 4.05 10.21 3.45
CA ALA A 77 5.27 10.40 4.21
C ALA A 77 5.10 11.59 5.16
N SER A 78 4.68 12.71 4.58
CA SER A 78 4.46 13.91 5.37
C SER A 78 3.70 13.58 6.65
N THR A 79 2.49 13.09 6.47
CA THR A 79 1.65 12.72 7.59
C THR A 79 2.36 11.69 8.48
N SER A 80 2.86 10.65 7.84
CA SER A 80 3.56 9.60 8.56
C SER A 80 4.46 10.21 9.64
N LEU A 81 5.41 11.01 9.18
CA LEU A 81 6.34 11.66 10.10
C LEU A 81 5.55 12.39 11.18
N GLN A 82 4.78 13.38 10.73
CA GLN A 82 3.98 14.17 11.65
C GLN A 82 3.39 13.28 12.74
N ASP A 83 2.54 12.35 12.32
CA ASP A 83 1.91 11.42 13.25
C ASP A 83 2.93 10.97 14.28
N SER A 84 4.03 10.43 13.79
CA SER A 84 5.09 9.95 14.67
C SER A 84 5.58 11.09 15.56
N GLY A 85 5.87 12.22 14.94
CA GLY A 85 6.34 13.38 15.67
C GLY A 85 5.29 13.85 16.68
N PRO A 86 5.79 14.30 17.87
CA PRO A 86 4.91 14.77 18.92
C PRO A 86 4.37 16.17 18.59
N SER A 87 5.29 17.11 18.42
CA SER A 87 4.92 18.47 18.10
C SER A 87 4.90 18.67 16.58
N SER A 88 4.34 19.79 16.17
CA SER A 88 4.25 20.11 14.76
C SER A 88 5.54 20.79 14.29
N GLY A 89 5.85 21.89 14.93
CA GLY A 89 7.05 22.64 14.60
C GLY A 89 7.65 23.32 15.84
N GLY A 1 -17.50 -5.98 -3.41
CA GLY A 1 -16.45 -5.53 -4.32
C GLY A 1 -15.49 -4.57 -3.60
N SER A 2 -14.71 -3.87 -4.40
CA SER A 2 -13.75 -2.92 -3.86
C SER A 2 -14.19 -1.49 -4.18
N SER A 3 -14.53 -0.76 -3.12
CA SER A 3 -14.98 0.62 -3.27
C SER A 3 -15.17 1.26 -1.89
N GLY A 4 -14.10 1.84 -1.40
CA GLY A 4 -14.14 2.50 -0.10
C GLY A 4 -13.46 3.87 -0.16
N SER A 5 -14.15 4.85 0.40
CA SER A 5 -13.64 6.21 0.43
C SER A 5 -12.26 6.24 1.09
N SER A 6 -11.44 7.18 0.63
CA SER A 6 -10.09 7.31 1.16
C SER A 6 -9.45 5.94 1.33
N GLY A 7 -8.80 5.50 0.26
CA GLY A 7 -8.14 4.21 0.27
C GLY A 7 -6.71 4.31 -0.27
N PRO A 8 -5.87 3.31 0.11
CA PRO A 8 -4.48 3.29 -0.32
C PRO A 8 -4.38 2.87 -1.78
N ILE A 9 -5.29 2.00 -2.19
CA ILE A 9 -5.31 1.52 -3.56
C ILE A 9 -5.71 2.66 -4.50
N SER A 10 -6.99 3.00 -4.45
CA SER A 10 -7.50 4.07 -5.29
C SER A 10 -6.51 5.23 -5.34
N ARG A 11 -6.01 5.58 -4.15
CA ARG A 11 -5.05 6.67 -4.05
C ARG A 11 -3.82 6.38 -4.91
N LEU A 12 -3.36 5.14 -4.85
CA LEU A 12 -2.20 4.73 -5.62
C LEU A 12 -2.57 4.67 -7.10
N ALA A 13 -3.69 4.02 -7.37
CA ALA A 13 -4.17 3.89 -8.73
C ALA A 13 -4.29 5.27 -9.36
N GLN A 14 -4.91 6.17 -8.62
CA GLN A 14 -5.10 7.54 -9.07
C GLN A 14 -3.75 8.18 -9.40
N ILE A 15 -2.73 7.73 -8.69
CA ILE A 15 -1.38 8.26 -8.88
C ILE A 15 -0.79 7.65 -10.16
N GLN A 16 -1.10 6.38 -10.37
CA GLN A 16 -0.60 5.67 -11.53
C GLN A 16 -1.22 6.24 -12.81
N GLN A 17 -2.48 6.63 -12.69
CA GLN A 17 -3.19 7.19 -13.82
C GLN A 17 -2.86 8.68 -13.97
N ALA A 18 -2.88 9.38 -12.85
CA ALA A 18 -2.58 10.80 -12.84
C ALA A 18 -1.15 11.02 -13.36
N ARG A 19 -0.30 10.04 -13.08
CA ARG A 19 1.08 10.12 -13.50
C ARG A 19 1.20 9.77 -14.99
N LYS A 20 0.14 9.16 -15.51
CA LYS A 20 0.11 8.77 -16.91
C LYS A 20 1.19 7.71 -17.15
N GLU A 21 1.48 6.94 -16.11
CA GLU A 21 2.48 5.90 -16.20
C GLU A 21 1.82 4.55 -16.50
N LYS A 22 1.12 4.04 -15.50
CA LYS A 22 0.44 2.76 -15.64
C LYS A 22 0.03 2.25 -14.25
N GLU A 23 -1.23 1.83 -14.16
CA GLU A 23 -1.76 1.32 -12.91
C GLU A 23 -0.71 0.45 -12.21
N PRO A 24 -0.91 0.27 -10.87
CA PRO A 24 0.00 -0.53 -10.08
C PRO A 24 -0.20 -2.03 -10.35
N ASP A 25 0.88 -2.77 -10.19
CA ASP A 25 0.85 -4.20 -10.42
C ASP A 25 0.98 -4.93 -9.08
N TYR A 26 -0.14 -5.46 -8.61
CA TYR A 26 -0.16 -6.18 -7.36
C TYR A 26 0.16 -7.67 -7.56
N ILE A 27 0.99 -8.18 -6.68
CA ILE A 27 1.40 -9.58 -6.76
C ILE A 27 1.35 -10.20 -5.36
N LEU A 28 0.67 -11.33 -5.27
CA LEU A 28 0.55 -12.03 -4.01
C LEU A 28 1.85 -12.76 -3.69
N LEU A 29 2.54 -12.28 -2.66
CA LEU A 29 3.79 -12.88 -2.25
C LEU A 29 3.55 -14.30 -1.75
N SER A 30 2.81 -14.38 -0.65
CA SER A 30 2.48 -15.66 -0.05
C SER A 30 1.44 -15.49 1.04
N GLU A 31 1.24 -16.55 1.81
CA GLU A 31 0.28 -16.52 2.90
C GLU A 31 0.77 -17.38 4.07
N ARG A 32 0.54 -16.88 5.27
CA ARG A 32 0.95 -17.58 6.47
C ARG A 32 0.59 -16.77 7.72
N GLY A 33 0.92 -17.33 8.87
CA GLY A 33 0.64 -16.67 10.13
C GLY A 33 -0.37 -17.48 10.95
N MET A 34 -0.80 -16.88 12.06
CA MET A 34 -1.76 -17.52 12.93
C MET A 34 -2.92 -18.11 12.12
N PRO A 35 -3.59 -19.13 12.75
CA PRO A 35 -4.71 -19.79 12.09
C PRO A 35 -5.95 -18.90 12.12
N ARG A 36 -6.00 -18.01 13.10
CA ARG A 36 -7.12 -17.11 13.25
C ARG A 36 -6.78 -15.75 12.65
N ARG A 37 -5.63 -15.22 13.05
CA ARG A 37 -5.19 -13.93 12.57
C ARG A 37 -4.90 -14.01 11.06
N ARG A 38 -4.02 -14.93 10.71
CA ARG A 38 -3.64 -15.12 9.32
C ARG A 38 -2.93 -13.87 8.79
N GLU A 39 -1.81 -14.11 8.12
CA GLU A 39 -1.03 -13.02 7.57
C GLU A 39 -0.78 -13.26 6.08
N PHE A 40 -1.23 -12.30 5.28
CA PHE A 40 -1.05 -12.39 3.83
C PHE A 40 -0.05 -11.35 3.33
N VAL A 41 0.94 -11.83 2.60
CA VAL A 41 1.96 -10.95 2.06
C VAL A 41 1.55 -10.50 0.65
N MET A 42 1.48 -9.19 0.49
CA MET A 42 1.11 -8.62 -0.80
C MET A 42 2.22 -7.74 -1.35
N GLN A 43 2.32 -7.74 -2.67
CA GLN A 43 3.34 -6.95 -3.35
C GLN A 43 2.69 -5.96 -4.33
N VAL A 44 3.37 -4.85 -4.53
CA VAL A 44 2.88 -3.81 -5.43
C VAL A 44 4.04 -3.27 -6.26
N LYS A 45 3.81 -3.21 -7.57
CA LYS A 45 4.83 -2.70 -8.48
C LYS A 45 4.30 -1.45 -9.17
N VAL A 46 5.00 -0.35 -8.94
CA VAL A 46 4.61 0.91 -9.55
C VAL A 46 5.80 1.50 -10.32
N GLY A 47 5.67 1.49 -11.64
CA GLY A 47 6.73 2.00 -12.49
C GLY A 47 8.04 1.26 -12.26
N ASN A 48 8.97 1.95 -11.61
CA ASN A 48 10.27 1.37 -11.32
C ASN A 48 10.42 1.21 -9.81
N GLU A 49 9.28 1.10 -9.13
CA GLU A 49 9.28 0.94 -7.69
C GLU A 49 8.41 -0.25 -7.29
N VAL A 50 8.68 -0.77 -6.10
CA VAL A 50 7.93 -1.91 -5.59
C VAL A 50 7.74 -1.74 -4.08
N ALA A 51 6.64 -2.31 -3.59
CA ALA A 51 6.33 -2.24 -2.18
C ALA A 51 5.58 -3.52 -1.76
N THR A 52 5.42 -3.65 -0.45
CA THR A 52 4.74 -4.82 0.09
C THR A 52 3.72 -4.39 1.16
N GLY A 53 2.73 -5.26 1.37
CA GLY A 53 1.70 -4.98 2.35
C GLY A 53 1.25 -6.27 3.04
N THR A 54 1.01 -6.15 4.34
CA THR A 54 0.57 -7.29 5.13
C THR A 54 -0.65 -6.91 5.97
N GLY A 55 -1.36 -7.95 6.42
CA GLY A 55 -2.55 -7.74 7.23
C GLY A 55 -3.16 -9.08 7.65
N PRO A 56 -4.47 -9.02 8.00
CA PRO A 56 -5.18 -10.21 8.41
C PRO A 56 -5.51 -11.11 7.21
N ASN A 57 -5.83 -10.46 6.10
CA ASN A 57 -6.17 -11.17 4.89
C ASN A 57 -5.46 -10.51 3.70
N LYS A 58 -5.61 -11.13 2.54
CA LYS A 58 -5.00 -10.61 1.33
C LYS A 58 -5.51 -9.20 1.06
N LYS A 59 -6.84 -9.07 1.05
CA LYS A 59 -7.46 -7.79 0.81
C LYS A 59 -6.63 -6.68 1.46
N ILE A 60 -6.79 -6.57 2.78
CA ILE A 60 -6.06 -5.57 3.53
C ILE A 60 -4.59 -5.58 3.11
N ALA A 61 -3.99 -6.77 3.20
CA ALA A 61 -2.60 -6.93 2.83
C ALA A 61 -2.32 -6.16 1.54
N LYS A 62 -3.34 -6.09 0.69
CA LYS A 62 -3.21 -5.39 -0.57
C LYS A 62 -3.24 -3.88 -0.32
N LYS A 63 -4.21 -3.47 0.49
CA LYS A 63 -4.35 -2.07 0.83
C LYS A 63 -3.04 -1.54 1.43
N ASN A 64 -2.47 -2.36 2.31
CA ASN A 64 -1.23 -2.00 2.97
C ASN A 64 -0.12 -1.89 1.92
N ALA A 65 -0.24 -2.71 0.88
CA ALA A 65 0.73 -2.71 -0.19
C ALA A 65 0.81 -1.32 -0.81
N ALA A 66 -0.37 -0.78 -1.13
CA ALA A 66 -0.45 0.54 -1.73
C ALA A 66 0.05 1.58 -0.73
N GLU A 67 -0.36 1.40 0.53
CA GLU A 67 0.02 2.32 1.58
C GLU A 67 1.54 2.43 1.65
N ALA A 68 2.20 1.27 1.71
CA ALA A 68 3.65 1.22 1.78
C ALA A 68 4.23 1.94 0.56
N MET A 69 3.60 1.71 -0.58
CA MET A 69 4.05 2.31 -1.82
C MET A 69 3.96 3.84 -1.74
N LEU A 70 2.78 4.32 -1.38
CA LEU A 70 2.55 5.75 -1.27
C LEU A 70 3.53 6.33 -0.25
N LEU A 71 3.77 5.57 0.81
CA LEU A 71 4.68 6.00 1.86
C LEU A 71 6.11 6.01 1.31
N GLN A 72 6.41 5.01 0.51
CA GLN A 72 7.74 4.89 -0.08
C GLN A 72 7.93 5.95 -1.16
N LEU A 73 6.81 6.34 -1.77
CA LEU A 73 6.84 7.34 -2.82
C LEU A 73 7.02 8.73 -2.19
N GLY A 74 6.56 8.85 -0.96
CA GLY A 74 6.65 10.11 -0.24
C GLY A 74 5.34 10.89 -0.32
N TYR A 75 4.25 10.15 -0.31
CA TYR A 75 2.93 10.75 -0.38
C TYR A 75 2.23 10.71 0.99
N LYS A 76 2.80 9.91 1.88
CA LYS A 76 2.24 9.76 3.21
C LYS A 76 3.38 9.72 4.23
N ALA A 77 4.50 10.33 3.85
CA ALA A 77 5.66 10.37 4.72
C ALA A 77 5.47 11.48 5.76
N SER A 78 5.16 12.66 5.27
CA SER A 78 4.95 13.80 6.14
C SER A 78 4.10 13.40 7.34
N THR A 79 2.93 12.85 7.05
CA THR A 79 2.02 12.41 8.09
C THR A 79 2.67 11.33 8.95
N SER A 80 3.12 10.28 8.29
CA SER A 80 3.77 9.17 8.98
C SER A 80 4.69 9.72 10.07
N LEU A 81 5.68 10.50 9.64
CA LEU A 81 6.63 11.08 10.57
C LEU A 81 5.87 11.73 11.73
N GLN A 82 5.12 12.77 11.40
CA GLN A 82 4.35 13.49 12.39
C GLN A 82 3.75 12.52 13.40
N ASP A 83 2.86 11.67 12.90
CA ASP A 83 2.21 10.68 13.74
C ASP A 83 3.22 10.10 14.73
N SER A 84 4.32 9.60 14.17
CA SER A 84 5.36 9.02 14.99
C SER A 84 5.81 10.01 16.06
N GLY A 85 6.07 11.23 15.62
CA GLY A 85 6.51 12.28 16.54
C GLY A 85 5.45 13.37 16.64
N PRO A 86 4.62 13.27 17.71
CA PRO A 86 3.56 14.26 17.95
C PRO A 86 4.14 15.56 18.48
N SER A 87 3.54 16.65 18.03
CA SER A 87 3.98 17.97 18.45
C SER A 87 2.97 19.04 18.02
N SER A 88 2.74 19.09 16.72
CA SER A 88 1.79 20.05 16.17
C SER A 88 0.40 19.81 16.77
N GLY A 89 -0.47 20.79 16.57
CA GLY A 89 -1.83 20.70 17.07
C GLY A 89 -1.85 20.87 18.60
N GLY A 1 -17.19 -8.14 -3.70
CA GLY A 1 -17.21 -6.81 -3.12
C GLY A 1 -16.27 -5.87 -3.88
N SER A 2 -16.89 -4.91 -4.57
CA SER A 2 -16.13 -3.94 -5.33
C SER A 2 -16.42 -2.53 -4.82
N SER A 3 -15.51 -2.05 -3.97
CA SER A 3 -15.66 -0.72 -3.41
C SER A 3 -14.27 -0.11 -3.14
N GLY A 4 -14.17 1.18 -3.41
CA GLY A 4 -12.91 1.89 -3.21
C GLY A 4 -13.17 3.36 -2.85
N SER A 5 -12.95 4.21 -3.84
CA SER A 5 -13.15 5.64 -3.65
C SER A 5 -12.05 6.20 -2.75
N SER A 6 -12.09 5.80 -1.49
CA SER A 6 -11.11 6.27 -0.53
C SER A 6 -10.35 5.08 0.05
N GLY A 7 -9.05 5.07 -0.21
CA GLY A 7 -8.19 3.99 0.27
C GLY A 7 -6.76 4.14 -0.27
N PRO A 8 -5.89 3.20 0.16
CA PRO A 8 -4.50 3.21 -0.27
C PRO A 8 -4.37 2.74 -1.72
N ILE A 9 -5.29 1.86 -2.11
CA ILE A 9 -5.29 1.33 -3.46
C ILE A 9 -5.66 2.44 -4.44
N SER A 10 -6.94 2.78 -4.45
CA SER A 10 -7.43 3.82 -5.33
C SER A 10 -6.43 4.98 -5.39
N ARG A 11 -6.07 5.46 -4.21
CA ARG A 11 -5.14 6.56 -4.10
C ARG A 11 -3.89 6.28 -4.94
N LEU A 12 -3.46 5.03 -4.88
CA LEU A 12 -2.28 4.62 -5.64
C LEU A 12 -2.61 4.59 -7.12
N ALA A 13 -3.73 3.96 -7.43
CA ALA A 13 -4.18 3.85 -8.82
C ALA A 13 -4.31 5.25 -9.41
N GLN A 14 -4.92 6.14 -8.64
CA GLN A 14 -5.13 7.51 -9.07
C GLN A 14 -3.78 8.17 -9.37
N ILE A 15 -2.77 7.73 -8.65
CA ILE A 15 -1.43 8.27 -8.82
C ILE A 15 -0.81 7.69 -10.09
N GLN A 16 -1.10 6.42 -10.33
CA GLN A 16 -0.58 5.73 -11.50
C GLN A 16 -1.18 6.33 -12.77
N GLN A 17 -2.44 6.73 -12.68
CA GLN A 17 -3.13 7.32 -13.81
C GLN A 17 -2.80 8.81 -13.91
N ALA A 18 -2.85 9.47 -12.76
CA ALA A 18 -2.56 10.90 -12.71
C ALA A 18 -1.14 11.14 -13.19
N ARG A 19 -0.28 10.16 -12.94
CA ARG A 19 1.11 10.26 -13.34
C ARG A 19 1.26 9.93 -14.83
N LYS A 20 0.25 9.27 -15.36
CA LYS A 20 0.24 8.90 -16.76
C LYS A 20 1.36 7.88 -17.01
N GLU A 21 1.60 7.05 -16.00
CA GLU A 21 2.62 6.03 -16.09
C GLU A 21 1.99 4.66 -16.42
N LYS A 22 1.32 4.11 -15.42
CA LYS A 22 0.67 2.82 -15.58
C LYS A 22 0.20 2.31 -14.22
N GLU A 23 -1.04 1.84 -14.20
CA GLU A 23 -1.63 1.32 -12.97
C GLU A 23 -0.59 0.47 -12.22
N PRO A 24 -0.86 0.29 -10.89
CA PRO A 24 0.03 -0.50 -10.06
C PRO A 24 -0.15 -1.99 -10.32
N ASP A 25 0.93 -2.73 -10.17
CA ASP A 25 0.91 -4.17 -10.38
C ASP A 25 0.96 -4.88 -9.03
N TYR A 26 -0.19 -5.35 -8.60
CA TYR A 26 -0.30 -6.06 -7.34
C TYR A 26 -0.05 -7.56 -7.51
N ILE A 27 0.76 -8.11 -6.63
CA ILE A 27 1.08 -9.52 -6.68
C ILE A 27 0.92 -10.13 -5.29
N LEU A 28 0.93 -11.46 -5.25
CA LEU A 28 0.79 -12.16 -3.99
C LEU A 28 2.12 -12.85 -3.65
N LEU A 29 2.75 -12.36 -2.59
CA LEU A 29 4.01 -12.91 -2.15
C LEU A 29 3.78 -14.30 -1.56
N SER A 30 3.00 -14.34 -0.50
CA SER A 30 2.69 -15.60 0.17
C SER A 30 1.55 -15.39 1.16
N GLU A 31 1.29 -16.43 1.94
CA GLU A 31 0.24 -16.39 2.94
C GLU A 31 0.54 -17.35 4.08
N ARG A 32 0.64 -16.78 5.28
CA ARG A 32 0.92 -17.57 6.46
C ARG A 32 0.53 -16.80 7.72
N GLY A 33 0.89 -17.37 8.87
CA GLY A 33 0.58 -16.76 10.14
C GLY A 33 -0.34 -17.65 10.97
N MET A 34 -1.42 -17.05 11.45
CA MET A 34 -2.39 -17.77 12.25
C MET A 34 -3.65 -18.08 11.45
N PRO A 35 -4.33 -19.19 11.85
CA PRO A 35 -5.55 -19.59 11.18
C PRO A 35 -6.73 -18.69 11.56
N ARG A 36 -6.43 -17.73 12.43
CA ARG A 36 -7.45 -16.79 12.88
C ARG A 36 -7.30 -15.45 12.17
N ARG A 37 -6.06 -14.95 12.17
CA ARG A 37 -5.77 -13.68 11.53
C ARG A 37 -5.29 -13.92 10.09
N ARG A 38 -4.65 -15.05 9.88
CA ARG A 38 -4.15 -15.41 8.57
C ARG A 38 -3.45 -14.20 7.93
N GLU A 39 -2.14 -14.16 8.07
CA GLU A 39 -1.35 -13.07 7.51
C GLU A 39 -1.06 -13.34 6.04
N PHE A 40 -1.33 -12.33 5.22
CA PHE A 40 -1.11 -12.43 3.79
C PHE A 40 -0.14 -11.35 3.30
N VAL A 41 0.87 -11.79 2.56
CA VAL A 41 1.86 -10.87 2.03
C VAL A 41 1.45 -10.43 0.63
N MET A 42 1.44 -9.13 0.41
CA MET A 42 1.07 -8.58 -0.89
C MET A 42 2.16 -7.65 -1.42
N GLN A 43 2.39 -7.75 -2.71
CA GLN A 43 3.40 -6.92 -3.36
C GLN A 43 2.74 -5.95 -4.34
N VAL A 44 3.45 -4.84 -4.58
CA VAL A 44 2.94 -3.84 -5.49
C VAL A 44 4.10 -3.27 -6.31
N LYS A 45 3.91 -3.25 -7.63
CA LYS A 45 4.93 -2.74 -8.52
C LYS A 45 4.40 -1.51 -9.25
N VAL A 46 5.05 -0.38 -9.01
CA VAL A 46 4.65 0.87 -9.64
C VAL A 46 5.84 1.45 -10.40
N GLY A 47 5.72 1.43 -11.72
CA GLY A 47 6.78 1.95 -12.57
C GLY A 47 8.11 1.24 -12.31
N ASN A 48 9.02 1.96 -11.67
CA ASN A 48 10.32 1.41 -11.36
C ASN A 48 10.46 1.28 -9.83
N GLU A 49 9.32 1.13 -9.18
CA GLU A 49 9.30 0.99 -7.74
C GLU A 49 8.45 -0.21 -7.33
N VAL A 50 8.72 -0.71 -6.13
CA VAL A 50 8.00 -1.86 -5.61
C VAL A 50 7.77 -1.68 -4.11
N ALA A 51 6.69 -2.27 -3.64
CA ALA A 51 6.34 -2.18 -2.23
C ALA A 51 5.61 -3.46 -1.80
N THR A 52 5.46 -3.62 -0.50
CA THR A 52 4.79 -4.78 0.05
C THR A 52 3.87 -4.37 1.21
N GLY A 53 2.89 -5.24 1.47
CA GLY A 53 1.94 -4.98 2.54
C GLY A 53 1.40 -6.28 3.11
N THR A 54 1.04 -6.23 4.39
CA THR A 54 0.51 -7.40 5.07
C THR A 54 -0.78 -7.05 5.80
N GLY A 55 -1.51 -8.09 6.19
CA GLY A 55 -2.77 -7.91 6.89
C GLY A 55 -3.40 -9.25 7.23
N PRO A 56 -4.59 -9.17 7.90
CA PRO A 56 -5.31 -10.37 8.29
C PRO A 56 -5.98 -11.04 7.08
N ASN A 57 -5.98 -10.31 5.98
CA ASN A 57 -6.59 -10.80 4.76
C ASN A 57 -5.92 -10.13 3.55
N LYS A 58 -5.92 -10.85 2.43
CA LYS A 58 -5.32 -10.34 1.22
C LYS A 58 -5.77 -8.89 1.01
N LYS A 59 -7.06 -8.66 1.19
CA LYS A 59 -7.63 -7.34 1.02
C LYS A 59 -6.73 -6.32 1.74
N ILE A 60 -6.76 -6.38 3.06
CA ILE A 60 -5.96 -5.47 3.86
C ILE A 60 -4.51 -5.51 3.38
N ALA A 61 -4.02 -6.72 3.17
CA ALA A 61 -2.65 -6.91 2.72
C ALA A 61 -2.38 -5.97 1.53
N LYS A 62 -3.17 -6.14 0.49
CA LYS A 62 -3.02 -5.32 -0.71
C LYS A 62 -3.00 -3.84 -0.29
N LYS A 63 -4.03 -3.46 0.45
CA LYS A 63 -4.13 -2.08 0.92
C LYS A 63 -2.80 -1.65 1.55
N ASN A 64 -2.28 -2.54 2.38
CA ASN A 64 -1.01 -2.26 3.06
C ASN A 64 0.09 -2.10 2.02
N ALA A 65 -0.04 -2.83 0.92
CA ALA A 65 0.92 -2.78 -0.15
C ALA A 65 0.91 -1.39 -0.77
N ALA A 66 -0.29 -0.93 -1.09
CA ALA A 66 -0.45 0.39 -1.69
C ALA A 66 0.02 1.46 -0.70
N GLU A 67 -0.35 1.26 0.56
CA GLU A 67 0.03 2.19 1.60
C GLU A 67 1.55 2.34 1.67
N ALA A 68 2.22 1.20 1.68
CA ALA A 68 3.68 1.18 1.74
C ALA A 68 4.23 1.94 0.53
N MET A 69 3.63 1.68 -0.62
CA MET A 69 4.06 2.32 -1.85
C MET A 69 3.94 3.84 -1.75
N LEU A 70 2.73 4.29 -1.43
CA LEU A 70 2.47 5.71 -1.30
C LEU A 70 3.47 6.32 -0.30
N LEU A 71 3.70 5.59 0.78
CA LEU A 71 4.64 6.04 1.79
C LEU A 71 6.05 6.06 1.22
N GLN A 72 6.34 5.05 0.41
CA GLN A 72 7.64 4.93 -0.20
C GLN A 72 7.81 5.98 -1.31
N LEU A 73 6.67 6.39 -1.85
CA LEU A 73 6.67 7.38 -2.91
C LEU A 73 6.89 8.77 -2.31
N GLY A 74 6.45 8.92 -1.08
CA GLY A 74 6.61 10.19 -0.38
C GLY A 74 5.30 11.00 -0.40
N TYR A 75 4.19 10.27 -0.33
CA TYR A 75 2.88 10.90 -0.34
C TYR A 75 2.25 10.87 1.05
N LYS A 76 2.85 10.08 1.93
CA LYS A 76 2.36 9.96 3.29
C LYS A 76 3.55 9.89 4.26
N ALA A 77 4.66 10.46 3.81
CA ALA A 77 5.87 10.46 4.61
C ALA A 77 5.78 11.61 5.63
N SER A 78 5.70 12.82 5.12
CA SER A 78 5.62 14.00 5.95
C SER A 78 4.72 13.71 7.16
N THR A 79 3.48 13.35 6.87
CA THR A 79 2.51 13.05 7.91
C THR A 79 3.02 11.91 8.79
N SER A 80 3.34 10.80 8.14
CA SER A 80 3.84 9.63 8.84
C SER A 80 4.81 10.06 9.95
N LEU A 81 5.87 10.74 9.54
CA LEU A 81 6.87 11.21 10.49
C LEU A 81 6.17 11.92 11.65
N GLN A 82 5.53 13.03 11.32
CA GLN A 82 4.83 13.81 12.33
C GLN A 82 4.13 12.88 13.31
N ASP A 83 3.21 12.09 12.78
CA ASP A 83 2.45 11.16 13.61
C ASP A 83 3.39 10.51 14.62
N SER A 84 4.46 9.92 14.11
CA SER A 84 5.44 9.26 14.95
C SER A 84 5.93 10.23 16.03
N GLY A 85 6.32 11.42 15.58
CA GLY A 85 6.81 12.44 16.48
C GLY A 85 7.23 13.70 15.72
N PRO A 86 7.79 14.67 16.47
CA PRO A 86 8.23 15.93 15.88
C PRO A 86 9.53 15.73 15.10
N SER A 87 9.71 16.57 14.08
CA SER A 87 10.89 16.50 13.25
C SER A 87 11.08 17.82 12.51
N SER A 88 12.29 18.00 11.99
CA SER A 88 12.63 19.21 11.26
C SER A 88 12.82 18.88 9.77
N GLY A 89 12.62 19.90 8.94
CA GLY A 89 12.78 19.74 7.51
C GLY A 89 12.44 21.03 6.78
N GLY A 1 -11.27 1.71 -4.65
CA GLY A 1 -11.96 1.43 -3.41
C GLY A 1 -13.12 0.45 -3.62
N SER A 2 -12.88 -0.79 -3.24
CA SER A 2 -13.90 -1.82 -3.38
C SER A 2 -14.94 -1.71 -2.27
N SER A 3 -14.45 -1.81 -1.04
CA SER A 3 -15.32 -1.71 0.12
C SER A 3 -14.89 -0.54 1.00
N GLY A 4 -15.44 0.63 0.69
CA GLY A 4 -15.11 1.83 1.44
C GLY A 4 -14.60 2.94 0.52
N SER A 5 -14.74 4.17 0.99
CA SER A 5 -14.30 5.32 0.22
C SER A 5 -12.94 5.81 0.73
N SER A 6 -12.13 6.29 -0.20
CA SER A 6 -10.81 6.79 0.14
C SER A 6 -9.97 5.65 0.73
N GLY A 7 -9.24 4.98 -0.15
CA GLY A 7 -8.39 3.88 0.26
C GLY A 7 -6.97 4.07 -0.27
N PRO A 8 -6.07 3.12 0.14
CA PRO A 8 -4.68 3.17 -0.27
C PRO A 8 -4.53 2.73 -1.73
N ILE A 9 -5.41 1.81 -2.13
CA ILE A 9 -5.39 1.30 -3.49
C ILE A 9 -5.69 2.43 -4.47
N SER A 10 -6.93 2.92 -4.41
CA SER A 10 -7.35 3.99 -5.28
C SER A 10 -6.29 5.08 -5.32
N ARG A 11 -5.94 5.58 -4.14
CA ARG A 11 -4.94 6.62 -4.03
C ARG A 11 -3.74 6.31 -4.95
N LEU A 12 -3.28 5.08 -4.87
CA LEU A 12 -2.16 4.64 -5.68
C LEU A 12 -2.57 4.64 -7.15
N ALA A 13 -3.71 4.01 -7.41
CA ALA A 13 -4.23 3.93 -8.77
C ALA A 13 -4.33 5.34 -9.36
N GLN A 14 -4.83 6.26 -8.54
CA GLN A 14 -4.98 7.64 -8.97
C GLN A 14 -3.62 8.25 -9.28
N ILE A 15 -2.60 7.72 -8.61
CA ILE A 15 -1.25 8.21 -8.81
C ILE A 15 -0.66 7.58 -10.06
N GLN A 16 -1.09 6.35 -10.33
CA GLN A 16 -0.62 5.63 -11.51
C GLN A 16 -1.21 6.24 -12.78
N GLN A 17 -2.42 6.77 -12.63
CA GLN A 17 -3.11 7.38 -13.75
C GLN A 17 -2.68 8.85 -13.91
N ALA A 18 -2.63 9.53 -12.77
CA ALA A 18 -2.25 10.93 -12.77
C ALA A 18 -0.79 11.06 -13.26
N ARG A 19 -0.01 10.03 -12.96
CA ARG A 19 1.39 10.02 -13.36
C ARG A 19 1.50 9.67 -14.85
N LYS A 20 0.44 9.06 -15.37
CA LYS A 20 0.41 8.67 -16.76
C LYS A 20 1.43 7.55 -17.00
N GLU A 21 1.72 6.83 -15.92
CA GLU A 21 2.68 5.74 -15.99
C GLU A 21 1.95 4.43 -16.30
N LYS A 22 1.27 3.90 -15.30
CA LYS A 22 0.54 2.66 -15.45
C LYS A 22 0.08 2.18 -14.08
N GLU A 23 -1.19 1.76 -14.03
CA GLU A 23 -1.76 1.26 -12.78
C GLU A 23 -0.74 0.41 -12.03
N PRO A 24 -0.99 0.25 -10.70
CA PRO A 24 -0.11 -0.53 -9.86
C PRO A 24 -0.30 -2.03 -10.11
N ASP A 25 0.80 -2.76 -10.01
CA ASP A 25 0.77 -4.20 -10.22
C ASP A 25 0.82 -4.91 -8.87
N TYR A 26 -0.34 -5.36 -8.42
CA TYR A 26 -0.44 -6.06 -7.15
C TYR A 26 -0.23 -7.55 -7.33
N ILE A 27 0.66 -8.10 -6.52
CA ILE A 27 0.97 -9.52 -6.58
C ILE A 27 0.82 -10.13 -5.18
N LEU A 28 0.82 -11.45 -5.15
CA LEU A 28 0.69 -12.16 -3.89
C LEU A 28 2.03 -12.83 -3.53
N LEU A 29 2.65 -12.29 -2.49
CA LEU A 29 3.93 -12.82 -2.04
C LEU A 29 3.72 -14.20 -1.41
N SER A 30 2.79 -14.24 -0.47
CA SER A 30 2.48 -15.48 0.22
C SER A 30 1.44 -15.23 1.31
N GLU A 31 1.22 -16.25 2.13
CA GLU A 31 0.26 -16.15 3.21
C GLU A 31 0.53 -17.23 4.27
N ARG A 32 0.67 -16.77 5.50
CA ARG A 32 0.93 -17.68 6.61
C ARG A 32 1.12 -16.90 7.90
N GLY A 33 2.04 -15.94 7.86
CA GLY A 33 2.32 -15.12 9.02
C GLY A 33 2.52 -15.98 10.26
N MET A 34 1.49 -16.03 11.09
CA MET A 34 1.54 -16.81 12.31
C MET A 34 0.42 -17.85 12.35
N PRO A 35 0.58 -18.84 13.27
CA PRO A 35 -0.41 -19.90 13.41
C PRO A 35 -1.65 -19.39 14.15
N ARG A 36 -1.43 -18.36 14.95
CA ARG A 36 -2.52 -17.77 15.72
C ARG A 36 -2.99 -16.46 15.07
N ARG A 37 -2.15 -15.97 14.17
CA ARG A 37 -2.46 -14.73 13.46
C ARG A 37 -2.04 -14.83 12.00
N ARG A 38 -2.91 -15.45 11.21
CA ARG A 38 -2.64 -15.62 9.80
C ARG A 38 -2.48 -14.26 9.11
N GLU A 39 -1.47 -14.18 8.26
CA GLU A 39 -1.20 -12.95 7.54
C GLU A 39 -0.92 -13.23 6.06
N PHE A 40 -1.33 -12.30 5.22
CA PHE A 40 -1.14 -12.45 3.79
C PHE A 40 -0.11 -11.44 3.27
N VAL A 41 0.90 -11.96 2.58
CA VAL A 41 1.94 -11.13 2.03
C VAL A 41 1.53 -10.66 0.63
N MET A 42 1.55 -9.35 0.45
CA MET A 42 1.18 -8.77 -0.84
C MET A 42 2.29 -7.86 -1.36
N GLN A 43 2.37 -7.76 -2.67
CA GLN A 43 3.37 -6.93 -3.32
C GLN A 43 2.71 -5.96 -4.30
N VAL A 44 3.43 -4.88 -4.59
CA VAL A 44 2.92 -3.88 -5.50
C VAL A 44 4.08 -3.34 -6.36
N LYS A 45 3.86 -3.32 -7.66
CA LYS A 45 4.87 -2.84 -8.59
C LYS A 45 4.32 -1.63 -9.34
N VAL A 46 5.00 -0.49 -9.16
CA VAL A 46 4.59 0.73 -9.82
C VAL A 46 5.81 1.36 -10.50
N GLY A 47 5.78 1.31 -11.83
CA GLY A 47 6.87 1.87 -12.62
C GLY A 47 8.20 1.22 -12.25
N ASN A 48 9.06 2.01 -11.65
CA ASN A 48 10.37 1.53 -11.24
C ASN A 48 10.42 1.42 -9.71
N GLU A 49 9.25 1.26 -9.13
CA GLU A 49 9.14 1.16 -7.68
C GLU A 49 8.33 -0.09 -7.30
N VAL A 50 8.59 -0.58 -6.10
CA VAL A 50 7.90 -1.76 -5.60
C VAL A 50 7.62 -1.59 -4.11
N ALA A 51 6.57 -2.28 -3.66
CA ALA A 51 6.19 -2.21 -2.26
C ALA A 51 5.52 -3.53 -1.85
N THR A 52 5.23 -3.65 -0.57
CA THR A 52 4.59 -4.84 -0.05
C THR A 52 3.62 -4.48 1.08
N GLY A 53 2.68 -5.37 1.31
CA GLY A 53 1.69 -5.17 2.35
C GLY A 53 1.36 -6.47 3.07
N THR A 54 1.02 -6.35 4.34
CA THR A 54 0.67 -7.51 5.15
C THR A 54 -0.57 -7.22 6.00
N GLY A 55 -1.47 -8.19 6.01
CA GLY A 55 -2.70 -8.06 6.77
C GLY A 55 -3.31 -9.43 7.07
N PRO A 56 -4.51 -9.39 7.70
CA PRO A 56 -5.21 -10.62 8.04
C PRO A 56 -5.85 -11.26 6.79
N ASN A 57 -6.05 -10.42 5.79
CA ASN A 57 -6.64 -10.88 4.55
C ASN A 57 -5.96 -10.19 3.37
N LYS A 58 -5.78 -10.95 2.29
CA LYS A 58 -5.15 -10.42 1.10
C LYS A 58 -5.62 -8.99 0.87
N LYS A 59 -6.92 -8.79 1.02
CA LYS A 59 -7.50 -7.48 0.83
C LYS A 59 -6.64 -6.43 1.53
N ILE A 60 -6.59 -6.54 2.85
CA ILE A 60 -5.81 -5.61 3.65
C ILE A 60 -4.34 -5.67 3.21
N ALA A 61 -3.92 -6.86 2.84
CA ALA A 61 -2.55 -7.07 2.39
C ALA A 61 -2.23 -6.08 1.28
N LYS A 62 -3.06 -6.12 0.24
CA LYS A 62 -2.89 -5.24 -0.90
C LYS A 62 -2.92 -3.79 -0.42
N LYS A 63 -3.94 -3.48 0.37
CA LYS A 63 -4.09 -2.13 0.90
C LYS A 63 -2.79 -1.70 1.58
N ASN A 64 -2.30 -2.56 2.46
CA ASN A 64 -1.07 -2.28 3.18
C ASN A 64 0.08 -2.13 2.17
N ALA A 65 -0.07 -2.81 1.04
CA ALA A 65 0.94 -2.76 0.00
C ALA A 65 0.94 -1.36 -0.63
N ALA A 66 -0.22 -0.96 -1.11
CA ALA A 66 -0.38 0.35 -1.74
C ALA A 66 0.04 1.43 -0.75
N GLU A 67 -0.39 1.25 0.50
CA GLU A 67 -0.07 2.20 1.55
C GLU A 67 1.45 2.40 1.65
N ALA A 68 2.16 1.28 1.73
CA ALA A 68 3.61 1.33 1.82
C ALA A 68 4.18 1.98 0.56
N MET A 69 3.53 1.70 -0.55
CA MET A 69 3.96 2.25 -1.83
C MET A 69 3.80 3.77 -1.85
N LEU A 70 2.70 4.23 -1.28
CA LEU A 70 2.42 5.65 -1.22
C LEU A 70 3.35 6.32 -0.21
N LEU A 71 3.81 5.51 0.74
CA LEU A 71 4.71 6.01 1.78
C LEU A 71 6.09 6.22 1.17
N GLN A 72 6.48 5.30 0.32
CA GLN A 72 7.78 5.39 -0.33
C GLN A 72 7.80 6.53 -1.34
N LEU A 73 6.67 6.72 -1.99
CA LEU A 73 6.54 7.79 -2.98
C LEU A 73 6.73 9.14 -2.30
N GLY A 74 6.02 9.31 -1.19
CA GLY A 74 6.09 10.54 -0.44
C GLY A 74 4.73 11.23 -0.35
N TYR A 75 3.69 10.40 -0.29
CA TYR A 75 2.33 10.90 -0.21
C TYR A 75 1.77 10.72 1.20
N LYS A 76 2.32 9.73 1.89
CA LYS A 76 1.87 9.43 3.25
C LYS A 76 3.07 9.48 4.19
N ALA A 77 4.10 10.19 3.75
CA ALA A 77 5.31 10.33 4.55
C ALA A 77 5.09 11.41 5.61
N SER A 78 4.74 12.60 5.14
CA SER A 78 4.50 13.71 6.03
C SER A 78 3.60 13.27 7.20
N THR A 79 2.47 12.68 6.84
CA THR A 79 1.53 12.21 7.84
C THR A 79 2.17 11.13 8.72
N SER A 80 2.60 10.05 8.06
CA SER A 80 3.22 8.95 8.76
C SER A 80 4.17 9.48 9.84
N LEU A 81 5.12 10.28 9.40
CA LEU A 81 6.09 10.86 10.31
C LEU A 81 5.35 11.52 11.49
N GLN A 82 4.55 12.52 11.16
CA GLN A 82 3.79 13.23 12.17
C GLN A 82 3.23 12.25 13.20
N ASP A 83 2.43 11.31 12.71
CA ASP A 83 1.82 10.32 13.58
C ASP A 83 2.86 9.82 14.57
N SER A 84 3.95 9.28 14.04
CA SER A 84 5.03 8.77 14.87
C SER A 84 5.53 9.86 15.82
N GLY A 85 5.79 11.03 15.24
CA GLY A 85 6.27 12.16 16.02
C GLY A 85 6.30 13.43 15.17
N PRO A 86 6.38 14.59 15.88
CA PRO A 86 6.43 15.87 15.20
C PRO A 86 7.80 16.13 14.59
N SER A 87 7.82 17.05 13.64
CA SER A 87 9.06 17.40 12.96
C SER A 87 8.83 18.57 12.02
N SER A 88 9.94 19.11 11.50
CA SER A 88 9.87 20.24 10.59
C SER A 88 11.25 20.51 9.99
N GLY A 89 11.25 20.82 8.72
CA GLY A 89 12.50 21.11 8.02
C GLY A 89 12.61 20.28 6.74
N GLY A 1 -11.74 -1.62 -5.42
CA GLY A 1 -12.11 -0.54 -4.53
C GLY A 1 -13.60 -0.58 -4.18
N SER A 2 -14.38 0.08 -5.02
CA SER A 2 -15.83 0.12 -4.82
C SER A 2 -16.14 0.79 -3.47
N SER A 3 -16.26 2.10 -3.52
CA SER A 3 -16.56 2.87 -2.32
C SER A 3 -16.90 4.31 -2.70
N GLY A 4 -15.94 4.95 -3.36
CA GLY A 4 -16.13 6.33 -3.77
C GLY A 4 -14.81 7.12 -3.69
N SER A 5 -13.86 6.71 -4.52
CA SER A 5 -12.56 7.36 -4.54
C SER A 5 -12.03 7.51 -3.11
N SER A 6 -11.30 6.49 -2.67
CA SER A 6 -10.74 6.51 -1.34
C SER A 6 -10.01 5.19 -1.07
N GLY A 7 -9.01 5.26 -0.20
CA GLY A 7 -8.23 4.09 0.14
C GLY A 7 -6.79 4.22 -0.38
N PRO A 8 -5.94 3.24 0.05
CA PRO A 8 -4.54 3.24 -0.36
C PRO A 8 -4.40 2.77 -1.80
N ILE A 9 -5.30 1.89 -2.20
CA ILE A 9 -5.28 1.35 -3.55
C ILE A 9 -5.68 2.45 -4.54
N SER A 10 -6.96 2.77 -4.53
CA SER A 10 -7.47 3.80 -5.43
C SER A 10 -6.47 4.96 -5.51
N ARG A 11 -6.07 5.43 -4.34
CA ARG A 11 -5.12 6.53 -4.27
C ARG A 11 -3.87 6.21 -5.10
N LEU A 12 -3.35 5.01 -4.89
CA LEU A 12 -2.16 4.58 -5.60
C LEU A 12 -2.47 4.52 -7.09
N ALA A 13 -3.64 3.96 -7.41
CA ALA A 13 -4.06 3.84 -8.80
C ALA A 13 -4.23 5.23 -9.40
N GLN A 14 -4.83 6.11 -8.62
CA GLN A 14 -5.06 7.48 -9.06
C GLN A 14 -3.73 8.16 -9.39
N ILE A 15 -2.69 7.75 -8.67
CA ILE A 15 -1.38 8.31 -8.89
C ILE A 15 -0.77 7.71 -10.16
N GLN A 16 -1.01 6.41 -10.34
CA GLN A 16 -0.49 5.71 -11.50
C GLN A 16 -1.13 6.26 -12.78
N GLN A 17 -2.41 6.60 -12.67
CA GLN A 17 -3.14 7.15 -13.80
C GLN A 17 -2.83 8.64 -13.96
N ALA A 18 -2.76 9.33 -12.83
CA ALA A 18 -2.47 10.75 -12.84
C ALA A 18 -1.02 10.98 -13.26
N ARG A 19 -0.20 9.97 -13.01
CA ARG A 19 1.21 10.05 -13.35
C ARG A 19 1.40 9.75 -14.85
N LYS A 20 0.40 9.11 -15.42
CA LYS A 20 0.44 8.76 -16.83
C LYS A 20 1.50 7.69 -17.05
N GLU A 21 1.80 6.97 -15.98
CA GLU A 21 2.80 5.91 -16.04
C GLU A 21 2.14 4.58 -16.41
N LYS A 22 1.52 3.97 -15.42
CA LYS A 22 0.84 2.70 -15.62
C LYS A 22 0.32 2.18 -14.28
N GLU A 23 -0.93 1.77 -14.28
CA GLU A 23 -1.55 1.25 -13.08
C GLU A 23 -0.56 0.38 -12.30
N PRO A 24 -0.86 0.23 -10.99
CA PRO A 24 0.00 -0.58 -10.12
C PRO A 24 -0.20 -2.07 -10.38
N ASP A 25 0.88 -2.82 -10.23
CA ASP A 25 0.83 -4.25 -10.43
C ASP A 25 0.97 -4.97 -9.09
N TYR A 26 -0.15 -5.50 -8.62
CA TYR A 26 -0.18 -6.20 -7.35
C TYR A 26 0.16 -7.69 -7.55
N ILE A 27 1.00 -8.18 -6.67
CA ILE A 27 1.40 -9.58 -6.73
C ILE A 27 1.35 -10.19 -5.33
N LEU A 28 0.77 -11.37 -5.25
CA LEU A 28 0.65 -12.07 -3.98
C LEU A 28 1.94 -12.82 -3.69
N LEU A 29 2.63 -12.38 -2.65
CA LEU A 29 3.88 -13.00 -2.26
C LEU A 29 3.60 -14.40 -1.70
N SER A 30 2.85 -14.44 -0.61
CA SER A 30 2.51 -15.69 0.02
C SER A 30 1.43 -15.46 1.09
N GLU A 31 1.06 -16.54 1.75
CA GLU A 31 0.05 -16.48 2.80
C GLU A 31 0.36 -17.48 3.90
N ARG A 32 0.45 -16.98 5.12
CA ARG A 32 0.74 -17.82 6.27
C ARG A 32 0.40 -17.08 7.57
N GLY A 33 0.43 -17.83 8.66
CA GLY A 33 0.13 -17.26 9.97
C GLY A 33 -0.90 -18.11 10.71
N MET A 34 -1.10 -17.77 11.97
CA MET A 34 -2.05 -18.49 12.81
C MET A 34 -3.42 -18.55 12.13
N PRO A 35 -4.26 -19.50 12.64
CA PRO A 35 -5.61 -19.67 12.10
C PRO A 35 -6.53 -18.54 12.57
N ARG A 36 -6.30 -18.11 13.79
CA ARG A 36 -7.10 -17.04 14.37
C ARG A 36 -6.90 -15.73 13.60
N ARG A 37 -5.63 -15.40 13.41
CA ARG A 37 -5.28 -14.19 12.69
C ARG A 37 -4.13 -14.46 11.71
N ARG A 38 -4.48 -15.11 10.61
CA ARG A 38 -3.49 -15.44 9.60
C ARG A 38 -2.86 -14.15 9.04
N GLU A 39 -1.87 -14.35 8.18
CA GLU A 39 -1.19 -13.23 7.55
C GLU A 39 -1.01 -13.48 6.06
N PHE A 40 -1.15 -12.40 5.29
CA PHE A 40 -1.00 -12.48 3.85
C PHE A 40 -0.03 -11.42 3.33
N VAL A 41 0.98 -11.89 2.63
CA VAL A 41 1.99 -10.99 2.07
C VAL A 41 1.54 -10.53 0.69
N MET A 42 1.60 -9.22 0.49
CA MET A 42 1.21 -8.64 -0.79
C MET A 42 2.32 -7.75 -1.35
N GLN A 43 2.38 -7.68 -2.67
CA GLN A 43 3.38 -6.87 -3.34
C GLN A 43 2.71 -5.92 -4.33
N VAL A 44 3.38 -4.80 -4.56
CA VAL A 44 2.86 -3.79 -5.49
C VAL A 44 4.02 -3.23 -6.31
N LYS A 45 3.81 -3.21 -7.62
CA LYS A 45 4.82 -2.69 -8.53
C LYS A 45 4.27 -1.45 -9.24
N VAL A 46 4.95 -0.35 -9.01
CA VAL A 46 4.56 0.92 -9.61
C VAL A 46 5.75 1.53 -10.35
N GLY A 47 5.66 1.52 -11.67
CA GLY A 47 6.72 2.07 -12.50
C GLY A 47 8.05 1.35 -12.22
N ASN A 48 8.95 2.08 -11.60
CA ASN A 48 10.26 1.54 -11.27
C ASN A 48 10.39 1.39 -9.76
N GLU A 49 9.24 1.26 -9.11
CA GLU A 49 9.21 1.11 -7.66
C GLU A 49 8.35 -0.10 -7.28
N VAL A 50 8.62 -0.61 -6.08
CA VAL A 50 7.89 -1.77 -5.58
C VAL A 50 7.64 -1.60 -4.08
N ALA A 51 6.55 -2.20 -3.62
CA ALA A 51 6.20 -2.12 -2.22
C ALA A 51 5.53 -3.44 -1.79
N THR A 52 5.35 -3.58 -0.48
CA THR A 52 4.73 -4.77 0.05
C THR A 52 3.74 -4.40 1.16
N GLY A 53 2.77 -5.28 1.36
CA GLY A 53 1.75 -5.05 2.37
C GLY A 53 1.40 -6.36 3.09
N THR A 54 0.98 -6.22 4.34
CA THR A 54 0.61 -7.37 5.14
C THR A 54 -0.67 -7.09 5.93
N GLY A 55 -1.38 -8.15 6.26
CA GLY A 55 -2.61 -8.03 7.01
C GLY A 55 -3.22 -9.41 7.29
N PRO A 56 -4.46 -9.38 7.85
CA PRO A 56 -5.17 -10.62 8.16
C PRO A 56 -5.71 -11.28 6.91
N ASN A 57 -6.03 -10.45 5.93
CA ASN A 57 -6.56 -10.94 4.66
C ASN A 57 -5.83 -10.26 3.51
N LYS A 58 -5.94 -10.87 2.34
CA LYS A 58 -5.29 -10.33 1.16
C LYS A 58 -5.70 -8.86 0.99
N LYS A 59 -6.99 -8.62 1.09
CA LYS A 59 -7.51 -7.27 0.96
C LYS A 59 -6.60 -6.30 1.71
N ILE A 60 -6.72 -6.32 3.03
CA ILE A 60 -5.93 -5.45 3.87
C ILE A 60 -4.47 -5.53 3.44
N ALA A 61 -3.99 -6.75 3.32
CA ALA A 61 -2.60 -6.98 2.90
C ALA A 61 -2.29 -6.12 1.68
N LYS A 62 -3.26 -6.07 0.78
CA LYS A 62 -3.10 -5.29 -0.44
C LYS A 62 -3.13 -3.81 -0.10
N LYS A 63 -4.15 -3.42 0.66
CA LYS A 63 -4.30 -2.03 1.07
C LYS A 63 -2.98 -1.54 1.68
N ASN A 64 -2.41 -2.39 2.52
CA ASN A 64 -1.15 -2.05 3.17
C ASN A 64 -0.05 -1.94 2.13
N ALA A 65 -0.16 -2.76 1.10
CA ALA A 65 0.82 -2.76 0.03
C ALA A 65 0.85 -1.38 -0.63
N ALA A 66 -0.33 -0.88 -0.96
CA ALA A 66 -0.45 0.43 -1.59
C ALA A 66 0.07 1.49 -0.63
N GLU A 67 -0.28 1.33 0.64
CA GLU A 67 0.14 2.28 1.66
C GLU A 67 1.66 2.46 1.62
N ALA A 68 2.35 1.33 1.77
CA ALA A 68 3.81 1.34 1.76
C ALA A 68 4.29 2.09 0.52
N MET A 69 3.71 1.72 -0.61
CA MET A 69 4.08 2.34 -1.88
C MET A 69 3.95 3.86 -1.80
N LEU A 70 2.79 4.30 -1.37
CA LEU A 70 2.52 5.73 -1.24
C LEU A 70 3.50 6.33 -0.22
N LEU A 71 3.79 5.54 0.81
CA LEU A 71 4.70 5.98 1.85
C LEU A 71 6.11 6.16 1.26
N GLN A 72 6.45 5.26 0.35
CA GLN A 72 7.75 5.32 -0.29
C GLN A 72 7.79 6.44 -1.32
N LEU A 73 6.67 6.59 -2.02
CA LEU A 73 6.56 7.63 -3.03
C LEU A 73 6.73 9.00 -2.38
N GLY A 74 6.22 9.11 -1.16
CA GLY A 74 6.30 10.35 -0.42
C GLY A 74 4.94 11.05 -0.37
N TYR A 75 3.89 10.24 -0.32
CA TYR A 75 2.54 10.76 -0.26
C TYR A 75 1.95 10.61 1.13
N LYS A 76 2.60 9.78 1.94
CA LYS A 76 2.15 9.54 3.29
C LYS A 76 3.35 9.56 4.24
N ALA A 77 4.41 10.22 3.78
CA ALA A 77 5.62 10.33 4.57
C ALA A 77 5.45 11.41 5.62
N SER A 78 5.07 12.59 5.16
CA SER A 78 4.86 13.72 6.05
C SER A 78 4.11 13.26 7.31
N THR A 79 2.91 12.77 7.09
CA THR A 79 2.08 12.29 8.19
C THR A 79 2.81 11.20 8.98
N SER A 80 3.25 10.19 8.25
CA SER A 80 3.97 9.08 8.86
C SER A 80 4.95 9.60 9.91
N LEU A 81 5.85 10.46 9.45
CA LEU A 81 6.85 11.04 10.33
C LEU A 81 6.19 11.39 11.67
N GLN A 82 5.30 12.37 11.62
CA GLN A 82 4.60 12.81 12.81
C GLN A 82 4.22 11.62 13.68
N ASP A 83 3.39 10.75 13.12
CA ASP A 83 2.95 9.56 13.84
C ASP A 83 4.14 8.97 14.61
N SER A 84 5.19 8.67 13.86
CA SER A 84 6.39 8.09 14.45
C SER A 84 6.87 8.97 15.61
N GLY A 85 6.98 10.26 15.34
CA GLY A 85 7.42 11.21 16.34
C GLY A 85 7.65 12.58 15.73
N PRO A 86 7.05 13.62 16.38
CA PRO A 86 7.19 14.99 15.91
C PRO A 86 8.58 15.54 16.24
N SER A 87 9.10 16.33 15.31
CA SER A 87 10.42 16.92 15.49
C SER A 87 10.28 18.41 15.77
N SER A 88 11.02 18.87 16.77
CA SER A 88 11.00 20.28 17.15
C SER A 88 12.00 20.54 18.27
N GLY A 89 12.95 21.42 17.98
CA GLY A 89 13.96 21.76 18.96
C GLY A 89 14.40 20.54 19.76
N GLY A 1 -10.86 -4.44 -10.26
CA GLY A 1 -10.51 -3.11 -10.70
C GLY A 1 -11.51 -2.07 -10.19
N SER A 2 -11.47 -1.84 -8.89
CA SER A 2 -12.38 -0.89 -8.27
C SER A 2 -12.16 0.50 -8.87
N SER A 3 -13.27 1.22 -9.03
CA SER A 3 -13.21 2.55 -9.60
C SER A 3 -13.97 3.53 -8.70
N GLY A 4 -13.27 3.99 -7.67
CA GLY A 4 -13.85 4.93 -6.72
C GLY A 4 -13.47 4.57 -5.28
N SER A 5 -14.26 5.08 -4.36
CA SER A 5 -14.01 4.82 -2.95
C SER A 5 -12.67 5.43 -2.53
N SER A 6 -12.49 5.56 -1.22
CA SER A 6 -11.26 6.12 -0.68
C SER A 6 -10.45 5.02 0.01
N GLY A 7 -9.19 4.93 -0.38
CA GLY A 7 -8.30 3.94 0.19
C GLY A 7 -6.87 4.11 -0.34
N PRO A 8 -5.97 3.21 0.15
CA PRO A 8 -4.58 3.26 -0.27
C PRO A 8 -4.41 2.72 -1.69
N ILE A 9 -5.22 1.72 -2.01
CA ILE A 9 -5.17 1.11 -3.33
C ILE A 9 -5.54 2.16 -4.38
N SER A 10 -6.80 2.55 -4.37
CA SER A 10 -7.29 3.54 -5.31
C SER A 10 -6.30 4.71 -5.41
N ARG A 11 -5.96 5.24 -4.24
CA ARG A 11 -5.02 6.35 -4.18
C ARG A 11 -3.79 6.06 -5.03
N LEU A 12 -3.23 4.87 -4.83
CA LEU A 12 -2.05 4.46 -5.57
C LEU A 12 -2.39 4.38 -7.06
N ALA A 13 -3.56 3.82 -7.35
CA ALA A 13 -4.02 3.69 -8.72
C ALA A 13 -4.20 5.08 -9.33
N GLN A 14 -4.76 5.97 -8.53
CA GLN A 14 -5.00 7.33 -8.97
C GLN A 14 -3.67 8.01 -9.33
N ILE A 15 -2.62 7.61 -8.63
CA ILE A 15 -1.31 8.17 -8.85
C ILE A 15 -0.73 7.59 -10.14
N GLN A 16 -0.98 6.30 -10.34
CA GLN A 16 -0.49 5.62 -11.53
C GLN A 16 -1.17 6.17 -12.77
N GLN A 17 -2.44 6.52 -12.62
CA GLN A 17 -3.20 7.06 -13.72
C GLN A 17 -2.93 8.56 -13.88
N ALA A 18 -2.82 9.23 -12.73
CA ALA A 18 -2.56 10.65 -12.73
C ALA A 18 -1.13 10.92 -13.21
N ARG A 19 -0.27 9.92 -13.00
CA ARG A 19 1.11 10.03 -13.39
C ARG A 19 1.26 9.74 -14.90
N LYS A 20 0.23 9.10 -15.44
CA LYS A 20 0.24 8.75 -16.85
C LYS A 20 1.28 7.66 -17.10
N GLU A 21 1.67 7.00 -16.02
CA GLU A 21 2.65 5.92 -16.12
C GLU A 21 1.97 4.61 -16.49
N LYS A 22 1.39 3.97 -15.49
CA LYS A 22 0.71 2.71 -15.70
C LYS A 22 0.21 2.17 -14.36
N GLU A 23 -1.05 1.75 -14.35
CA GLU A 23 -1.65 1.21 -13.14
C GLU A 23 -0.65 0.35 -12.39
N PRO A 24 -0.91 0.20 -11.05
CA PRO A 24 -0.03 -0.59 -10.21
C PRO A 24 -0.24 -2.09 -10.45
N ASP A 25 0.86 -2.83 -10.32
CA ASP A 25 0.80 -4.27 -10.52
C ASP A 25 0.95 -4.97 -9.17
N TYR A 26 -0.17 -5.50 -8.70
CA TYR A 26 -0.19 -6.21 -7.42
C TYR A 26 0.14 -7.68 -7.61
N ILE A 27 1.08 -8.17 -6.80
CA ILE A 27 1.49 -9.56 -6.87
C ILE A 27 1.41 -10.18 -5.48
N LEU A 28 0.75 -11.32 -5.40
CA LEU A 28 0.60 -12.02 -4.13
C LEU A 28 1.90 -12.76 -3.81
N LEU A 29 2.53 -12.33 -2.72
CA LEU A 29 3.77 -12.93 -2.30
C LEU A 29 3.48 -14.32 -1.72
N SER A 30 2.74 -14.32 -0.63
CA SER A 30 2.38 -15.57 0.03
C SER A 30 1.31 -15.31 1.09
N GLU A 31 0.98 -16.37 1.83
CA GLU A 31 -0.03 -16.27 2.86
C GLU A 31 0.29 -17.23 4.01
N ARG A 32 0.72 -16.66 5.13
CA ARG A 32 1.07 -17.46 6.29
C ARG A 32 0.92 -16.62 7.57
N GLY A 33 0.88 -17.32 8.69
CA GLY A 33 0.74 -16.66 9.97
C GLY A 33 -0.22 -17.44 10.89
N MET A 34 -0.60 -16.79 11.97
CA MET A 34 -1.51 -17.40 12.93
C MET A 34 -2.73 -18.01 12.22
N PRO A 35 -3.36 -19.01 12.90
CA PRO A 35 -4.52 -19.67 12.35
C PRO A 35 -5.76 -18.78 12.46
N ARG A 36 -5.83 -18.04 13.55
CA ARG A 36 -6.94 -17.13 13.78
C ARG A 36 -6.95 -16.03 12.72
N ARG A 37 -5.82 -15.34 12.62
CA ARG A 37 -5.69 -14.26 11.66
C ARG A 37 -4.39 -14.40 10.87
N ARG A 38 -4.46 -15.23 9.83
CA ARG A 38 -3.30 -15.47 8.99
C ARG A 38 -2.79 -14.15 8.40
N GLU A 39 -1.50 -14.13 8.10
CA GLU A 39 -0.89 -12.94 7.52
C GLU A 39 -0.61 -13.15 6.03
N PHE A 40 -1.19 -12.27 5.23
CA PHE A 40 -1.02 -12.35 3.78
C PHE A 40 0.00 -11.32 3.30
N VAL A 41 0.92 -11.80 2.46
CA VAL A 41 1.96 -10.93 1.92
C VAL A 41 1.55 -10.47 0.52
N MET A 42 1.42 -9.16 0.37
CA MET A 42 1.04 -8.58 -0.89
C MET A 42 2.14 -7.69 -1.45
N GLN A 43 2.28 -7.71 -2.76
CA GLN A 43 3.30 -6.90 -3.43
C GLN A 43 2.65 -5.93 -4.41
N VAL A 44 3.31 -4.79 -4.58
CA VAL A 44 2.81 -3.77 -5.49
C VAL A 44 3.97 -3.23 -6.33
N LYS A 45 3.76 -3.21 -7.63
CA LYS A 45 4.77 -2.72 -8.55
C LYS A 45 4.24 -1.48 -9.27
N VAL A 46 4.93 -0.36 -9.04
CA VAL A 46 4.54 0.89 -9.64
C VAL A 46 5.75 1.49 -10.37
N GLY A 47 5.65 1.48 -11.69
CA GLY A 47 6.72 2.02 -12.52
C GLY A 47 8.05 1.29 -12.24
N ASN A 48 8.97 2.03 -11.63
CA ASN A 48 10.26 1.48 -11.31
C ASN A 48 10.38 1.34 -9.79
N GLU A 49 9.24 1.21 -9.14
CA GLU A 49 9.20 1.07 -7.70
C GLU A 49 8.33 -0.13 -7.30
N VAL A 50 8.58 -0.63 -6.10
CA VAL A 50 7.83 -1.77 -5.59
C VAL A 50 7.55 -1.57 -4.10
N ALA A 51 6.48 -2.19 -3.64
CA ALA A 51 6.10 -2.09 -2.25
C ALA A 51 5.42 -3.39 -1.81
N THR A 52 5.24 -3.52 -0.51
CA THR A 52 4.61 -4.70 0.05
C THR A 52 3.56 -4.31 1.10
N GLY A 53 2.63 -5.22 1.33
CA GLY A 53 1.57 -4.99 2.30
C GLY A 53 1.18 -6.29 3.01
N THR A 54 0.90 -6.16 4.29
CA THR A 54 0.51 -7.30 5.10
C THR A 54 -0.74 -6.98 5.92
N GLY A 55 -1.50 -8.03 6.22
CA GLY A 55 -2.71 -7.88 7.00
C GLY A 55 -3.31 -9.24 7.35
N PRO A 56 -4.56 -9.20 7.89
CA PRO A 56 -5.26 -10.41 8.28
C PRO A 56 -5.79 -11.15 7.05
N ASN A 57 -5.86 -10.42 5.94
CA ASN A 57 -6.34 -11.00 4.70
C ASN A 57 -5.68 -10.30 3.52
N LYS A 58 -5.67 -10.98 2.39
CA LYS A 58 -5.07 -10.43 1.19
C LYS A 58 -5.53 -8.99 1.00
N LYS A 59 -6.85 -8.82 0.95
CA LYS A 59 -7.43 -7.50 0.78
C LYS A 59 -6.61 -6.48 1.56
N ILE A 60 -6.81 -6.48 2.87
CA ILE A 60 -6.11 -5.57 3.74
C ILE A 60 -4.64 -5.53 3.34
N ALA A 61 -4.06 -6.72 3.22
CA ALA A 61 -2.66 -6.83 2.84
C ALA A 61 -2.38 -5.94 1.63
N LYS A 62 -3.31 -5.98 0.68
CA LYS A 62 -3.18 -5.19 -0.52
C LYS A 62 -3.25 -3.71 -0.17
N LYS A 63 -4.24 -3.38 0.65
CA LYS A 63 -4.43 -2.00 1.08
C LYS A 63 -3.14 -1.48 1.72
N ASN A 64 -2.54 -2.33 2.53
CA ASN A 64 -1.30 -1.98 3.20
C ASN A 64 -0.16 -1.93 2.18
N ALA A 65 -0.35 -2.67 1.10
CA ALA A 65 0.65 -2.71 0.04
C ALA A 65 0.73 -1.35 -0.65
N ALA A 66 -0.45 -0.85 -1.03
CA ALA A 66 -0.52 0.44 -1.69
C ALA A 66 0.01 1.53 -0.76
N GLU A 67 -0.32 1.38 0.51
CA GLU A 67 0.11 2.34 1.52
C GLU A 67 1.64 2.47 1.50
N ALA A 68 2.29 1.37 1.86
CA ALA A 68 3.74 1.33 1.90
C ALA A 68 4.29 2.04 0.65
N MET A 69 3.77 1.65 -0.50
CA MET A 69 4.19 2.23 -1.75
C MET A 69 4.14 3.76 -1.70
N LEU A 70 2.99 4.27 -1.27
CA LEU A 70 2.81 5.70 -1.16
C LEU A 70 3.84 6.28 -0.19
N LEU A 71 3.92 5.65 0.97
CA LEU A 71 4.86 6.09 2.00
C LEU A 71 6.26 6.21 1.37
N GLN A 72 6.59 5.22 0.56
CA GLN A 72 7.89 5.21 -0.10
C GLN A 72 7.97 6.32 -1.14
N LEU A 73 6.85 6.52 -1.82
CA LEU A 73 6.77 7.54 -2.86
C LEU A 73 6.86 8.93 -2.21
N GLY A 74 6.51 8.96 -0.93
CA GLY A 74 6.54 10.21 -0.18
C GLY A 74 5.23 10.98 -0.35
N TYR A 75 4.13 10.24 -0.31
CA TYR A 75 2.82 10.84 -0.46
C TYR A 75 2.08 10.88 0.89
N LYS A 76 2.64 10.15 1.85
CA LYS A 76 2.04 10.10 3.17
C LYS A 76 3.15 9.88 4.21
N ALA A 77 4.35 10.28 3.84
CA ALA A 77 5.50 10.12 4.72
C ALA A 77 5.40 11.16 5.84
N SER A 78 5.32 12.42 5.45
CA SER A 78 5.23 13.51 6.40
C SER A 78 4.23 13.15 7.50
N THR A 79 3.00 12.91 7.08
CA THR A 79 1.94 12.56 8.03
C THR A 79 2.36 11.34 8.86
N SER A 80 2.81 10.31 8.16
CA SER A 80 3.24 9.09 8.83
C SER A 80 4.07 9.43 10.07
N LEU A 81 5.20 10.07 9.83
CA LEU A 81 6.09 10.47 10.90
C LEU A 81 5.26 10.98 12.08
N GLN A 82 4.55 12.07 11.83
CA GLN A 82 3.72 12.67 12.86
C GLN A 82 3.00 11.59 13.66
N ASP A 83 2.13 10.86 12.97
CA ASP A 83 1.38 9.80 13.60
C ASP A 83 2.29 9.03 14.56
N SER A 84 3.38 8.53 14.01
CA SER A 84 4.34 7.77 14.80
C SER A 84 4.78 8.59 16.00
N GLY A 85 5.17 9.83 15.74
CA GLY A 85 5.60 10.73 16.80
C GLY A 85 5.68 12.17 16.30
N PRO A 86 5.72 13.12 17.28
CA PRO A 86 5.79 14.52 16.94
C PRO A 86 7.21 14.91 16.49
N SER A 87 7.25 15.77 15.48
CA SER A 87 8.52 16.21 14.94
C SER A 87 8.31 17.45 14.05
N SER A 88 9.42 18.10 13.73
CA SER A 88 9.36 19.29 12.90
C SER A 88 9.37 18.89 11.42
N GLY A 89 10.43 18.19 11.04
CA GLY A 89 10.57 17.74 9.66
C GLY A 89 9.34 16.96 9.21
N GLY A 1 -12.24 -6.24 -5.94
CA GLY A 1 -11.35 -5.13 -5.64
C GLY A 1 -11.86 -3.83 -6.27
N SER A 2 -12.88 -3.26 -5.64
CA SER A 2 -13.45 -2.02 -6.12
C SER A 2 -14.56 -1.55 -5.17
N SER A 3 -14.60 -0.25 -4.97
CA SER A 3 -15.60 0.35 -4.08
C SER A 3 -15.43 1.86 -4.04
N GLY A 4 -16.55 2.55 -3.92
CA GLY A 4 -16.54 4.00 -3.87
C GLY A 4 -16.09 4.50 -2.50
N SER A 5 -14.77 4.53 -2.31
CA SER A 5 -14.20 4.97 -1.05
C SER A 5 -12.75 5.41 -1.27
N SER A 6 -12.22 6.11 -0.27
CA SER A 6 -10.86 6.59 -0.34
C SER A 6 -9.93 5.65 0.44
N GLY A 7 -9.04 5.01 -0.30
CA GLY A 7 -8.09 4.09 0.30
C GLY A 7 -6.71 4.22 -0.35
N PRO A 8 -5.79 3.31 0.07
CA PRO A 8 -4.43 3.31 -0.45
C PRO A 8 -4.40 2.75 -1.87
N ILE A 9 -5.34 1.85 -2.13
CA ILE A 9 -5.42 1.22 -3.45
C ILE A 9 -5.82 2.28 -4.49
N SER A 10 -7.08 2.67 -4.44
CA SER A 10 -7.60 3.66 -5.36
C SER A 10 -6.62 4.83 -5.48
N ARG A 11 -6.22 5.34 -4.33
CA ARG A 11 -5.28 6.44 -4.29
C ARG A 11 -4.06 6.14 -5.15
N LEU A 12 -3.36 5.08 -4.78
CA LEU A 12 -2.17 4.67 -5.50
C LEU A 12 -2.51 4.54 -6.99
N ALA A 13 -3.64 3.88 -7.25
CA ALA A 13 -4.08 3.68 -8.62
C ALA A 13 -4.29 5.04 -9.29
N GLN A 14 -4.93 5.93 -8.56
CA GLN A 14 -5.19 7.27 -9.07
C GLN A 14 -3.88 7.98 -9.41
N ILE A 15 -2.86 7.64 -8.65
CA ILE A 15 -1.54 8.23 -8.86
C ILE A 15 -0.92 7.67 -10.14
N GLN A 16 -1.14 6.37 -10.34
CA GLN A 16 -0.62 5.70 -11.51
C GLN A 16 -1.19 6.32 -12.78
N GLN A 17 -2.39 6.86 -12.65
CA GLN A 17 -3.05 7.49 -13.78
C GLN A 17 -2.68 8.97 -13.85
N ALA A 18 -2.73 9.63 -12.70
CA ALA A 18 -2.40 11.04 -12.62
C ALA A 18 -0.99 11.26 -13.16
N ARG A 19 -0.17 10.23 -13.01
CA ARG A 19 1.21 10.30 -13.47
C ARG A 19 1.29 9.93 -14.96
N LYS A 20 0.25 9.26 -15.43
CA LYS A 20 0.19 8.85 -16.82
C LYS A 20 1.26 7.79 -17.09
N GLU A 21 1.55 7.01 -16.06
CA GLU A 21 2.55 5.96 -16.16
C GLU A 21 1.88 4.62 -16.47
N LYS A 22 1.27 4.05 -15.44
CA LYS A 22 0.60 2.78 -15.58
C LYS A 22 0.14 2.28 -14.21
N GLU A 23 -1.09 1.81 -14.16
CA GLU A 23 -1.66 1.31 -12.93
C GLU A 23 -0.65 0.44 -12.19
N PRO A 24 -0.89 0.26 -10.87
CA PRO A 24 0.00 -0.54 -10.03
C PRO A 24 -0.21 -2.03 -10.31
N ASP A 25 0.89 -2.78 -10.19
CA ASP A 25 0.84 -4.21 -10.41
C ASP A 25 0.99 -4.94 -9.08
N TYR A 26 -0.14 -5.46 -8.60
CA TYR A 26 -0.14 -6.19 -7.34
C TYR A 26 0.17 -7.67 -7.55
N ILE A 27 1.06 -8.17 -6.70
CA ILE A 27 1.46 -9.57 -6.79
C ILE A 27 1.40 -10.20 -5.39
N LEU A 28 0.68 -11.31 -5.31
CA LEU A 28 0.54 -12.01 -4.05
C LEU A 28 1.83 -12.79 -3.75
N LEU A 29 2.51 -12.36 -2.70
CA LEU A 29 3.75 -13.01 -2.30
C LEU A 29 3.44 -14.40 -1.76
N SER A 30 2.64 -14.44 -0.70
CA SER A 30 2.26 -15.69 -0.09
C SER A 30 1.32 -15.44 1.09
N GLU A 31 1.05 -16.50 1.84
CA GLU A 31 0.17 -16.40 2.99
C GLU A 31 0.71 -17.25 4.14
N ARG A 32 0.96 -16.58 5.26
CA ARG A 32 1.47 -17.26 6.44
C ARG A 32 1.58 -16.27 7.61
N GLY A 33 1.45 -16.82 8.81
CA GLY A 33 1.53 -16.00 10.01
C GLY A 33 1.09 -16.80 11.24
N MET A 34 0.03 -16.32 11.88
CA MET A 34 -0.50 -16.97 13.06
C MET A 34 -1.73 -17.81 12.72
N PRO A 35 -2.06 -18.75 13.65
CA PRO A 35 -3.21 -19.62 13.47
C PRO A 35 -4.51 -18.87 13.70
N ARG A 36 -4.47 -17.97 14.67
CA ARG A 36 -5.64 -17.18 15.02
C ARG A 36 -6.00 -16.24 13.87
N ARG A 37 -5.04 -15.39 13.51
CA ARG A 37 -5.24 -14.44 12.42
C ARG A 37 -4.05 -14.48 11.46
N ARG A 38 -4.12 -15.42 10.52
CA ARG A 38 -3.06 -15.58 9.54
C ARG A 38 -2.71 -14.22 8.93
N GLU A 39 -1.61 -14.20 8.19
CA GLU A 39 -1.14 -12.98 7.55
C GLU A 39 -0.92 -13.22 6.06
N PHE A 40 -1.38 -12.28 5.25
CA PHE A 40 -1.23 -12.37 3.82
C PHE A 40 -0.23 -11.35 3.30
N VAL A 41 0.77 -11.86 2.58
CA VAL A 41 1.80 -11.01 2.03
C VAL A 41 1.38 -10.53 0.63
N MET A 42 1.44 -9.22 0.45
CA MET A 42 1.07 -8.63 -0.83
C MET A 42 2.19 -7.74 -1.38
N GLN A 43 2.33 -7.77 -2.69
CA GLN A 43 3.36 -6.98 -3.35
C GLN A 43 2.72 -5.98 -4.32
N VAL A 44 3.41 -4.87 -4.53
CA VAL A 44 2.93 -3.85 -5.44
C VAL A 44 4.10 -3.32 -6.27
N LYS A 45 3.86 -3.26 -7.58
CA LYS A 45 4.87 -2.79 -8.50
C LYS A 45 4.35 -1.55 -9.24
N VAL A 46 5.04 -0.44 -9.03
CA VAL A 46 4.66 0.81 -9.65
C VAL A 46 5.86 1.39 -10.40
N GLY A 47 5.77 1.37 -11.72
CA GLY A 47 6.84 1.88 -12.55
C GLY A 47 8.16 1.15 -12.28
N ASN A 48 9.06 1.86 -11.62
CA ASN A 48 10.35 1.29 -11.29
C ASN A 48 10.48 1.16 -9.77
N GLU A 49 9.33 1.06 -9.13
CA GLU A 49 9.29 0.94 -7.68
C GLU A 49 8.43 -0.26 -7.27
N VAL A 50 8.68 -0.76 -6.08
CA VAL A 50 7.94 -1.89 -5.56
C VAL A 50 7.68 -1.69 -4.06
N ALA A 51 6.61 -2.32 -3.60
CA ALA A 51 6.24 -2.22 -2.19
C ALA A 51 5.57 -3.51 -1.76
N THR A 52 5.41 -3.65 -0.45
CA THR A 52 4.77 -4.83 0.12
C THR A 52 3.77 -4.44 1.20
N GLY A 53 2.82 -5.33 1.45
CA GLY A 53 1.80 -5.10 2.45
C GLY A 53 1.38 -6.40 3.13
N THR A 54 0.95 -6.27 4.38
CA THR A 54 0.53 -7.43 5.14
C THR A 54 -0.76 -7.12 5.90
N GLY A 55 -1.54 -8.16 6.15
CA GLY A 55 -2.80 -8.01 6.87
C GLY A 55 -3.42 -9.37 7.18
N PRO A 56 -4.63 -9.33 7.78
CA PRO A 56 -5.34 -10.54 8.13
C PRO A 56 -5.94 -11.21 6.90
N ASN A 57 -5.95 -10.46 5.80
CA ASN A 57 -6.48 -10.97 4.55
C ASN A 57 -5.74 -10.30 3.38
N LYS A 58 -5.96 -10.86 2.20
CA LYS A 58 -5.33 -10.33 1.01
C LYS A 58 -5.70 -8.86 0.84
N LYS A 59 -7.00 -8.59 0.96
CA LYS A 59 -7.50 -7.23 0.82
C LYS A 59 -6.56 -6.29 1.58
N ILE A 60 -6.71 -6.29 2.90
CA ILE A 60 -5.91 -5.44 3.76
C ILE A 60 -4.44 -5.54 3.32
N ALA A 61 -3.97 -6.77 3.22
CA ALA A 61 -2.60 -7.03 2.82
C ALA A 61 -2.26 -6.17 1.60
N LYS A 62 -3.24 -6.05 0.72
CA LYS A 62 -3.05 -5.26 -0.50
C LYS A 62 -3.08 -3.78 -0.13
N LYS A 63 -4.06 -3.41 0.69
CA LYS A 63 -4.21 -2.03 1.11
C LYS A 63 -2.89 -1.54 1.70
N ASN A 64 -2.30 -2.38 2.55
CA ASN A 64 -1.05 -2.03 3.19
C ASN A 64 0.04 -1.91 2.12
N ALA A 65 -0.05 -2.77 1.11
CA ALA A 65 0.90 -2.77 0.02
C ALA A 65 0.84 -1.43 -0.70
N ALA A 66 -0.38 -1.01 -1.01
CA ALA A 66 -0.59 0.24 -1.71
C ALA A 66 -0.08 1.39 -0.84
N GLU A 67 -0.30 1.26 0.47
CA GLU A 67 0.14 2.28 1.40
C GLU A 67 1.65 2.47 1.32
N ALA A 68 2.37 1.42 1.71
CA ALA A 68 3.82 1.46 1.70
C ALA A 68 4.29 2.15 0.41
N MET A 69 3.74 1.71 -0.71
CA MET A 69 4.09 2.27 -1.99
C MET A 69 3.98 3.80 -1.97
N LEU A 70 2.89 4.27 -1.39
CA LEU A 70 2.65 5.70 -1.30
C LEU A 70 3.63 6.31 -0.28
N LEU A 71 3.72 5.65 0.86
CA LEU A 71 4.61 6.10 1.92
C LEU A 71 6.02 6.26 1.36
N GLN A 72 6.44 5.27 0.60
CA GLN A 72 7.76 5.29 0.01
C GLN A 72 7.85 6.38 -1.05
N LEU A 73 6.82 6.46 -1.87
CA LEU A 73 6.77 7.45 -2.93
C LEU A 73 7.00 8.84 -2.33
N GLY A 74 6.36 9.07 -1.19
CA GLY A 74 6.50 10.34 -0.50
C GLY A 74 5.20 11.15 -0.60
N TYR A 75 4.09 10.44 -0.48
CA TYR A 75 2.78 11.08 -0.56
C TYR A 75 2.13 11.16 0.82
N LYS A 76 2.68 10.39 1.75
CA LYS A 76 2.16 10.36 3.10
C LYS A 76 3.28 9.92 4.06
N ALA A 77 4.51 10.15 3.62
CA ALA A 77 5.66 9.79 4.42
C ALA A 77 5.81 10.79 5.58
N SER A 78 5.87 12.05 5.22
CA SER A 78 6.02 13.11 6.21
C SER A 78 5.01 12.89 7.34
N THR A 79 3.74 12.82 6.97
CA THR A 79 2.69 12.61 7.94
C THR A 79 2.95 11.36 8.76
N SER A 80 3.58 10.38 8.11
CA SER A 80 3.89 9.13 8.77
C SER A 80 4.76 9.38 10.01
N LEU A 81 5.95 9.90 9.76
CA LEU A 81 6.88 10.19 10.84
C LEU A 81 6.12 10.91 11.97
N GLN A 82 5.63 12.10 11.64
CA GLN A 82 4.89 12.89 12.61
C GLN A 82 3.99 11.99 13.46
N ASP A 83 3.03 11.38 12.78
CA ASP A 83 2.10 10.49 13.46
C ASP A 83 2.86 9.65 14.50
N SER A 84 3.85 8.93 14.00
CA SER A 84 4.67 8.08 14.85
C SER A 84 5.22 8.89 16.02
N GLY A 85 5.82 10.03 15.68
CA GLY A 85 6.39 10.91 16.68
C GLY A 85 6.88 12.22 16.06
N PRO A 86 6.31 13.34 16.58
CA PRO A 86 6.68 14.65 16.08
C PRO A 86 8.05 15.08 16.60
N SER A 87 8.61 16.07 15.95
CA SER A 87 9.92 16.58 16.32
C SER A 87 10.97 15.46 16.24
N SER A 88 11.68 15.46 15.13
CA SER A 88 12.71 14.45 14.91
C SER A 88 14.01 15.11 14.44
N GLY A 89 13.90 15.85 13.33
CA GLY A 89 15.05 16.53 12.77
C GLY A 89 15.77 15.65 11.75
N GLY A 1 -11.12 -8.06 -8.56
CA GLY A 1 -10.91 -6.66 -8.90
C GLY A 1 -11.65 -5.74 -7.93
N SER A 2 -10.99 -5.42 -6.83
CA SER A 2 -11.58 -4.55 -5.83
C SER A 2 -10.58 -3.48 -5.42
N SER A 3 -11.11 -2.38 -4.89
CA SER A 3 -10.28 -1.27 -4.45
C SER A 3 -10.81 -0.71 -3.14
N GLY A 4 -12.04 -0.24 -3.19
CA GLY A 4 -12.68 0.33 -2.01
C GLY A 4 -12.73 1.85 -2.10
N SER A 5 -13.91 2.40 -1.81
CA SER A 5 -14.10 3.83 -1.85
C SER A 5 -13.13 4.52 -0.88
N SER A 6 -12.23 5.29 -1.44
CA SER A 6 -11.25 6.01 -0.64
C SER A 6 -10.38 5.02 0.14
N GLY A 7 -9.13 4.90 -0.30
CA GLY A 7 -8.20 3.99 0.34
C GLY A 7 -6.80 4.14 -0.26
N PRO A 8 -5.90 3.20 0.14
CA PRO A 8 -4.54 3.21 -0.35
C PRO A 8 -4.47 2.70 -1.80
N ILE A 9 -5.36 1.78 -2.11
CA ILE A 9 -5.42 1.21 -3.45
C ILE A 9 -5.85 2.29 -4.44
N SER A 10 -7.13 2.63 -4.39
CA SER A 10 -7.68 3.65 -5.28
C SER A 10 -6.68 4.80 -5.42
N ARG A 11 -6.32 5.37 -4.28
CA ARG A 11 -5.38 6.49 -4.25
C ARG A 11 -4.19 6.19 -5.17
N LEU A 12 -3.48 5.11 -4.85
CA LEU A 12 -2.33 4.72 -5.64
C LEU A 12 -2.72 4.64 -7.11
N ALA A 13 -3.89 4.06 -7.36
CA ALA A 13 -4.38 3.93 -8.72
C ALA A 13 -4.50 5.32 -9.36
N GLN A 14 -5.00 6.25 -8.56
CA GLN A 14 -5.18 7.61 -9.03
C GLN A 14 -3.82 8.23 -9.38
N ILE A 15 -2.79 7.74 -8.72
CA ILE A 15 -1.44 8.22 -8.95
C ILE A 15 -0.89 7.58 -10.23
N GLN A 16 -1.27 6.33 -10.43
CA GLN A 16 -0.81 5.60 -11.60
C GLN A 16 -1.46 6.17 -12.87
N GLN A 17 -2.65 6.70 -12.69
CA GLN A 17 -3.39 7.27 -13.81
C GLN A 17 -3.03 8.75 -13.97
N ALA A 18 -2.97 9.44 -12.84
CA ALA A 18 -2.63 10.86 -12.85
C ALA A 18 -1.22 11.03 -13.40
N ARG A 19 -0.38 10.05 -13.12
CA ARG A 19 1.00 10.09 -13.58
C ARG A 19 1.08 9.75 -15.07
N LYS A 20 0.02 9.11 -15.55
CA LYS A 20 -0.04 8.72 -16.95
C LYS A 20 0.98 7.61 -17.21
N GLU A 21 1.26 6.86 -16.15
CA GLU A 21 2.22 5.77 -16.26
C GLU A 21 1.49 4.45 -16.54
N LYS A 22 0.86 3.92 -15.49
CA LYS A 22 0.13 2.67 -15.61
C LYS A 22 -0.22 2.16 -14.21
N GLU A 23 -1.47 1.72 -14.08
CA GLU A 23 -1.94 1.21 -12.81
C GLU A 23 -0.85 0.37 -12.12
N PRO A 24 -0.99 0.21 -10.79
CA PRO A 24 -0.04 -0.56 -10.02
C PRO A 24 -0.22 -2.06 -10.26
N ASP A 25 0.91 -2.77 -10.24
CA ASP A 25 0.89 -4.20 -10.45
C ASP A 25 1.06 -4.91 -9.11
N TYR A 26 -0.03 -5.46 -8.62
CA TYR A 26 -0.01 -6.16 -7.34
C TYR A 26 0.34 -7.64 -7.55
N ILE A 27 1.17 -8.15 -6.64
CA ILE A 27 1.59 -9.54 -6.71
C ILE A 27 1.51 -10.16 -5.32
N LEU A 28 0.91 -11.33 -5.25
CA LEU A 28 0.77 -12.04 -4.00
C LEU A 28 2.09 -12.74 -3.66
N LEU A 29 2.66 -12.36 -2.52
CA LEU A 29 3.91 -12.95 -2.08
C LEU A 29 3.64 -14.34 -1.51
N SER A 30 2.78 -14.38 -0.50
CA SER A 30 2.44 -15.64 0.14
C SER A 30 1.29 -15.42 1.12
N GLU A 31 0.97 -16.48 1.86
CA GLU A 31 -0.10 -16.42 2.84
C GLU A 31 0.18 -17.38 3.99
N ARG A 32 0.56 -16.81 5.12
CA ARG A 32 0.86 -17.60 6.30
C ARG A 32 0.72 -16.75 7.57
N GLY A 33 1.08 -17.34 8.69
CA GLY A 33 0.99 -16.66 9.97
C GLY A 33 -0.02 -17.33 10.90
N MET A 34 -0.62 -16.52 11.75
CA MET A 34 -1.61 -17.03 12.69
C MET A 34 -2.54 -18.04 12.03
N PRO A 35 -3.19 -18.88 12.87
CA PRO A 35 -4.11 -19.89 12.37
C PRO A 35 -5.43 -19.26 11.93
N ARG A 36 -6.03 -18.52 12.85
CA ARG A 36 -7.29 -17.86 12.57
C ARG A 36 -7.05 -16.47 11.97
N ARG A 37 -6.07 -15.78 12.53
CA ARG A 37 -5.73 -14.45 12.07
C ARG A 37 -5.09 -14.53 10.67
N ARG A 38 -4.10 -15.39 10.56
CA ARG A 38 -3.40 -15.55 9.29
C ARG A 38 -2.82 -14.22 8.82
N GLU A 39 -1.80 -14.33 7.98
CA GLU A 39 -1.14 -13.15 7.44
C GLU A 39 -0.86 -13.33 5.95
N PHE A 40 -1.45 -12.46 5.15
CA PHE A 40 -1.27 -12.52 3.71
C PHE A 40 -0.27 -11.44 3.25
N VAL A 41 0.74 -11.90 2.54
CA VAL A 41 1.78 -11.02 2.03
C VAL A 41 1.38 -10.53 0.63
N MET A 42 1.42 -9.22 0.47
CA MET A 42 1.07 -8.61 -0.80
C MET A 42 2.19 -7.72 -1.32
N GLN A 43 2.32 -7.66 -2.63
CA GLN A 43 3.35 -6.86 -3.26
C GLN A 43 2.73 -5.90 -4.27
N VAL A 44 3.42 -4.80 -4.52
CA VAL A 44 2.96 -3.80 -5.46
C VAL A 44 4.14 -3.26 -6.26
N LYS A 45 3.96 -3.23 -7.57
CA LYS A 45 5.00 -2.74 -8.46
C LYS A 45 4.46 -1.56 -9.27
N VAL A 46 5.19 -0.45 -9.21
CA VAL A 46 4.80 0.74 -9.94
C VAL A 46 6.03 1.34 -10.63
N GLY A 47 6.03 1.22 -11.95
CA GLY A 47 7.13 1.74 -12.74
C GLY A 47 8.43 1.01 -12.42
N ASN A 48 9.21 1.61 -11.53
CA ASN A 48 10.48 1.03 -11.14
C ASN A 48 10.50 0.85 -9.61
N GLU A 49 9.40 1.25 -8.99
CA GLU A 49 9.27 1.15 -7.54
C GLU A 49 8.44 -0.08 -7.17
N VAL A 50 8.65 -0.55 -5.95
CA VAL A 50 7.93 -1.71 -5.46
C VAL A 50 7.65 -1.54 -3.96
N ALA A 51 6.59 -2.20 -3.52
CA ALA A 51 6.19 -2.12 -2.12
C ALA A 51 5.52 -3.43 -1.72
N THR A 52 5.27 -3.55 -0.42
CA THR A 52 4.62 -4.74 0.11
C THR A 52 3.63 -4.37 1.21
N GLY A 53 2.71 -5.29 1.47
CA GLY A 53 1.71 -5.06 2.49
C GLY A 53 1.28 -6.38 3.15
N THR A 54 0.97 -6.29 4.43
CA THR A 54 0.56 -7.47 5.18
C THR A 54 -0.65 -7.14 6.07
N GLY A 55 -1.50 -8.14 6.26
CA GLY A 55 -2.68 -7.96 7.09
C GLY A 55 -3.33 -9.31 7.40
N PRO A 56 -4.57 -9.24 7.95
CA PRO A 56 -5.31 -10.45 8.29
C PRO A 56 -5.86 -11.13 7.04
N ASN A 57 -5.96 -10.37 5.98
CA ASN A 57 -6.47 -10.88 4.72
C ASN A 57 -5.77 -10.16 3.56
N LYS A 58 -5.81 -10.80 2.39
CA LYS A 58 -5.20 -10.23 1.21
C LYS A 58 -5.65 -8.79 1.04
N LYS A 59 -6.97 -8.61 1.07
CA LYS A 59 -7.55 -7.28 0.92
C LYS A 59 -6.70 -6.27 1.69
N ILE A 60 -6.78 -6.37 3.02
CA ILE A 60 -6.02 -5.48 3.88
C ILE A 60 -4.55 -5.50 3.46
N ALA A 61 -4.07 -6.70 3.18
CA ALA A 61 -2.69 -6.88 2.78
C ALA A 61 -2.36 -5.92 1.63
N LYS A 62 -3.13 -6.07 0.55
CA LYS A 62 -2.94 -5.23 -0.63
C LYS A 62 -2.99 -3.76 -0.20
N LYS A 63 -4.04 -3.42 0.53
CA LYS A 63 -4.21 -2.06 1.00
C LYS A 63 -2.92 -1.57 1.63
N ASN A 64 -2.31 -2.44 2.43
CA ASN A 64 -1.06 -2.11 3.09
C ASN A 64 0.05 -1.96 2.04
N ALA A 65 -0.06 -2.77 1.00
CA ALA A 65 0.92 -2.75 -0.08
C ALA A 65 0.94 -1.36 -0.70
N ALA A 66 -0.23 -0.92 -1.15
CA ALA A 66 -0.36 0.39 -1.78
C ALA A 66 0.21 1.46 -0.83
N GLU A 67 -0.11 1.29 0.44
CA GLU A 67 0.35 2.23 1.45
C GLU A 67 1.88 2.36 1.40
N ALA A 68 2.55 1.24 1.66
CA ALA A 68 4.00 1.21 1.65
C ALA A 68 4.51 1.97 0.41
N MET A 69 3.90 1.65 -0.73
CA MET A 69 4.28 2.29 -1.97
C MET A 69 4.17 3.81 -1.87
N LEU A 70 3.00 4.26 -1.46
CA LEU A 70 2.74 5.68 -1.31
C LEU A 70 3.64 6.24 -0.20
N LEU A 71 3.89 5.41 0.79
CA LEU A 71 4.73 5.80 1.91
C LEU A 71 6.17 6.01 1.41
N GLN A 72 6.58 5.13 0.52
CA GLN A 72 7.92 5.19 -0.04
C GLN A 72 8.02 6.35 -1.04
N LEU A 73 6.96 6.54 -1.80
CA LEU A 73 6.92 7.60 -2.79
C LEU A 73 6.98 8.95 -2.08
N GLY A 74 6.41 8.99 -0.88
CA GLY A 74 6.38 10.20 -0.09
C GLY A 74 5.01 10.86 -0.14
N TYR A 75 3.99 10.03 -0.23
CA TYR A 75 2.62 10.52 -0.29
C TYR A 75 1.91 10.30 1.04
N LYS A 76 2.53 9.50 1.90
CA LYS A 76 1.96 9.20 3.20
C LYS A 76 3.08 9.15 4.24
N ALA A 77 4.17 9.82 3.90
CA ALA A 77 5.32 9.86 4.81
C ALA A 77 5.09 10.94 5.86
N SER A 78 4.91 12.17 5.39
CA SER A 78 4.68 13.29 6.29
C SER A 78 3.63 12.91 7.35
N THR A 79 2.47 12.50 6.87
CA THR A 79 1.39 12.11 7.76
C THR A 79 1.83 10.93 8.64
N SER A 80 2.24 9.86 7.97
CA SER A 80 2.69 8.67 8.67
C SER A 80 3.53 9.06 9.89
N LEU A 81 4.68 9.65 9.60
CA LEU A 81 5.58 10.09 10.65
C LEU A 81 4.77 10.74 11.78
N GLN A 82 4.20 11.88 11.45
CA GLN A 82 3.40 12.62 12.43
C GLN A 82 2.57 11.65 13.27
N ASP A 83 1.69 10.92 12.59
CA ASP A 83 0.84 9.96 13.27
C ASP A 83 1.67 9.18 14.28
N SER A 84 2.70 8.51 13.78
CA SER A 84 3.57 7.72 14.64
C SER A 84 4.08 8.59 15.79
N GLY A 85 4.57 9.76 15.45
CA GLY A 85 5.09 10.68 16.44
C GLY A 85 5.57 11.99 15.79
N PRO A 86 6.08 12.90 16.65
CA PRO A 86 6.58 14.18 16.17
C PRO A 86 7.92 14.03 15.47
N SER A 87 8.32 15.07 14.76
CA SER A 87 9.57 15.07 14.04
C SER A 87 9.83 16.45 13.43
N SER A 88 11.06 16.91 13.61
CA SER A 88 11.45 18.22 13.07
C SER A 88 10.55 19.31 13.66
N GLY A 89 10.98 20.55 13.45
CA GLY A 89 10.22 21.69 13.96
C GLY A 89 11.05 22.49 14.96
N GLY A 1 -22.37 -0.65 -5.35
CA GLY A 1 -21.59 0.54 -5.66
C GLY A 1 -21.37 1.39 -4.40
N SER A 2 -20.19 2.00 -4.34
CA SER A 2 -19.84 2.84 -3.21
C SER A 2 -19.72 4.30 -3.66
N SER A 3 -20.39 5.17 -2.93
CA SER A 3 -20.36 6.59 -3.25
C SER A 3 -19.16 7.26 -2.57
N GLY A 4 -18.03 7.23 -3.28
CA GLY A 4 -16.82 7.82 -2.76
C GLY A 4 -15.72 6.75 -2.60
N SER A 5 -14.74 6.83 -3.48
CA SER A 5 -13.63 5.89 -3.44
C SER A 5 -12.47 6.48 -2.65
N SER A 6 -12.13 5.81 -1.56
CA SER A 6 -11.04 6.26 -0.70
C SER A 6 -10.34 5.05 -0.08
N GLY A 7 -9.03 5.01 -0.26
CA GLY A 7 -8.23 3.93 0.28
C GLY A 7 -6.78 4.02 -0.20
N PRO A 8 -5.96 3.02 0.23
CA PRO A 8 -4.57 2.98 -0.15
C PRO A 8 -4.40 2.54 -1.61
N ILE A 9 -5.38 1.79 -2.08
CA ILE A 9 -5.36 1.30 -3.44
C ILE A 9 -5.66 2.46 -4.40
N SER A 10 -6.89 2.94 -4.33
CA SER A 10 -7.32 4.03 -5.18
C SER A 10 -6.24 5.12 -5.21
N ARG A 11 -5.88 5.58 -4.02
CA ARG A 11 -4.86 6.61 -3.90
C ARG A 11 -3.68 6.30 -4.80
N LEU A 12 -3.32 5.02 -4.83
CA LEU A 12 -2.20 4.58 -5.65
C LEU A 12 -2.61 4.59 -7.12
N ALA A 13 -3.78 4.01 -7.38
CA ALA A 13 -4.29 3.95 -8.74
C ALA A 13 -4.37 5.37 -9.31
N GLN A 14 -4.83 6.29 -8.48
CA GLN A 14 -4.96 7.67 -8.90
C GLN A 14 -3.58 8.25 -9.24
N ILE A 15 -2.56 7.67 -8.62
CA ILE A 15 -1.20 8.12 -8.86
C ILE A 15 -0.66 7.46 -10.14
N GLN A 16 -1.12 6.24 -10.37
CA GLN A 16 -0.69 5.49 -11.55
C GLN A 16 -1.29 6.12 -12.81
N GLN A 17 -2.40 6.81 -12.62
CA GLN A 17 -3.07 7.45 -13.73
C GLN A 17 -2.57 8.89 -13.90
N ALA A 18 -2.44 9.57 -12.77
CA ALA A 18 -1.98 10.94 -12.77
C ALA A 18 -0.53 10.98 -13.28
N ARG A 19 0.19 9.92 -13.00
CA ARG A 19 1.59 9.82 -13.42
C ARG A 19 1.66 9.42 -14.89
N LYS A 20 0.55 8.88 -15.39
CA LYS A 20 0.48 8.46 -16.77
C LYS A 20 1.46 7.31 -17.00
N GLU A 21 1.70 6.55 -15.95
CA GLU A 21 2.62 5.43 -16.01
C GLU A 21 1.85 4.13 -16.31
N LYS A 22 1.12 3.68 -15.31
CA LYS A 22 0.34 2.46 -15.45
C LYS A 22 -0.11 1.98 -14.06
N GLU A 23 -1.35 1.54 -13.99
CA GLU A 23 -1.91 1.06 -12.74
C GLU A 23 -0.86 0.24 -11.98
N PRO A 24 -1.09 0.11 -10.64
CA PRO A 24 -0.18 -0.65 -9.80
C PRO A 24 -0.36 -2.15 -10.01
N ASP A 25 0.76 -2.87 -9.94
CA ASP A 25 0.75 -4.31 -10.12
C ASP A 25 0.75 -4.98 -8.76
N TYR A 26 -0.42 -5.45 -8.36
CA TYR A 26 -0.58 -6.13 -7.09
C TYR A 26 -0.36 -7.63 -7.22
N ILE A 27 0.65 -8.13 -6.54
CA ILE A 27 0.97 -9.55 -6.58
C ILE A 27 0.84 -10.14 -5.18
N LEU A 28 0.95 -11.45 -5.10
CA LEU A 28 0.86 -12.15 -3.83
C LEU A 28 2.22 -12.77 -3.50
N LEU A 29 2.79 -12.30 -2.39
CA LEU A 29 4.08 -12.80 -1.95
C LEU A 29 3.91 -14.20 -1.37
N SER A 30 3.05 -14.29 -0.37
CA SER A 30 2.78 -15.56 0.28
C SER A 30 1.60 -15.43 1.25
N GLU A 31 1.31 -16.53 1.92
CA GLU A 31 0.21 -16.54 2.88
C GLU A 31 0.57 -17.40 4.09
N ARG A 32 0.72 -16.72 5.22
CA ARG A 32 1.07 -17.41 6.46
C ARG A 32 0.51 -16.64 7.66
N GLY A 33 0.94 -17.07 8.83
CA GLY A 33 0.50 -16.43 10.06
C GLY A 33 -0.53 -17.31 10.79
N MET A 34 -0.84 -16.92 12.02
CA MET A 34 -1.79 -17.65 12.83
C MET A 34 -2.98 -18.11 11.99
N PRO A 35 -3.74 -19.09 12.54
CA PRO A 35 -4.91 -19.62 11.86
C PRO A 35 -6.08 -18.64 11.92
N ARG A 36 -6.21 -17.99 13.06
CA ARG A 36 -7.27 -17.03 13.27
C ARG A 36 -6.85 -15.65 12.74
N ARG A 37 -5.67 -15.22 13.18
CA ARG A 37 -5.14 -13.94 12.77
C ARG A 37 -4.90 -13.92 11.25
N ARG A 38 -4.18 -14.94 10.79
CA ARG A 38 -3.87 -15.05 9.37
C ARG A 38 -3.04 -13.86 8.91
N GLU A 39 -2.12 -14.13 8.00
CA GLU A 39 -1.25 -13.09 7.47
C GLU A 39 -1.02 -13.30 5.98
N PHE A 40 -1.46 -12.32 5.20
CA PHE A 40 -1.31 -12.39 3.76
C PHE A 40 -0.34 -11.31 3.25
N VAL A 41 0.70 -11.77 2.58
CA VAL A 41 1.69 -10.85 2.04
C VAL A 41 1.29 -10.45 0.62
N MET A 42 1.34 -9.15 0.37
CA MET A 42 0.99 -8.61 -0.93
C MET A 42 2.07 -7.66 -1.45
N GLN A 43 2.35 -7.79 -2.73
CA GLN A 43 3.37 -6.96 -3.37
C GLN A 43 2.72 -5.97 -4.33
N VAL A 44 3.41 -4.86 -4.55
CA VAL A 44 2.91 -3.83 -5.45
C VAL A 44 4.05 -3.33 -6.33
N LYS A 45 3.82 -3.38 -7.64
CA LYS A 45 4.83 -2.94 -8.58
C LYS A 45 4.28 -1.74 -9.37
N VAL A 46 4.93 -0.61 -9.20
CA VAL A 46 4.53 0.61 -9.88
C VAL A 46 5.73 1.23 -10.59
N GLY A 47 5.70 1.15 -11.92
CA GLY A 47 6.78 1.69 -12.72
C GLY A 47 8.12 1.05 -12.35
N ASN A 48 8.99 1.86 -11.80
CA ASN A 48 10.31 1.39 -11.39
C ASN A 48 10.37 1.32 -9.86
N GLU A 49 9.20 1.18 -9.26
CA GLU A 49 9.11 1.11 -7.81
C GLU A 49 8.30 -0.12 -7.39
N VAL A 50 8.59 -0.61 -6.19
CA VAL A 50 7.90 -1.77 -5.67
C VAL A 50 7.63 -1.58 -4.18
N ALA A 51 6.60 -2.24 -3.70
CA ALA A 51 6.22 -2.14 -2.30
C ALA A 51 5.55 -3.46 -1.87
N THR A 52 5.30 -3.54 -0.57
CA THR A 52 4.67 -4.73 -0.01
C THR A 52 3.79 -4.36 1.18
N GLY A 53 2.81 -5.22 1.45
CA GLY A 53 1.89 -4.99 2.55
C GLY A 53 1.34 -6.30 3.08
N THR A 54 1.06 -6.32 4.37
CA THR A 54 0.52 -7.51 5.01
C THR A 54 -0.60 -7.14 5.98
N GLY A 55 -1.55 -8.05 6.12
CA GLY A 55 -2.68 -7.82 7.00
C GLY A 55 -3.34 -9.15 7.40
N PRO A 56 -4.60 -9.05 7.88
CA PRO A 56 -5.35 -10.22 8.30
C PRO A 56 -5.84 -11.01 7.09
N ASN A 57 -5.82 -10.35 5.93
CA ASN A 57 -6.26 -10.98 4.70
C ASN A 57 -5.60 -10.27 3.52
N LYS A 58 -5.54 -10.99 2.40
CA LYS A 58 -4.93 -10.45 1.19
C LYS A 58 -5.53 -9.06 0.91
N LYS A 59 -6.85 -9.01 0.93
CA LYS A 59 -7.56 -7.76 0.68
C LYS A 59 -6.82 -6.62 1.38
N ILE A 60 -6.79 -6.70 2.69
CA ILE A 60 -6.13 -5.68 3.49
C ILE A 60 -4.65 -5.62 3.11
N ALA A 61 -4.09 -6.80 2.85
CA ALA A 61 -2.69 -6.90 2.48
C ALA A 61 -2.40 -5.93 1.33
N LYS A 62 -3.16 -6.09 0.26
CA LYS A 62 -3.00 -5.23 -0.91
C LYS A 62 -3.06 -3.76 -0.48
N LYS A 63 -3.98 -3.49 0.44
CA LYS A 63 -4.16 -2.14 0.94
C LYS A 63 -2.88 -1.70 1.64
N ASN A 64 -2.32 -2.62 2.42
CA ASN A 64 -1.09 -2.32 3.15
C ASN A 64 0.07 -2.19 2.16
N ALA A 65 -0.11 -2.81 1.01
CA ALA A 65 0.91 -2.75 -0.03
C ALA A 65 0.88 -1.38 -0.70
N ALA A 66 -0.31 -0.99 -1.14
CA ALA A 66 -0.48 0.30 -1.79
C ALA A 66 -0.06 1.40 -0.84
N GLU A 67 -0.32 1.17 0.44
CA GLU A 67 0.02 2.15 1.47
C GLU A 67 1.54 2.37 1.50
N ALA A 68 2.26 1.30 1.82
CA ALA A 68 3.71 1.37 1.89
C ALA A 68 4.24 2.08 0.64
N MET A 69 3.65 1.74 -0.50
CA MET A 69 4.06 2.33 -1.75
C MET A 69 3.94 3.86 -1.70
N LEU A 70 2.79 4.32 -1.24
CA LEU A 70 2.54 5.75 -1.12
C LEU A 70 3.58 6.38 -0.20
N LEU A 71 3.83 5.70 0.91
CA LEU A 71 4.80 6.17 1.88
C LEU A 71 6.16 6.35 1.20
N GLN A 72 6.48 5.39 0.33
CA GLN A 72 7.74 5.43 -0.39
C GLN A 72 7.71 6.53 -1.46
N LEU A 73 6.54 6.67 -2.07
CA LEU A 73 6.36 7.68 -3.11
C LEU A 73 6.52 9.07 -2.50
N GLY A 74 5.97 9.23 -1.31
CA GLY A 74 6.04 10.50 -0.60
C GLY A 74 4.68 11.19 -0.59
N TYR A 75 3.64 10.38 -0.49
CA TYR A 75 2.28 10.91 -0.46
C TYR A 75 1.69 10.84 0.95
N LYS A 76 2.34 10.04 1.79
CA LYS A 76 1.88 9.88 3.16
C LYS A 76 3.11 9.78 4.08
N ALA A 77 4.23 10.25 3.57
CA ALA A 77 5.47 10.22 4.33
C ALA A 77 5.47 11.37 5.33
N SER A 78 5.34 12.58 4.80
CA SER A 78 5.33 13.77 5.65
C SER A 78 4.39 13.56 6.83
N THR A 79 3.14 13.23 6.52
CA THR A 79 2.14 13.00 7.55
C THR A 79 2.60 11.89 8.50
N SER A 80 2.98 10.76 7.91
CA SER A 80 3.44 9.64 8.69
C SER A 80 4.42 10.11 9.78
N LEU A 81 5.52 10.71 9.31
CA LEU A 81 6.53 11.21 10.23
C LEU A 81 5.86 11.89 11.41
N GLN A 82 5.17 12.99 11.12
CA GLN A 82 4.47 13.73 12.14
C GLN A 82 3.76 12.78 13.11
N ASP A 83 2.80 12.06 12.57
CA ASP A 83 2.03 11.11 13.36
C ASP A 83 2.98 10.36 14.30
N SER A 84 3.99 9.74 13.71
CA SER A 84 4.98 9.00 14.48
C SER A 84 5.55 9.88 15.58
N GLY A 85 5.98 11.07 15.19
CA GLY A 85 6.55 12.01 16.13
C GLY A 85 6.59 13.43 15.54
N PRO A 86 5.56 14.24 15.91
CA PRO A 86 5.48 15.60 15.43
C PRO A 86 6.49 16.50 16.14
N SER A 87 6.76 17.64 15.51
CA SER A 87 7.70 18.59 16.08
C SER A 87 9.01 17.89 16.42
N SER A 88 9.82 17.68 15.39
CA SER A 88 11.10 17.02 15.57
C SER A 88 12.23 18.04 15.41
N GLY A 89 12.26 18.68 14.25
CA GLY A 89 13.28 19.68 13.96
C GLY A 89 12.72 20.82 13.12
N GLY A 1 -17.07 1.74 -11.43
CA GLY A 1 -17.28 2.88 -10.55
C GLY A 1 -18.71 2.89 -10.00
N SER A 2 -18.94 2.04 -9.01
CA SER A 2 -20.24 1.94 -8.40
C SER A 2 -20.17 2.40 -6.94
N SER A 3 -19.32 1.72 -6.17
CA SER A 3 -19.14 2.04 -4.77
C SER A 3 -17.78 2.68 -4.55
N GLY A 4 -17.71 3.98 -4.85
CA GLY A 4 -16.46 4.72 -4.68
C GLY A 4 -16.20 5.02 -3.21
N SER A 5 -14.91 5.12 -2.89
CA SER A 5 -14.50 5.40 -1.52
C SER A 5 -12.99 5.55 -1.45
N SER A 6 -12.53 6.14 -0.35
CA SER A 6 -11.10 6.34 -0.15
C SER A 6 -10.42 4.99 0.09
N GLY A 7 -9.10 5.04 0.07
CA GLY A 7 -8.31 3.84 0.27
C GLY A 7 -6.90 3.99 -0.33
N PRO A 8 -6.00 3.05 0.08
CA PRO A 8 -4.64 3.07 -0.42
C PRO A 8 -4.57 2.58 -1.86
N ILE A 9 -5.51 1.71 -2.21
CA ILE A 9 -5.57 1.16 -3.55
C ILE A 9 -5.86 2.28 -4.55
N SER A 10 -7.09 2.79 -4.47
CA SER A 10 -7.50 3.86 -5.36
C SER A 10 -6.45 4.98 -5.36
N ARG A 11 -6.15 5.47 -4.17
CA ARG A 11 -5.17 6.53 -4.03
C ARG A 11 -3.95 6.25 -4.90
N LEU A 12 -3.40 5.05 -4.73
CA LEU A 12 -2.23 4.65 -5.49
C LEU A 12 -2.59 4.61 -6.98
N ALA A 13 -3.76 4.07 -7.26
CA ALA A 13 -4.23 3.96 -8.63
C ALA A 13 -4.35 5.36 -9.24
N GLN A 14 -4.83 6.28 -8.41
CA GLN A 14 -4.99 7.66 -8.85
C GLN A 14 -3.63 8.28 -9.18
N ILE A 15 -2.61 7.78 -8.50
CA ILE A 15 -1.27 8.28 -8.70
C ILE A 15 -0.69 7.66 -9.98
N GLN A 16 -1.05 6.41 -10.20
CA GLN A 16 -0.58 5.69 -11.38
C GLN A 16 -1.16 6.32 -12.65
N GLN A 17 -2.39 6.78 -12.53
CA GLN A 17 -3.07 7.41 -13.66
C GLN A 17 -2.60 8.85 -13.83
N ALA A 18 -2.53 9.55 -12.71
CA ALA A 18 -2.10 10.94 -12.71
C ALA A 18 -0.64 11.01 -13.18
N ARG A 19 0.10 9.95 -12.87
CA ARG A 19 1.50 9.88 -13.25
C ARG A 19 1.63 9.54 -14.73
N LYS A 20 0.55 9.02 -15.29
CA LYS A 20 0.53 8.65 -16.70
C LYS A 20 1.51 7.49 -16.92
N GLU A 21 1.66 6.67 -15.89
CA GLU A 21 2.56 5.54 -15.97
C GLU A 21 1.78 4.26 -16.32
N LYS A 22 1.02 3.79 -15.34
CA LYS A 22 0.23 2.59 -15.53
C LYS A 22 -0.20 2.04 -14.17
N GLU A 23 -1.45 1.61 -14.11
CA GLU A 23 -1.99 1.05 -12.88
C GLU A 23 -0.92 0.22 -12.16
N PRO A 24 -1.11 0.09 -10.81
CA PRO A 24 -0.18 -0.67 -10.00
C PRO A 24 -0.38 -2.17 -10.21
N ASP A 25 0.73 -2.90 -10.18
CA ASP A 25 0.69 -4.33 -10.36
C ASP A 25 0.81 -5.02 -9.00
N TYR A 26 -0.32 -5.54 -8.54
CA TYR A 26 -0.36 -6.23 -7.25
C TYR A 26 -0.06 -7.71 -7.42
N ILE A 27 0.88 -8.20 -6.62
CA ILE A 27 1.26 -9.59 -6.66
C ILE A 27 1.10 -10.21 -5.27
N LEU A 28 1.12 -11.53 -5.24
CA LEU A 28 0.97 -12.25 -3.98
C LEU A 28 2.31 -12.88 -3.60
N LEU A 29 2.90 -12.34 -2.55
CA LEU A 29 4.18 -12.84 -2.06
C LEU A 29 3.98 -14.23 -1.45
N SER A 30 3.15 -14.27 -0.42
CA SER A 30 2.86 -15.53 0.26
C SER A 30 1.70 -15.34 1.24
N GLU A 31 1.54 -16.33 2.11
CA GLU A 31 0.48 -16.28 3.09
C GLU A 31 0.82 -17.17 4.28
N ARG A 32 0.83 -16.56 5.45
CA ARG A 32 1.14 -17.28 6.68
C ARG A 32 0.75 -16.45 7.90
N GLY A 33 0.76 -17.11 9.05
CA GLY A 33 0.40 -16.44 10.30
C GLY A 33 -0.55 -17.32 11.12
N MET A 34 -0.74 -16.90 12.37
CA MET A 34 -1.62 -17.62 13.27
C MET A 34 -2.98 -17.89 12.62
N PRO A 35 -3.74 -18.83 13.24
CA PRO A 35 -5.06 -19.18 12.72
C PRO A 35 -6.09 -18.09 13.05
N ARG A 36 -5.99 -17.58 14.27
CA ARG A 36 -6.90 -16.54 14.73
C ARG A 36 -6.82 -15.34 13.77
N ARG A 37 -5.61 -14.85 13.58
CA ARG A 37 -5.40 -13.70 12.71
C ARG A 37 -4.22 -13.96 11.77
N ARG A 38 -4.51 -14.71 10.71
CA ARG A 38 -3.50 -15.04 9.73
C ARG A 38 -2.89 -13.77 9.14
N GLU A 39 -1.95 -13.96 8.22
CA GLU A 39 -1.30 -12.85 7.58
C GLU A 39 -1.00 -13.18 6.11
N PHE A 40 -1.21 -12.17 5.26
CA PHE A 40 -0.97 -12.35 3.84
C PHE A 40 -0.05 -11.25 3.30
N VAL A 41 0.97 -11.69 2.58
CA VAL A 41 1.93 -10.76 2.01
C VAL A 41 1.48 -10.38 0.60
N MET A 42 1.40 -9.08 0.37
CA MET A 42 0.98 -8.56 -0.93
C MET A 42 1.99 -7.55 -1.46
N GLN A 43 2.40 -7.76 -2.70
CA GLN A 43 3.35 -6.86 -3.34
C GLN A 43 2.63 -5.93 -4.31
N VAL A 44 3.25 -4.78 -4.55
CA VAL A 44 2.69 -3.79 -5.46
C VAL A 44 3.81 -3.15 -6.27
N LYS A 45 3.63 -3.17 -7.59
CA LYS A 45 4.62 -2.60 -8.48
C LYS A 45 4.04 -1.34 -9.13
N VAL A 46 4.77 -0.25 -8.98
CA VAL A 46 4.34 1.02 -9.55
C VAL A 46 5.47 1.63 -10.38
N GLY A 47 5.28 1.64 -11.68
CA GLY A 47 6.28 2.17 -12.58
C GLY A 47 7.60 1.42 -12.46
N ASN A 48 8.54 2.03 -11.74
CA ASN A 48 9.84 1.43 -11.54
C ASN A 48 10.08 1.23 -10.04
N GLU A 49 8.98 1.14 -9.31
CA GLU A 49 9.06 0.96 -7.87
C GLU A 49 8.21 -0.24 -7.44
N VAL A 50 8.48 -0.72 -6.23
CA VAL A 50 7.75 -1.85 -5.70
C VAL A 50 7.59 -1.69 -4.19
N ALA A 51 6.50 -2.23 -3.67
CA ALA A 51 6.23 -2.16 -2.25
C ALA A 51 5.51 -3.43 -1.80
N THR A 52 5.46 -3.60 -0.49
CA THR A 52 4.81 -4.77 0.09
C THR A 52 3.89 -4.36 1.24
N GLY A 53 2.86 -5.18 1.45
CA GLY A 53 1.91 -4.91 2.52
C GLY A 53 1.32 -6.22 3.07
N THR A 54 0.95 -6.17 4.34
CA THR A 54 0.38 -7.33 4.99
C THR A 54 -0.85 -6.94 5.79
N GLY A 55 -1.69 -7.93 6.07
CA GLY A 55 -2.91 -7.70 6.82
C GLY A 55 -3.53 -9.03 7.27
N PRO A 56 -4.75 -8.92 7.85
CA PRO A 56 -5.47 -10.09 8.33
C PRO A 56 -6.05 -10.89 7.15
N ASN A 57 -6.00 -10.28 5.97
CA ASN A 57 -6.51 -10.91 4.78
C ASN A 57 -5.88 -10.26 3.55
N LYS A 58 -5.78 -11.04 2.48
CA LYS A 58 -5.21 -10.55 1.24
C LYS A 58 -5.75 -9.14 0.95
N LYS A 59 -7.07 -9.04 0.98
CA LYS A 59 -7.72 -7.76 0.73
C LYS A 59 -6.93 -6.64 1.41
N ILE A 60 -6.99 -6.65 2.73
CA ILE A 60 -6.30 -5.65 3.52
C ILE A 60 -4.81 -5.64 3.14
N ALA A 61 -4.29 -6.83 2.89
CA ALA A 61 -2.90 -6.98 2.50
C ALA A 61 -2.59 -6.01 1.36
N LYS A 62 -3.35 -6.15 0.28
CA LYS A 62 -3.17 -5.30 -0.89
C LYS A 62 -3.28 -3.85 -0.47
N LYS A 63 -4.14 -3.60 0.50
CA LYS A 63 -4.35 -2.25 1.01
C LYS A 63 -3.07 -1.75 1.65
N ASN A 64 -2.39 -2.65 2.33
CA ASN A 64 -1.15 -2.32 3.00
C ASN A 64 -0.03 -2.18 1.97
N ALA A 65 -0.22 -2.88 0.86
CA ALA A 65 0.76 -2.85 -0.22
C ALA A 65 0.82 -1.43 -0.80
N ALA A 66 -0.33 -0.96 -1.22
CA ALA A 66 -0.44 0.38 -1.80
C ALA A 66 0.11 1.40 -0.81
N GLU A 67 -0.33 1.26 0.43
CA GLU A 67 0.11 2.16 1.48
C GLU A 67 1.62 2.35 1.44
N ALA A 68 2.33 1.27 1.68
CA ALA A 68 3.79 1.29 1.66
C ALA A 68 4.25 2.11 0.46
N MET A 69 3.89 1.62 -0.73
CA MET A 69 4.27 2.28 -1.97
C MET A 69 4.17 3.80 -1.81
N LEU A 70 3.02 4.25 -1.37
CA LEU A 70 2.79 5.67 -1.19
C LEU A 70 3.85 6.24 -0.24
N LEU A 71 4.04 5.55 0.87
CA LEU A 71 5.02 5.96 1.86
C LEU A 71 6.40 6.00 1.22
N GLN A 72 6.67 4.96 0.42
CA GLN A 72 7.95 4.86 -0.26
C GLN A 72 8.09 5.96 -1.31
N LEU A 73 6.95 6.34 -1.87
CA LEU A 73 6.93 7.38 -2.88
C LEU A 73 7.14 8.75 -2.22
N GLY A 74 6.62 8.87 -1.01
CA GLY A 74 6.76 10.11 -0.26
C GLY A 74 5.46 10.92 -0.32
N TYR A 75 4.35 10.21 -0.22
CA TYR A 75 3.05 10.86 -0.27
C TYR A 75 2.41 10.89 1.12
N LYS A 76 2.99 10.12 2.03
CA LYS A 76 2.49 10.05 3.39
C LYS A 76 3.65 9.77 4.34
N ALA A 77 4.75 10.47 4.12
CA ALA A 77 5.93 10.30 4.94
C ALA A 77 5.90 11.33 6.09
N SER A 78 5.50 12.54 5.73
CA SER A 78 5.42 13.61 6.71
C SER A 78 4.30 13.34 7.70
N THR A 79 3.08 13.39 7.18
CA THR A 79 1.90 13.15 8.01
C THR A 79 2.08 11.88 8.83
N SER A 80 2.81 10.93 8.25
CA SER A 80 3.06 9.65 8.91
C SER A 80 3.99 9.87 10.11
N LEU A 81 5.20 10.32 9.81
CA LEU A 81 6.19 10.57 10.85
C LEU A 81 5.50 11.21 12.05
N GLN A 82 4.47 12.00 11.76
CA GLN A 82 3.72 12.68 12.81
C GLN A 82 3.27 11.68 13.87
N ASP A 83 2.41 10.76 13.45
CA ASP A 83 1.89 9.75 14.36
C ASP A 83 2.74 8.48 14.23
N SER A 84 2.86 8.01 13.00
CA SER A 84 3.63 6.81 12.74
C SER A 84 5.04 6.96 13.31
N GLY A 85 5.65 8.10 12.99
CA GLY A 85 6.99 8.38 13.47
C GLY A 85 7.03 8.51 14.99
N PRO A 86 8.27 8.66 15.53
CA PRO A 86 8.45 8.79 16.97
C PRO A 86 8.02 10.18 17.45
N SER A 87 8.07 10.35 18.77
CA SER A 87 7.70 11.62 19.37
C SER A 87 8.69 12.70 18.97
N SER A 88 9.95 12.47 19.33
CA SER A 88 11.01 13.42 19.02
C SER A 88 10.72 14.76 19.70
N GLY A 89 11.33 14.94 20.86
CA GLY A 89 11.16 16.17 21.61
C GLY A 89 10.75 15.87 23.06
N GLY A 1 -9.58 -4.26 -9.37
CA GLY A 1 -10.21 -3.02 -8.95
C GLY A 1 -11.69 -2.99 -9.36
N SER A 2 -12.54 -3.06 -8.35
CA SER A 2 -13.98 -3.03 -8.60
C SER A 2 -14.50 -1.60 -8.48
N SER A 3 -14.27 -1.01 -7.33
CA SER A 3 -14.72 0.36 -7.08
C SER A 3 -14.29 0.80 -5.68
N GLY A 4 -14.00 2.09 -5.57
CA GLY A 4 -13.58 2.66 -4.30
C GLY A 4 -13.10 4.09 -4.47
N SER A 5 -13.15 4.84 -3.37
CA SER A 5 -12.72 6.23 -3.39
C SER A 5 -11.67 6.47 -2.31
N SER A 6 -12.03 6.09 -1.09
CA SER A 6 -11.12 6.26 0.04
C SER A 6 -10.40 4.94 0.34
N GLY A 7 -9.15 4.88 -0.10
CA GLY A 7 -8.34 3.69 0.10
C GLY A 7 -6.94 3.88 -0.45
N PRO A 8 -6.01 2.99 0.00
CA PRO A 8 -4.62 3.05 -0.46
C PRO A 8 -4.50 2.51 -1.89
N ILE A 9 -5.40 1.59 -2.22
CA ILE A 9 -5.38 0.99 -3.54
C ILE A 9 -5.65 2.07 -4.59
N SER A 10 -6.85 2.61 -4.54
CA SER A 10 -7.24 3.65 -5.49
C SER A 10 -6.22 4.79 -5.45
N ARG A 11 -6.02 5.33 -4.25
CA ARG A 11 -5.08 6.42 -4.08
C ARG A 11 -3.81 6.16 -4.89
N LEU A 12 -3.42 4.90 -4.93
CA LEU A 12 -2.23 4.50 -5.67
C LEU A 12 -2.54 4.50 -7.17
N ALA A 13 -3.64 3.85 -7.51
CA ALA A 13 -4.06 3.76 -8.90
C ALA A 13 -4.25 5.17 -9.46
N GLN A 14 -4.86 6.02 -8.64
CA GLN A 14 -5.11 7.40 -9.03
C GLN A 14 -3.80 8.11 -9.34
N ILE A 15 -2.76 7.68 -8.65
CA ILE A 15 -1.44 8.27 -8.85
C ILE A 15 -0.83 7.72 -10.14
N GLN A 16 -1.06 6.44 -10.37
CA GLN A 16 -0.54 5.78 -11.55
C GLN A 16 -1.19 6.37 -12.81
N GLN A 17 -2.48 6.64 -12.70
CA GLN A 17 -3.22 7.19 -13.82
C GLN A 17 -2.92 8.69 -13.96
N ALA A 18 -2.86 9.37 -12.82
CA ALA A 18 -2.58 10.79 -12.80
C ALA A 18 -1.16 11.03 -13.30
N ARG A 19 -0.32 10.02 -13.11
CA ARG A 19 1.07 10.11 -13.52
C ARG A 19 1.20 9.82 -15.02
N LYS A 20 0.18 9.15 -15.55
CA LYS A 20 0.17 8.81 -16.96
C LYS A 20 1.28 7.79 -17.24
N GLU A 21 1.57 6.99 -16.23
CA GLU A 21 2.61 5.97 -16.35
C GLU A 21 1.97 4.61 -16.61
N LYS A 22 1.45 4.02 -15.54
CA LYS A 22 0.82 2.71 -15.63
C LYS A 22 0.32 2.30 -14.25
N GLU A 23 -0.92 1.84 -14.21
CA GLU A 23 -1.52 1.40 -12.96
C GLU A 23 -0.55 0.50 -12.19
N PRO A 24 -0.84 0.34 -10.87
CA PRO A 24 -0.01 -0.49 -10.02
C PRO A 24 -0.26 -1.97 -10.29
N ASP A 25 0.81 -2.75 -10.16
CA ASP A 25 0.72 -4.18 -10.39
C ASP A 25 0.87 -4.91 -9.06
N TYR A 26 -0.25 -5.43 -8.56
CA TYR A 26 -0.25 -6.14 -7.30
C TYR A 26 0.05 -7.63 -7.51
N ILE A 27 0.92 -8.15 -6.67
CA ILE A 27 1.30 -9.55 -6.76
C ILE A 27 1.27 -10.18 -5.36
N LEU A 28 0.60 -11.32 -5.27
CA LEU A 28 0.48 -12.01 -4.01
C LEU A 28 1.79 -12.78 -3.73
N LEU A 29 2.43 -12.39 -2.64
CA LEU A 29 3.68 -13.02 -2.26
C LEU A 29 3.39 -14.42 -1.69
N SER A 30 2.65 -14.42 -0.59
CA SER A 30 2.29 -15.68 0.07
C SER A 30 1.18 -15.43 1.08
N GLU A 31 0.85 -16.49 1.81
CA GLU A 31 -0.19 -16.41 2.81
C GLU A 31 0.13 -17.34 4.00
N ARG A 32 0.65 -16.74 5.05
CA ARG A 32 1.01 -17.51 6.23
C ARG A 32 0.82 -16.65 7.49
N GLY A 33 0.73 -17.34 8.62
CA GLY A 33 0.54 -16.66 9.90
C GLY A 33 -0.37 -17.47 10.83
N MET A 34 -0.87 -16.79 11.84
CA MET A 34 -1.75 -17.43 12.80
C MET A 34 -2.98 -18.02 12.10
N PRO A 35 -3.63 -18.98 12.81
CA PRO A 35 -4.81 -19.64 12.28
C PRO A 35 -6.03 -18.72 12.35
N ARG A 36 -6.14 -18.02 13.47
CA ARG A 36 -7.24 -17.09 13.68
C ARG A 36 -6.97 -15.76 12.96
N ARG A 37 -5.69 -15.48 12.78
CA ARG A 37 -5.28 -14.26 12.11
C ARG A 37 -4.03 -14.49 11.27
N ARG A 38 -4.24 -15.10 10.11
CA ARG A 38 -3.13 -15.39 9.21
C ARG A 38 -2.49 -14.09 8.72
N GLU A 39 -1.40 -14.25 7.99
CA GLU A 39 -0.69 -13.10 7.45
C GLU A 39 -0.51 -13.25 5.94
N PHE A 40 -1.19 -12.38 5.21
CA PHE A 40 -1.12 -12.40 3.76
C PHE A 40 -0.11 -11.38 3.24
N VAL A 41 0.89 -11.89 2.53
CA VAL A 41 1.92 -11.02 1.98
C VAL A 41 1.50 -10.55 0.59
N MET A 42 1.51 -9.24 0.41
CA MET A 42 1.13 -8.64 -0.85
C MET A 42 2.25 -7.77 -1.41
N GLN A 43 2.33 -7.72 -2.73
CA GLN A 43 3.34 -6.92 -3.39
C GLN A 43 2.70 -5.93 -4.36
N VAL A 44 3.39 -4.83 -4.59
CA VAL A 44 2.89 -3.80 -5.48
C VAL A 44 4.06 -3.26 -6.32
N LYS A 45 3.85 -3.28 -7.64
CA LYS A 45 4.86 -2.80 -8.56
C LYS A 45 4.32 -1.58 -9.31
N VAL A 46 5.03 -0.46 -9.15
CA VAL A 46 4.63 0.77 -9.81
C VAL A 46 5.83 1.35 -10.56
N GLY A 47 5.75 1.28 -11.88
CA GLY A 47 6.81 1.79 -12.73
C GLY A 47 8.14 1.10 -12.41
N ASN A 48 8.99 1.82 -11.69
CA ASN A 48 10.29 1.28 -11.32
C ASN A 48 10.38 1.20 -9.78
N GLU A 49 9.22 1.03 -9.16
CA GLU A 49 9.16 0.94 -7.72
C GLU A 49 8.36 -0.30 -7.31
N VAL A 50 8.68 -0.79 -6.11
CA VAL A 50 8.00 -1.98 -5.60
C VAL A 50 7.74 -1.79 -4.09
N ALA A 51 6.63 -2.35 -3.65
CA ALA A 51 6.26 -2.24 -2.25
C ALA A 51 5.56 -3.54 -1.81
N THR A 52 5.37 -3.67 -0.51
CA THR A 52 4.72 -4.84 0.04
C THR A 52 3.69 -4.44 1.10
N GLY A 53 2.72 -5.31 1.30
CA GLY A 53 1.67 -5.06 2.28
C GLY A 53 1.28 -6.35 3.00
N THR A 54 0.93 -6.20 4.27
CA THR A 54 0.52 -7.33 5.07
C THR A 54 -0.78 -7.03 5.83
N GLY A 55 -1.45 -8.08 6.25
CA GLY A 55 -2.70 -7.95 6.98
C GLY A 55 -3.32 -9.31 7.28
N PRO A 56 -4.57 -9.27 7.81
CA PRO A 56 -5.28 -10.49 8.15
C PRO A 56 -5.79 -11.19 6.89
N ASN A 57 -6.07 -10.39 5.88
CA ASN A 57 -6.57 -10.91 4.61
C ASN A 57 -5.86 -10.20 3.45
N LYS A 58 -5.68 -10.95 2.38
CA LYS A 58 -5.03 -10.40 1.19
C LYS A 58 -5.51 -8.97 0.97
N LYS A 59 -6.82 -8.81 1.01
CA LYS A 59 -7.42 -7.50 0.81
C LYS A 59 -6.60 -6.44 1.55
N ILE A 60 -6.76 -6.42 2.87
CA ILE A 60 -6.04 -5.47 3.69
C ILE A 60 -4.57 -5.47 3.29
N ALA A 61 -3.99 -6.66 3.27
CA ALA A 61 -2.59 -6.81 2.91
C ALA A 61 -2.31 -6.00 1.64
N LYS A 62 -3.29 -6.01 0.75
CA LYS A 62 -3.15 -5.28 -0.51
C LYS A 62 -3.19 -3.77 -0.22
N LYS A 63 -4.07 -3.41 0.69
CA LYS A 63 -4.22 -2.01 1.06
C LYS A 63 -2.93 -1.52 1.74
N ASN A 64 -2.37 -2.39 2.56
CA ASN A 64 -1.14 -2.07 3.27
C ASN A 64 0.01 -1.94 2.26
N ALA A 65 -0.15 -2.66 1.15
CA ALA A 65 0.87 -2.64 0.12
C ALA A 65 0.94 -1.24 -0.50
N ALA A 66 -0.19 -0.78 -0.98
CA ALA A 66 -0.27 0.54 -1.59
C ALA A 66 0.21 1.59 -0.58
N GLU A 67 -0.29 1.47 0.64
CA GLU A 67 0.09 2.40 1.70
C GLU A 67 1.58 2.67 1.65
N ALA A 68 2.36 1.62 1.89
CA ALA A 68 3.80 1.74 1.88
C ALA A 68 4.25 2.41 0.57
N MET A 69 3.83 1.82 -0.53
CA MET A 69 4.17 2.34 -1.84
C MET A 69 4.01 3.86 -1.89
N LEU A 70 2.98 4.34 -1.21
CA LEU A 70 2.71 5.76 -1.16
C LEU A 70 3.68 6.43 -0.19
N LEU A 71 3.73 5.90 1.02
CA LEU A 71 4.60 6.42 2.05
C LEU A 71 6.02 6.54 1.48
N GLN A 72 6.45 5.47 0.82
CA GLN A 72 7.77 5.44 0.23
C GLN A 72 7.88 6.44 -0.92
N LEU A 73 6.88 6.41 -1.78
CA LEU A 73 6.83 7.32 -2.91
C LEU A 73 7.14 8.73 -2.45
N GLY A 74 6.33 9.20 -1.50
CA GLY A 74 6.52 10.53 -0.95
C GLY A 74 5.21 11.34 -1.04
N TYR A 75 4.10 10.65 -0.79
CA TYR A 75 2.80 11.29 -0.85
C TYR A 75 2.24 11.50 0.55
N LYS A 76 2.73 10.69 1.48
CA LYS A 76 2.27 10.78 2.87
C LYS A 76 3.44 10.42 3.80
N ALA A 77 4.63 10.69 3.32
CA ALA A 77 5.84 10.40 4.10
C ALA A 77 6.08 11.54 5.10
N SER A 78 6.23 12.74 4.55
CA SER A 78 6.47 13.91 5.38
C SER A 78 5.53 13.91 6.58
N THR A 79 4.24 13.82 6.28
CA THR A 79 3.22 13.81 7.32
C THR A 79 3.49 12.67 8.30
N SER A 80 3.64 11.48 7.74
CA SER A 80 3.89 10.29 8.55
C SER A 80 4.96 10.59 9.59
N LEU A 81 6.15 10.91 9.09
CA LEU A 81 7.28 11.22 9.95
C LEU A 81 6.86 12.29 10.96
N GLN A 82 6.53 13.46 10.42
CA GLN A 82 6.10 14.57 11.26
C GLN A 82 5.23 14.07 12.41
N ASP A 83 4.11 13.47 12.05
CA ASP A 83 3.17 12.95 13.03
C ASP A 83 3.97 12.28 14.16
N SER A 84 4.81 11.34 13.77
CA SER A 84 5.63 10.62 14.74
C SER A 84 6.52 11.59 15.50
N GLY A 85 7.21 12.44 14.74
CA GLY A 85 8.10 13.42 15.33
C GLY A 85 8.15 14.69 14.48
N PRO A 86 7.34 15.71 14.90
CA PRO A 86 7.29 16.96 14.18
C PRO A 86 8.54 17.80 14.46
N SER A 87 8.80 18.75 13.57
CA SER A 87 9.95 19.62 13.72
C SER A 87 11.23 18.85 13.37
N SER A 88 11.47 17.80 14.12
CA SER A 88 12.65 16.98 13.90
C SER A 88 13.90 17.71 14.40
N GLY A 89 14.17 18.84 13.77
CA GLY A 89 15.33 19.65 14.14
C GLY A 89 16.42 19.55 13.09
N GLY A 1 -13.20 -3.54 -13.41
CA GLY A 1 -14.23 -3.26 -12.43
C GLY A 1 -13.62 -2.68 -11.15
N SER A 2 -14.06 -1.48 -10.81
CA SER A 2 -13.58 -0.82 -9.62
C SER A 2 -14.53 0.29 -9.21
N SER A 3 -14.75 0.41 -7.90
CA SER A 3 -15.63 1.43 -7.37
C SER A 3 -15.18 1.83 -5.97
N GLY A 4 -15.62 3.02 -5.56
CA GLY A 4 -15.27 3.54 -4.26
C GLY A 4 -13.93 4.27 -4.31
N SER A 5 -14.00 5.60 -4.31
CA SER A 5 -12.81 6.41 -4.35
C SER A 5 -12.33 6.71 -2.93
N SER A 6 -11.77 5.70 -2.30
CA SER A 6 -11.27 5.84 -0.94
C SER A 6 -10.42 4.61 -0.57
N GLY A 7 -9.21 4.90 -0.10
CA GLY A 7 -8.30 3.83 0.30
C GLY A 7 -6.92 4.04 -0.32
N PRO A 8 -5.97 3.16 0.09
CA PRO A 8 -4.61 3.23 -0.42
C PRO A 8 -4.53 2.71 -1.86
N ILE A 9 -5.37 1.73 -2.15
CA ILE A 9 -5.40 1.14 -3.48
C ILE A 9 -5.80 2.21 -4.50
N SER A 10 -7.06 2.61 -4.42
CA SER A 10 -7.59 3.63 -5.32
C SER A 10 -6.62 4.80 -5.40
N ARG A 11 -6.24 5.29 -4.23
CA ARG A 11 -5.32 6.43 -4.15
C ARG A 11 -4.10 6.17 -5.03
N LEU A 12 -3.50 5.01 -4.85
CA LEU A 12 -2.34 4.63 -5.63
C LEU A 12 -2.69 4.60 -7.11
N ALA A 13 -3.84 4.01 -7.40
CA ALA A 13 -4.31 3.90 -8.77
C ALA A 13 -4.42 5.31 -9.37
N GLN A 14 -4.94 6.22 -8.56
CA GLN A 14 -5.11 7.60 -9.00
C GLN A 14 -3.75 8.24 -9.28
N ILE A 15 -2.74 7.73 -8.59
CA ILE A 15 -1.39 8.24 -8.76
C ILE A 15 -0.78 7.64 -10.02
N GLN A 16 -1.16 6.41 -10.30
CA GLN A 16 -0.66 5.72 -11.48
C GLN A 16 -1.29 6.29 -12.75
N GLN A 17 -2.52 6.76 -12.59
CA GLN A 17 -3.25 7.34 -13.70
C GLN A 17 -2.90 8.83 -13.86
N ALA A 18 -2.84 9.50 -12.72
CA ALA A 18 -2.52 10.92 -12.71
C ALA A 18 -1.09 11.12 -13.23
N ARG A 19 -0.25 10.14 -12.93
CA ARG A 19 1.14 10.19 -13.35
C ARG A 19 1.25 9.88 -14.85
N LYS A 20 0.20 9.26 -15.36
CA LYS A 20 0.16 8.89 -16.78
C LYS A 20 1.21 7.80 -17.04
N GLU A 21 1.49 7.03 -16.00
CA GLU A 21 2.46 5.96 -16.12
C GLU A 21 1.76 4.64 -16.43
N LYS A 22 1.13 4.08 -15.41
CA LYS A 22 0.42 2.82 -15.56
C LYS A 22 0.01 2.30 -14.18
N GLU A 23 -1.25 1.87 -14.10
CA GLU A 23 -1.77 1.36 -12.85
C GLU A 23 -0.72 0.50 -12.14
N PRO A 24 -0.92 0.34 -10.80
CA PRO A 24 0.01 -0.44 -10.00
C PRO A 24 -0.19 -1.94 -10.25
N ASP A 25 0.91 -2.67 -10.20
CA ASP A 25 0.88 -4.10 -10.42
C ASP A 25 0.91 -4.82 -9.06
N TYR A 26 -0.26 -5.31 -8.66
CA TYR A 26 -0.38 -6.01 -7.39
C TYR A 26 -0.13 -7.50 -7.57
N ILE A 27 0.65 -8.05 -6.65
CA ILE A 27 0.98 -9.47 -6.69
C ILE A 27 0.81 -10.07 -5.30
N LEU A 28 0.83 -11.39 -5.26
CA LEU A 28 0.68 -12.10 -3.99
C LEU A 28 2.01 -12.73 -3.60
N LEU A 29 2.59 -12.20 -2.54
CA LEU A 29 3.86 -12.70 -2.05
C LEU A 29 3.68 -14.12 -1.49
N SER A 30 2.87 -14.20 -0.45
CA SER A 30 2.60 -15.49 0.19
C SER A 30 1.52 -15.32 1.26
N GLU A 31 1.34 -16.38 2.04
CA GLU A 31 0.34 -16.36 3.09
C GLU A 31 0.84 -17.17 4.30
N ARG A 32 0.99 -16.46 5.41
CA ARG A 32 1.45 -17.10 6.64
C ARG A 32 1.34 -16.14 7.81
N GLY A 33 1.02 -16.69 8.97
CA GLY A 33 0.86 -15.90 10.18
C GLY A 33 -0.09 -16.58 11.17
N MET A 34 0.22 -17.83 11.48
CA MET A 34 -0.59 -18.59 12.40
C MET A 34 -2.01 -18.80 11.85
N PRO A 35 -2.66 -19.88 12.35
CA PRO A 35 -4.02 -20.20 11.91
C PRO A 35 -5.03 -19.24 12.53
N ARG A 36 -4.69 -18.73 13.70
CA ARG A 36 -5.56 -17.81 14.41
C ARG A 36 -5.89 -16.61 13.52
N ARG A 37 -4.87 -16.10 12.86
CA ARG A 37 -5.04 -14.95 11.97
C ARG A 37 -3.98 -14.98 10.87
N ARG A 38 -4.18 -15.87 9.92
CA ARG A 38 -3.27 -16.01 8.80
C ARG A 38 -2.96 -14.64 8.20
N GLU A 39 -1.68 -14.28 8.23
CA GLU A 39 -1.26 -12.99 7.69
C GLU A 39 -0.81 -13.16 6.23
N PHE A 40 -1.47 -12.42 5.35
CA PHE A 40 -1.15 -12.48 3.93
C PHE A 40 -0.10 -11.43 3.58
N VAL A 41 0.58 -11.67 2.46
CA VAL A 41 1.60 -10.75 1.99
C VAL A 41 1.29 -10.33 0.55
N MET A 42 1.14 -9.03 0.38
CA MET A 42 0.83 -8.48 -0.93
C MET A 42 1.97 -7.59 -1.43
N GLN A 43 2.15 -7.60 -2.75
CA GLN A 43 3.19 -6.80 -3.36
C GLN A 43 2.59 -5.83 -4.39
N VAL A 44 3.31 -4.75 -4.62
CA VAL A 44 2.87 -3.75 -5.58
C VAL A 44 4.07 -3.23 -6.37
N LYS A 45 3.90 -3.22 -7.68
CA LYS A 45 4.96 -2.76 -8.56
C LYS A 45 4.46 -1.55 -9.36
N VAL A 46 5.17 -0.44 -9.22
CA VAL A 46 4.82 0.78 -9.91
C VAL A 46 6.05 1.35 -10.60
N GLY A 47 6.05 1.27 -11.92
CA GLY A 47 7.16 1.78 -12.71
C GLY A 47 8.46 1.06 -12.34
N ASN A 48 9.31 1.80 -11.62
CA ASN A 48 10.59 1.25 -11.19
C ASN A 48 10.61 1.17 -9.66
N GLU A 49 9.41 1.08 -9.09
CA GLU A 49 9.29 0.99 -7.65
C GLU A 49 8.45 -0.23 -7.26
N VAL A 50 8.67 -0.70 -6.05
CA VAL A 50 7.94 -1.86 -5.55
C VAL A 50 7.67 -1.68 -4.05
N ALA A 51 6.56 -2.24 -3.61
CA ALA A 51 6.17 -2.15 -2.22
C ALA A 51 5.45 -3.44 -1.81
N THR A 52 5.24 -3.58 -0.51
CA THR A 52 4.58 -4.76 0.03
C THR A 52 3.65 -4.36 1.19
N GLY A 53 2.70 -5.24 1.46
CA GLY A 53 1.75 -4.99 2.53
C GLY A 53 1.30 -6.31 3.18
N THR A 54 0.86 -6.20 4.42
CA THR A 54 0.41 -7.37 5.16
C THR A 54 -0.90 -7.06 5.90
N GLY A 55 -1.62 -8.12 6.23
CA GLY A 55 -2.88 -7.98 6.94
C GLY A 55 -3.47 -9.35 7.29
N PRO A 56 -4.73 -9.31 7.80
CA PRO A 56 -5.41 -10.54 8.19
C PRO A 56 -5.91 -11.29 6.94
N ASN A 57 -6.04 -10.55 5.85
CA ASN A 57 -6.51 -11.13 4.61
C ASN A 57 -5.76 -10.48 3.44
N LYS A 58 -5.80 -11.16 2.30
CA LYS A 58 -5.14 -10.66 1.10
C LYS A 58 -5.59 -9.22 0.85
N LYS A 59 -6.90 -9.03 0.88
CA LYS A 59 -7.47 -7.72 0.65
C LYS A 59 -6.62 -6.66 1.36
N ILE A 60 -6.80 -6.60 2.68
CA ILE A 60 -6.06 -5.64 3.48
C ILE A 60 -4.58 -5.68 3.07
N ALA A 61 -4.04 -6.88 3.03
CA ALA A 61 -2.65 -7.05 2.66
C ALA A 61 -2.35 -6.24 1.39
N LYS A 62 -3.36 -6.14 0.55
CA LYS A 62 -3.22 -5.39 -0.69
C LYS A 62 -3.19 -3.90 -0.38
N LYS A 63 -4.13 -3.46 0.43
CA LYS A 63 -4.22 -2.06 0.81
C LYS A 63 -2.90 -1.64 1.46
N ASN A 64 -2.38 -2.54 2.30
CA ASN A 64 -1.13 -2.27 2.99
C ASN A 64 -0.02 -2.08 1.96
N ALA A 65 -0.11 -2.83 0.88
CA ALA A 65 0.88 -2.76 -0.18
C ALA A 65 0.90 -1.34 -0.75
N ALA A 66 -0.28 -0.86 -1.08
CA ALA A 66 -0.41 0.49 -1.64
C ALA A 66 0.18 1.49 -0.66
N GLU A 67 -0.15 1.31 0.61
CA GLU A 67 0.34 2.20 1.65
C GLU A 67 1.85 2.38 1.52
N ALA A 68 2.57 1.29 1.76
CA ALA A 68 4.02 1.31 1.68
C ALA A 68 4.44 2.09 0.43
N MET A 69 4.03 1.57 -0.72
CA MET A 69 4.35 2.21 -1.98
C MET A 69 4.28 3.73 -1.87
N LEU A 70 3.15 4.20 -1.38
CA LEU A 70 2.94 5.62 -1.20
C LEU A 70 3.94 6.17 -0.19
N LEU A 71 3.96 5.53 0.97
CA LEU A 71 4.86 5.94 2.03
C LEU A 71 6.28 6.10 1.46
N GLN A 72 6.68 5.12 0.67
CA GLN A 72 7.99 5.14 0.06
C GLN A 72 8.07 6.24 -0.99
N LEU A 73 7.06 6.28 -1.83
CA LEU A 73 7.00 7.28 -2.89
C LEU A 73 7.36 8.64 -2.31
N GLY A 74 6.61 9.04 -1.30
CA GLY A 74 6.83 10.32 -0.64
C GLY A 74 5.56 11.17 -0.64
N TYR A 75 4.44 10.48 -0.45
CA TYR A 75 3.15 11.16 -0.41
C TYR A 75 2.60 11.21 1.02
N LYS A 76 3.08 10.29 1.84
CA LYS A 76 2.65 10.23 3.22
C LYS A 76 3.82 9.80 4.10
N ALA A 77 5.02 10.10 3.62
CA ALA A 77 6.23 9.75 4.35
C ALA A 77 6.49 10.81 5.42
N SER A 78 6.45 12.06 5.00
CA SER A 78 6.68 13.17 5.91
C SER A 78 5.64 13.16 7.03
N THR A 79 4.38 13.16 6.63
CA THR A 79 3.28 13.16 7.58
C THR A 79 3.46 12.00 8.57
N SER A 80 3.79 10.84 8.02
CA SER A 80 3.99 9.66 8.84
C SER A 80 4.77 10.02 10.10
N LEU A 81 6.02 10.41 9.90
CA LEU A 81 6.88 10.79 11.00
C LEU A 81 6.14 11.78 11.91
N GLN A 82 5.79 12.92 11.32
CA GLN A 82 5.08 13.95 12.07
C GLN A 82 4.05 13.32 13.00
N ASP A 83 3.09 12.63 12.40
CA ASP A 83 2.04 11.98 13.16
C ASP A 83 2.65 11.34 14.41
N SER A 84 3.64 10.49 14.18
CA SER A 84 4.32 9.81 15.27
C SER A 84 4.81 10.83 16.30
N GLY A 85 5.50 11.85 15.79
CA GLY A 85 6.04 12.89 16.64
C GLY A 85 5.12 14.11 16.66
N PRO A 86 5.76 15.30 16.79
CA PRO A 86 5.01 16.54 16.82
C PRO A 86 4.52 16.92 15.42
N SER A 87 3.83 18.05 15.35
CA SER A 87 3.30 18.54 14.08
C SER A 87 3.60 20.02 13.93
N SER A 88 3.13 20.80 14.89
CA SER A 88 3.34 22.23 14.87
C SER A 88 4.83 22.54 15.00
N GLY A 89 5.41 22.11 16.11
CA GLY A 89 6.82 22.33 16.36
C GLY A 89 7.03 23.19 17.60
#